data_7EYL
# 
_entry.id   7EYL 
# 
_audit_conform.dict_name       mmcif_pdbx.dic 
_audit_conform.dict_version    5.380 
_audit_conform.dict_location   http://mmcif.pdb.org/dictionaries/ascii/mmcif_pdbx.dic 
# 
loop_
_database_2.database_id 
_database_2.database_code 
_database_2.pdbx_database_accession 
_database_2.pdbx_DOI 
PDB   7EYL         pdb_00007eyl 10.2210/pdb7eyl/pdb 
WWPDB D_1300022524 ?            ?                   
# 
_pdbx_database_status.status_code                     REL 
_pdbx_database_status.status_code_sf                  REL 
_pdbx_database_status.status_code_mr                  ? 
_pdbx_database_status.entry_id                        7EYL 
_pdbx_database_status.recvd_initial_deposition_date   2021-05-31 
_pdbx_database_status.SG_entry                        N 
_pdbx_database_status.deposit_site                    PDBJ 
_pdbx_database_status.process_site                    PDBJ 
_pdbx_database_status.status_code_cs                  ? 
_pdbx_database_status.status_code_nmr_data            ? 
_pdbx_database_status.methods_development_category    ? 
_pdbx_database_status.pdb_format_compatible           Y 
# 
loop_
_audit_author.name 
_audit_author.pdbx_ordinal 
_audit_author.identifier_ORCID 
'Wen, Y.'  1 ? 
'Wu, B.X.' 2 ? 
# 
_citation.abstract                  ? 
_citation.abstract_id_CAS           ? 
_citation.book_id_ISBN              ? 
_citation.book_publisher            ? 
_citation.book_publisher_city       ? 
_citation.book_title                ? 
_citation.coordinate_linkage        ? 
_citation.country                   US 
_citation.database_id_Medline       ? 
_citation.details                   ? 
_citation.id                        primary 
_citation.journal_abbrev            Proteins 
_citation.journal_id_ASTM           PSFGEY 
_citation.journal_id_CSD            0867 
_citation.journal_id_ISSN           1097-0134 
_citation.journal_full              ? 
_citation.journal_issue             ? 
_citation.journal_volume            90 
_citation.language                  ? 
_citation.page_first                1233 
_citation.page_last                 1241 
_citation.title                     
'Crystal structures of a new class of pyrimidine/purine nucleoside phosphorylase revealed a Cupin fold.' 
_citation.year                      2022 
_citation.database_id_CSD           ? 
_citation.pdbx_database_id_DOI      10.1002/prot.26309 
_citation.pdbx_database_id_PubMed   35094440 
_citation.pdbx_database_id_patent   ? 
_citation.unpublished_flag          ? 
# 
loop_
_citation_author.citation_id 
_citation_author.name 
_citation_author.ordinal 
_citation_author.identifier_ORCID 
primary 'Wen, Y.' 1 ? 
primary 'Li, X.'  2 ? 
primary 'Guo, W.' 3 ? 
primary 'Wu, B.'  4 ? 
# 
_cell.angle_alpha                  90.000 
_cell.angle_alpha_esd              ? 
_cell.angle_beta                   90.000 
_cell.angle_beta_esd               ? 
_cell.angle_gamma                  120.000 
_cell.angle_gamma_esd              ? 
_cell.entry_id                     7EYL 
_cell.details                      ? 
_cell.formula_units_Z              ? 
_cell.length_a                     34.571 
_cell.length_a_esd                 ? 
_cell.length_b                     34.571 
_cell.length_b_esd                 ? 
_cell.length_c                     124.885 
_cell.length_c_esd                 ? 
_cell.volume                       129260.191 
_cell.volume_esd                   ? 
_cell.Z_PDB                        6 
_cell.reciprocal_angle_alpha       ? 
_cell.reciprocal_angle_beta        ? 
_cell.reciprocal_angle_gamma       ? 
_cell.reciprocal_angle_alpha_esd   ? 
_cell.reciprocal_angle_beta_esd    ? 
_cell.reciprocal_angle_gamma_esd   ? 
_cell.reciprocal_length_a          ? 
_cell.reciprocal_length_b          ? 
_cell.reciprocal_length_c          ? 
_cell.reciprocal_length_a_esd      ? 
_cell.reciprocal_length_b_esd      ? 
_cell.reciprocal_length_c_esd      ? 
_cell.pdbx_unique_axis             ? 
# 
_symmetry.entry_id                         7EYL 
_symmetry.cell_setting                     ? 
_symmetry.Int_Tables_number                144 
_symmetry.space_group_name_Hall            'P 31' 
_symmetry.space_group_name_H-M             'P 31' 
_symmetry.pdbx_full_space_group_name_H-M   ? 
# 
loop_
_entity.id 
_entity.type 
_entity.src_method 
_entity.pdbx_description 
_entity.formula_weight 
_entity.pdbx_number_of_molecules 
_entity.pdbx_ec 
_entity.pdbx_mutation 
_entity.pdbx_fragment 
_entity.details 
1 polymer man 'Pyrimidine/purine nucleoside phosphorylase' 10253.500 2   ? ? ? ? 
2 water   nat water                                        18.015    200 ? ? ? ? 
# 
_entity_name_com.entity_id   1 
_entity_name_com.name        
;Adenosine phosphorylase,Cytidine phosphorylase,Guanosine phosphorylase,Inosine phosphorylase,Thymidine phosphorylase,Uridine phosphorylase,Xanthosine phosphorylase
;
# 
_entity_poly.entity_id                      1 
_entity_poly.type                           'polypeptide(L)' 
_entity_poly.nstd_linkage                   no 
_entity_poly.nstd_monomer                   no 
_entity_poly.pdbx_seq_one_letter_code       
;SMLQSNEYFSGKVKSIGFTSSSTGRASVGVMAEGEYTFGTAEPEEMTVVSGALKVLLPGTVEWKVYTAGEVFNVPGHSEF
HLQVAEPASYLCRYL
;
_entity_poly.pdbx_seq_one_letter_code_can   
;SMLQSNEYFSGKVKSIGFTSSSTGRASVGVMAEGEYTFGTAEPEEMTVVSGALKVLLPGTVEWKVYTAGEVFNVPGHSEF
HLQVAEPASYLCRYL
;
_entity_poly.pdbx_strand_id                 A,B 
_entity_poly.pdbx_target_identifier         ? 
# 
loop_
_entity_poly_seq.entity_id 
_entity_poly_seq.num 
_entity_poly_seq.mon_id 
_entity_poly_seq.hetero 
1 1  SER n 
1 2  MET n 
1 3  LEU n 
1 4  GLN n 
1 5  SER n 
1 6  ASN n 
1 7  GLU n 
1 8  TYR n 
1 9  PHE n 
1 10 SER n 
1 11 GLY n 
1 12 LYS n 
1 13 VAL n 
1 14 LYS n 
1 15 SER n 
1 16 ILE n 
1 17 GLY n 
1 18 PHE n 
1 19 THR n 
1 20 SER n 
1 21 SER n 
1 22 SER n 
1 23 THR n 
1 24 GLY n 
1 25 ARG n 
1 26 ALA n 
1 27 SER n 
1 28 VAL n 
1 29 GLY n 
1 30 VAL n 
1 31 MET n 
1 32 ALA n 
1 33 GLU n 
1 34 GLY n 
1 35 GLU n 
1 36 TYR n 
1 37 THR n 
1 38 PHE n 
1 39 GLY n 
1 40 THR n 
1 41 ALA n 
1 42 GLU n 
1 43 PRO n 
1 44 GLU n 
1 45 GLU n 
1 46 MET n 
1 47 THR n 
1 48 VAL n 
1 49 VAL n 
1 50 SER n 
1 51 GLY n 
1 52 ALA n 
1 53 LEU n 
1 54 LYS n 
1 55 VAL n 
1 56 LEU n 
1 57 LEU n 
1 58 PRO n 
1 59 GLY n 
1 60 THR n 
1 61 VAL n 
1 62 GLU n 
1 63 TRP n 
1 64 LYS n 
1 65 VAL n 
1 66 TYR n 
1 67 THR n 
1 68 ALA n 
1 69 GLY n 
1 70 GLU n 
1 71 VAL n 
1 72 PHE n 
1 73 ASN n 
1 74 VAL n 
1 75 PRO n 
1 76 GLY n 
1 77 HIS n 
1 78 SER n 
1 79 GLU n 
1 80 PHE n 
1 81 HIS n 
1 82 LEU n 
1 83 GLN n 
1 84 VAL n 
1 85 ALA n 
1 86 GLU n 
1 87 PRO n 
1 88 ALA n 
1 89 SER n 
1 90 TYR n 
1 91 LEU n 
1 92 CYS n 
1 93 ARG n 
1 94 TYR n 
1 95 LEU n 
# 
_entity_src_gen.entity_id                          1 
_entity_src_gen.pdbx_src_id                        1 
_entity_src_gen.pdbx_alt_source_flag               sample 
_entity_src_gen.pdbx_seq_type                      'Biological sequence' 
_entity_src_gen.pdbx_beg_seq_num                   1 
_entity_src_gen.pdbx_end_seq_num                   95 
_entity_src_gen.gene_src_common_name               'Salmonella choleraesuis' 
_entity_src_gen.gene_src_genus                     ? 
_entity_src_gen.pdbx_gene_src_gene                 ppnP 
_entity_src_gen.gene_src_species                   ? 
_entity_src_gen.gene_src_strain                    ? 
_entity_src_gen.gene_src_tissue                    ? 
_entity_src_gen.gene_src_tissue_fraction           ? 
_entity_src_gen.gene_src_details                   ? 
_entity_src_gen.pdbx_gene_src_fragment             ? 
_entity_src_gen.pdbx_gene_src_scientific_name      'Salmonella enterica' 
_entity_src_gen.pdbx_gene_src_ncbi_taxonomy_id     28901 
_entity_src_gen.pdbx_gene_src_variant              ? 
_entity_src_gen.pdbx_gene_src_cell_line            ? 
_entity_src_gen.pdbx_gene_src_atcc                 ? 
_entity_src_gen.pdbx_gene_src_organ                ? 
_entity_src_gen.pdbx_gene_src_organelle            ? 
_entity_src_gen.pdbx_gene_src_cell                 ? 
_entity_src_gen.pdbx_gene_src_cellular_location    ? 
_entity_src_gen.host_org_common_name               ? 
_entity_src_gen.pdbx_host_org_scientific_name      'Escherichia coli' 
_entity_src_gen.pdbx_host_org_ncbi_taxonomy_id     562 
_entity_src_gen.host_org_genus                     ? 
_entity_src_gen.pdbx_host_org_gene                 ? 
_entity_src_gen.pdbx_host_org_organ                ? 
_entity_src_gen.host_org_species                   ? 
_entity_src_gen.pdbx_host_org_tissue               ? 
_entity_src_gen.pdbx_host_org_tissue_fraction      ? 
_entity_src_gen.pdbx_host_org_strain               ? 
_entity_src_gen.pdbx_host_org_variant              ? 
_entity_src_gen.pdbx_host_org_cell_line            ? 
_entity_src_gen.pdbx_host_org_atcc                 ? 
_entity_src_gen.pdbx_host_org_culture_collection   ? 
_entity_src_gen.pdbx_host_org_cell                 ? 
_entity_src_gen.pdbx_host_org_organelle            ? 
_entity_src_gen.pdbx_host_org_cellular_location    ? 
_entity_src_gen.pdbx_host_org_vector_type          ? 
_entity_src_gen.pdbx_host_org_vector               ? 
_entity_src_gen.host_org_details                   ? 
_entity_src_gen.expression_system_id               ? 
_entity_src_gen.plasmid_name                       ? 
_entity_src_gen.plasmid_details                    ? 
_entity_src_gen.pdbx_description                   ? 
# 
_struct_ref.id                         1 
_struct_ref.db_name                    UNP 
_struct_ref.db_code                    A0A0W4AVI3_SALER 
_struct_ref.pdbx_db_accession          A0A0W4AVI3 
_struct_ref.pdbx_db_isoform            ? 
_struct_ref.entity_id                  1 
_struct_ref.pdbx_seq_one_letter_code   
;MLQSNEYFSGKVKSIGFTSSSTGRASVGVMAEGEYTFGTAEPEEMTVVSGALKVLLPGTVEWKVYTAGEVFNVPGHSEFH
LQVAEPASYLCRYL
;
_struct_ref.pdbx_align_begin           1 
# 
loop_
_struct_ref_seq.align_id 
_struct_ref_seq.ref_id 
_struct_ref_seq.pdbx_PDB_id_code 
_struct_ref_seq.pdbx_strand_id 
_struct_ref_seq.seq_align_beg 
_struct_ref_seq.pdbx_seq_align_beg_ins_code 
_struct_ref_seq.seq_align_end 
_struct_ref_seq.pdbx_seq_align_end_ins_code 
_struct_ref_seq.pdbx_db_accession 
_struct_ref_seq.db_align_beg 
_struct_ref_seq.pdbx_db_align_beg_ins_code 
_struct_ref_seq.db_align_end 
_struct_ref_seq.pdbx_db_align_end_ins_code 
_struct_ref_seq.pdbx_auth_seq_align_beg 
_struct_ref_seq.pdbx_auth_seq_align_end 
1 1 7EYL A 2 ? 95 ? A0A0W4AVI3 1 ? 94 ? 1 94 
2 1 7EYL B 2 ? 95 ? A0A0W4AVI3 1 ? 94 ? 1 94 
# 
loop_
_struct_ref_seq_dif.align_id 
_struct_ref_seq_dif.pdbx_pdb_id_code 
_struct_ref_seq_dif.mon_id 
_struct_ref_seq_dif.pdbx_pdb_strand_id 
_struct_ref_seq_dif.seq_num 
_struct_ref_seq_dif.pdbx_pdb_ins_code 
_struct_ref_seq_dif.pdbx_seq_db_name 
_struct_ref_seq_dif.pdbx_seq_db_accession_code 
_struct_ref_seq_dif.db_mon_id 
_struct_ref_seq_dif.pdbx_seq_db_seq_num 
_struct_ref_seq_dif.details 
_struct_ref_seq_dif.pdbx_auth_seq_num 
_struct_ref_seq_dif.pdbx_ordinal 
1 7EYL SER A 1 ? UNP A0A0W4AVI3 ? ? 'expression tag' 0 1 
2 7EYL SER B 1 ? UNP A0A0W4AVI3 ? ? 'expression tag' 0 2 
# 
loop_
_chem_comp.id 
_chem_comp.type 
_chem_comp.mon_nstd_flag 
_chem_comp.name 
_chem_comp.pdbx_synonyms 
_chem_comp.formula 
_chem_comp.formula_weight 
ALA 'L-peptide linking' y ALANINE         ? 'C3 H7 N O2'     89.093  
ARG 'L-peptide linking' y ARGININE        ? 'C6 H15 N4 O2 1' 175.209 
ASN 'L-peptide linking' y ASPARAGINE      ? 'C4 H8 N2 O3'    132.118 
CYS 'L-peptide linking' y CYSTEINE        ? 'C3 H7 N O2 S'   121.158 
GLN 'L-peptide linking' y GLUTAMINE       ? 'C5 H10 N2 O3'   146.144 
GLU 'L-peptide linking' y 'GLUTAMIC ACID' ? 'C5 H9 N O4'     147.129 
GLY 'peptide linking'   y GLYCINE         ? 'C2 H5 N O2'     75.067  
HIS 'L-peptide linking' y HISTIDINE       ? 'C6 H10 N3 O2 1' 156.162 
HOH non-polymer         . WATER           ? 'H2 O'           18.015  
ILE 'L-peptide linking' y ISOLEUCINE      ? 'C6 H13 N O2'    131.173 
LEU 'L-peptide linking' y LEUCINE         ? 'C6 H13 N O2'    131.173 
LYS 'L-peptide linking' y LYSINE          ? 'C6 H15 N2 O2 1' 147.195 
MET 'L-peptide linking' y METHIONINE      ? 'C5 H11 N O2 S'  149.211 
PHE 'L-peptide linking' y PHENYLALANINE   ? 'C9 H11 N O2'    165.189 
PRO 'L-peptide linking' y PROLINE         ? 'C5 H9 N O2'     115.130 
SER 'L-peptide linking' y SERINE          ? 'C3 H7 N O3'     105.093 
THR 'L-peptide linking' y THREONINE       ? 'C4 H9 N O3'     119.119 
TRP 'L-peptide linking' y TRYPTOPHAN      ? 'C11 H12 N2 O2'  204.225 
TYR 'L-peptide linking' y TYROSINE        ? 'C9 H11 N O3'    181.189 
VAL 'L-peptide linking' y VALINE          ? 'C5 H11 N O2'    117.146 
# 
_exptl.absorpt_coefficient_mu     ? 
_exptl.absorpt_correction_T_max   ? 
_exptl.absorpt_correction_T_min   ? 
_exptl.absorpt_correction_type    ? 
_exptl.absorpt_process_details    ? 
_exptl.entry_id                   7EYL 
_exptl.crystals_number            1 
_exptl.details                    ? 
_exptl.method                     'X-RAY DIFFRACTION' 
_exptl.method_details             ? 
# 
_exptl_crystal.colour                      ? 
_exptl_crystal.density_diffrn              ? 
_exptl_crystal.density_Matthews            2.10 
_exptl_crystal.density_method              ? 
_exptl_crystal.density_percent_sol         41.46 
_exptl_crystal.description                 ? 
_exptl_crystal.F_000                       ? 
_exptl_crystal.id                          1 
_exptl_crystal.preparation                 ? 
_exptl_crystal.size_max                    ? 
_exptl_crystal.size_mid                    ? 
_exptl_crystal.size_min                    ? 
_exptl_crystal.size_rad                    ? 
_exptl_crystal.colour_lustre               ? 
_exptl_crystal.colour_modifier             ? 
_exptl_crystal.colour_primary              ? 
_exptl_crystal.density_meas                ? 
_exptl_crystal.density_meas_esd            ? 
_exptl_crystal.density_meas_gt             ? 
_exptl_crystal.density_meas_lt             ? 
_exptl_crystal.density_meas_temp           ? 
_exptl_crystal.density_meas_temp_esd       ? 
_exptl_crystal.density_meas_temp_gt        ? 
_exptl_crystal.density_meas_temp_lt        ? 
_exptl_crystal.pdbx_crystal_image_url      ? 
_exptl_crystal.pdbx_crystal_image_format   ? 
_exptl_crystal.pdbx_mosaicity              ? 
_exptl_crystal.pdbx_mosaicity_esd          ? 
# 
_exptl_crystal_grow.apparatus       ? 
_exptl_crystal_grow.atmosphere      ? 
_exptl_crystal_grow.crystal_id      1 
_exptl_crystal_grow.details         ? 
_exptl_crystal_grow.method          'VAPOR DIFFUSION, SITTING DROP' 
_exptl_crystal_grow.method_ref      ? 
_exptl_crystal_grow.pH              ? 
_exptl_crystal_grow.pressure        ? 
_exptl_crystal_grow.pressure_esd    ? 
_exptl_crystal_grow.seeding         ? 
_exptl_crystal_grow.seeding_ref     ? 
_exptl_crystal_grow.temp            293 
_exptl_crystal_grow.temp_details    ? 
_exptl_crystal_grow.temp_esd        ? 
_exptl_crystal_grow.time            ? 
_exptl_crystal_grow.pdbx_details    '0.2 M Lithium sulfate monohydrate, 0.1 M Tris pH 8.5, 25% w/v Polyethylene glycol 3,350' 
_exptl_crystal_grow.pdbx_pH_range   ? 
# 
_diffrn.ambient_environment              ? 
_diffrn.ambient_temp                     100 
_diffrn.ambient_temp_details             ? 
_diffrn.ambient_temp_esd                 ? 
_diffrn.crystal_id                       1 
_diffrn.crystal_support                  ? 
_diffrn.crystal_treatment                ? 
_diffrn.details                          ? 
_diffrn.id                               1 
_diffrn.ambient_pressure                 ? 
_diffrn.ambient_pressure_esd             ? 
_diffrn.ambient_pressure_gt              ? 
_diffrn.ambient_pressure_lt              ? 
_diffrn.ambient_temp_gt                  ? 
_diffrn.ambient_temp_lt                  ? 
_diffrn.pdbx_serial_crystal_experiment   N 
# 
_diffrn_detector.details                      ? 
_diffrn_detector.detector                     PIXEL 
_diffrn_detector.diffrn_id                    1 
_diffrn_detector.type                         'DECTRIS PILATUS 6M' 
_diffrn_detector.area_resol_mean              ? 
_diffrn_detector.dtime                        ? 
_diffrn_detector.pdbx_frames_total            ? 
_diffrn_detector.pdbx_collection_time_total   ? 
_diffrn_detector.pdbx_collection_date         2021-05-27 
_diffrn_detector.pdbx_frequency               ? 
# 
_diffrn_radiation.collimation                      ? 
_diffrn_radiation.diffrn_id                        1 
_diffrn_radiation.filter_edge                      ? 
_diffrn_radiation.inhomogeneity                    ? 
_diffrn_radiation.monochromator                    ? 
_diffrn_radiation.polarisn_norm                    ? 
_diffrn_radiation.polarisn_ratio                   ? 
_diffrn_radiation.probe                            ? 
_diffrn_radiation.type                             ? 
_diffrn_radiation.xray_symbol                      ? 
_diffrn_radiation.wavelength_id                    1 
_diffrn_radiation.pdbx_monochromatic_or_laue_m_l   M 
_diffrn_radiation.pdbx_wavelength_list             ? 
_diffrn_radiation.pdbx_wavelength                  ? 
_diffrn_radiation.pdbx_diffrn_protocol             'SINGLE WAVELENGTH' 
_diffrn_radiation.pdbx_analyzer                    ? 
_diffrn_radiation.pdbx_scattering_type             x-ray 
# 
_diffrn_radiation_wavelength.id           1 
_diffrn_radiation_wavelength.wavelength   0.97915 
_diffrn_radiation_wavelength.wt           1.0 
# 
_diffrn_source.current                     ? 
_diffrn_source.details                     ? 
_diffrn_source.diffrn_id                   1 
_diffrn_source.power                       ? 
_diffrn_source.size                        ? 
_diffrn_source.source                      SYNCHROTRON 
_diffrn_source.target                      ? 
_diffrn_source.type                        'SSRF BEAMLINE BL18U1' 
_diffrn_source.voltage                     ? 
_diffrn_source.take-off_angle              ? 
_diffrn_source.pdbx_wavelength_list        0.97915 
_diffrn_source.pdbx_wavelength             ? 
_diffrn_source.pdbx_synchrotron_beamline   BL18U1 
_diffrn_source.pdbx_synchrotron_site       SSRF 
# 
_reflns.B_iso_Wilson_estimate                          ? 
_reflns.entry_id                                       7EYL 
_reflns.data_reduction_details                         ? 
_reflns.data_reduction_method                          ? 
_reflns.d_resolution_high                              1.2 
_reflns.d_resolution_low                               50 
_reflns.details                                        ? 
_reflns.limit_h_max                                    ? 
_reflns.limit_h_min                                    ? 
_reflns.limit_k_max                                    ? 
_reflns.limit_k_min                                    ? 
_reflns.limit_l_max                                    ? 
_reflns.limit_l_min                                    ? 
_reflns.number_all                                     ? 
_reflns.number_obs                                     51977 
_reflns.observed_criterion                             ? 
_reflns.observed_criterion_F_max                       ? 
_reflns.observed_criterion_F_min                       ? 
_reflns.observed_criterion_I_max                       ? 
_reflns.observed_criterion_I_min                       ? 
_reflns.observed_criterion_sigma_F                     ? 
_reflns.observed_criterion_sigma_I                     ? 
_reflns.percent_possible_obs                           99.7 
_reflns.R_free_details                                 ? 
_reflns.Rmerge_F_all                                   ? 
_reflns.Rmerge_F_obs                                   ? 
_reflns.Friedel_coverage                               ? 
_reflns.number_gt                                      ? 
_reflns.threshold_expression                           ? 
_reflns.pdbx_redundancy                                4.3 
_reflns.pdbx_Rmerge_I_obs                              0.070 
_reflns.pdbx_Rmerge_I_all                              ? 
_reflns.pdbx_Rsym_value                                ? 
_reflns.pdbx_netI_over_av_sigmaI                       ? 
_reflns.pdbx_netI_over_sigmaI                          7.824 
_reflns.pdbx_res_netI_over_av_sigmaI_2                 ? 
_reflns.pdbx_res_netI_over_sigmaI_2                    ? 
_reflns.pdbx_chi_squared                               ? 
_reflns.pdbx_scaling_rejects                           ? 
_reflns.pdbx_d_res_high_opt                            ? 
_reflns.pdbx_d_res_low_opt                             ? 
_reflns.pdbx_d_res_opt_method                          ? 
_reflns.phase_calculation_details                      ? 
_reflns.pdbx_Rrim_I_all                                0.079 
_reflns.pdbx_Rpim_I_all                                0.037 
_reflns.pdbx_d_opt                                     ? 
_reflns.pdbx_number_measured_all                       ? 
_reflns.pdbx_diffrn_id                                 1 
_reflns.pdbx_ordinal                                   1 
_reflns.pdbx_CC_half                                   0.994 
_reflns.pdbx_CC_star                                   0.999 
_reflns.pdbx_R_split                                   ? 
_reflns.pdbx_aniso_diffraction_limit_axis_1_ortho[1]   ? 
_reflns.pdbx_aniso_diffraction_limit_axis_1_ortho[2]   ? 
_reflns.pdbx_aniso_diffraction_limit_axis_1_ortho[3]   ? 
_reflns.pdbx_aniso_diffraction_limit_axis_2_ortho[1]   ? 
_reflns.pdbx_aniso_diffraction_limit_axis_2_ortho[2]   ? 
_reflns.pdbx_aniso_diffraction_limit_axis_2_ortho[3]   ? 
_reflns.pdbx_aniso_diffraction_limit_axis_3_ortho[1]   ? 
_reflns.pdbx_aniso_diffraction_limit_axis_3_ortho[2]   ? 
_reflns.pdbx_aniso_diffraction_limit_axis_3_ortho[3]   ? 
_reflns.pdbx_aniso_diffraction_limit_1                 ? 
_reflns.pdbx_aniso_diffraction_limit_2                 ? 
_reflns.pdbx_aniso_diffraction_limit_3                 ? 
_reflns.pdbx_aniso_B_tensor_eigenvector_1_ortho[1]     ? 
_reflns.pdbx_aniso_B_tensor_eigenvector_1_ortho[2]     ? 
_reflns.pdbx_aniso_B_tensor_eigenvector_1_ortho[3]     ? 
_reflns.pdbx_aniso_B_tensor_eigenvector_2_ortho[1]     ? 
_reflns.pdbx_aniso_B_tensor_eigenvector_2_ortho[2]     ? 
_reflns.pdbx_aniso_B_tensor_eigenvector_2_ortho[3]     ? 
_reflns.pdbx_aniso_B_tensor_eigenvector_3_ortho[1]     ? 
_reflns.pdbx_aniso_B_tensor_eigenvector_3_ortho[2]     ? 
_reflns.pdbx_aniso_B_tensor_eigenvector_3_ortho[3]     ? 
_reflns.pdbx_aniso_B_tensor_eigenvalue_1               ? 
_reflns.pdbx_aniso_B_tensor_eigenvalue_2               ? 
_reflns.pdbx_aniso_B_tensor_eigenvalue_3               ? 
_reflns.pdbx_orthogonalization_convention              ? 
_reflns.pdbx_percent_possible_ellipsoidal              ? 
_reflns.pdbx_percent_possible_spherical                ? 
_reflns.pdbx_percent_possible_ellipsoidal_anomalous    ? 
_reflns.pdbx_percent_possible_spherical_anomalous      ? 
_reflns.pdbx_redundancy_anomalous                      ? 
_reflns.pdbx_CC_half_anomalous                         ? 
_reflns.pdbx_absDiff_over_sigma_anomalous              ? 
_reflns.pdbx_percent_possible_anomalous                ? 
_reflns.pdbx_observed_signal_threshold                 ? 
_reflns.pdbx_signal_type                               ? 
_reflns.pdbx_signal_details                            ? 
_reflns.pdbx_signal_software_id                        ? 
# 
_reflns_shell.d_res_high                                    1.20 
_reflns_shell.d_res_low                                     1.24 
_reflns_shell.meanI_over_sigI_all                           ? 
_reflns_shell.meanI_over_sigI_obs                           7.824 
_reflns_shell.number_measured_all                           ? 
_reflns_shell.number_measured_obs                           ? 
_reflns_shell.number_possible                               ? 
_reflns_shell.number_unique_all                             ? 
_reflns_shell.number_unique_obs                             5098 
_reflns_shell.percent_possible_all                          98.8 
_reflns_shell.percent_possible_obs                          ? 
_reflns_shell.Rmerge_F_all                                  ? 
_reflns_shell.Rmerge_F_obs                                  ? 
_reflns_shell.Rmerge_I_all                                  ? 
_reflns_shell.Rmerge_I_obs                                  0.198 
_reflns_shell.meanI_over_sigI_gt                            ? 
_reflns_shell.meanI_over_uI_all                             ? 
_reflns_shell.meanI_over_uI_gt                              ? 
_reflns_shell.number_measured_gt                            ? 
_reflns_shell.number_unique_gt                              ? 
_reflns_shell.percent_possible_gt                           ? 
_reflns_shell.Rmerge_F_gt                                   ? 
_reflns_shell.Rmerge_I_gt                                   ? 
_reflns_shell.pdbx_redundancy                               4.2 
_reflns_shell.pdbx_Rsym_value                               ? 
_reflns_shell.pdbx_chi_squared                              ? 
_reflns_shell.pdbx_netI_over_sigmaI_all                     ? 
_reflns_shell.pdbx_netI_over_sigmaI_obs                     ? 
_reflns_shell.pdbx_Rrim_I_all                               0.227 
_reflns_shell.pdbx_Rpim_I_all                               0.110 
_reflns_shell.pdbx_rejects                                  ? 
_reflns_shell.pdbx_ordinal                                  1 
_reflns_shell.pdbx_diffrn_id                                1 
_reflns_shell.pdbx_CC_half                                  0.946 
_reflns_shell.pdbx_CC_star                                  0.986 
_reflns_shell.pdbx_R_split                                  ? 
_reflns_shell.pdbx_percent_possible_ellipsoidal             ? 
_reflns_shell.pdbx_percent_possible_spherical               ? 
_reflns_shell.pdbx_percent_possible_ellipsoidal_anomalous   ? 
_reflns_shell.pdbx_percent_possible_spherical_anomalous     ? 
_reflns_shell.pdbx_redundancy_anomalous                     ? 
_reflns_shell.pdbx_CC_half_anomalous                        ? 
_reflns_shell.pdbx_absDiff_over_sigma_anomalous             ? 
_reflns_shell.pdbx_percent_possible_anomalous               ? 
# 
_refine.aniso_B[1][1]                            ? 
_refine.aniso_B[1][2]                            ? 
_refine.aniso_B[1][3]                            ? 
_refine.aniso_B[2][2]                            ? 
_refine.aniso_B[2][3]                            ? 
_refine.aniso_B[3][3]                            ? 
_refine.B_iso_max                                ? 
_refine.B_iso_mean                               17.69 
_refine.B_iso_min                                ? 
_refine.correlation_coeff_Fo_to_Fc               ? 
_refine.correlation_coeff_Fo_to_Fc_free          ? 
_refine.details                                  ? 
_refine.diff_density_max                         ? 
_refine.diff_density_max_esd                     ? 
_refine.diff_density_min                         ? 
_refine.diff_density_min_esd                     ? 
_refine.diff_density_rms                         ? 
_refine.diff_density_rms_esd                     ? 
_refine.entry_id                                 7EYL 
_refine.pdbx_refine_id                           'X-RAY DIFFRACTION' 
_refine.ls_abs_structure_details                 ? 
_refine.ls_abs_structure_Flack                   ? 
_refine.ls_abs_structure_Flack_esd               ? 
_refine.ls_abs_structure_Rogers                  ? 
_refine.ls_abs_structure_Rogers_esd              ? 
_refine.ls_d_res_high                            1.2 
_refine.ls_d_res_low                             20 
_refine.ls_extinction_coef                       ? 
_refine.ls_extinction_coef_esd                   ? 
_refine.ls_extinction_expression                 ? 
_refine.ls_extinction_method                     ? 
_refine.ls_goodness_of_fit_all                   ? 
_refine.ls_goodness_of_fit_all_esd               ? 
_refine.ls_goodness_of_fit_obs                   ? 
_refine.ls_goodness_of_fit_obs_esd               ? 
_refine.ls_hydrogen_treatment                    ? 
_refine.ls_matrix_type                           ? 
_refine.ls_number_constraints                    ? 
_refine.ls_number_parameters                     ? 
_refine.ls_number_reflns_all                     ? 
_refine.ls_number_reflns_obs                     51507 
_refine.ls_number_reflns_R_free                  2611 
_refine.ls_number_reflns_R_work                  ? 
_refine.ls_number_restraints                     ? 
_refine.ls_percent_reflns_obs                    99 
_refine.ls_percent_reflns_R_free                 5.07 
_refine.ls_R_factor_all                          ? 
_refine.ls_R_factor_obs                          0.1746 
_refine.ls_R_factor_R_free                       0.1893 
_refine.ls_R_factor_R_free_error                 ? 
_refine.ls_R_factor_R_free_error_details         ? 
_refine.ls_R_factor_R_work                       0.1738 
_refine.ls_R_Fsqd_factor_obs                     ? 
_refine.ls_R_I_factor_obs                        ? 
_refine.ls_redundancy_reflns_all                 ? 
_refine.ls_redundancy_reflns_obs                 ? 
_refine.ls_restrained_S_all                      ? 
_refine.ls_restrained_S_obs                      ? 
_refine.ls_shift_over_esd_max                    ? 
_refine.ls_shift_over_esd_mean                   ? 
_refine.ls_structure_factor_coef                 ? 
_refine.ls_weighting_details                     ? 
_refine.ls_weighting_scheme                      ? 
_refine.ls_wR_factor_all                         ? 
_refine.ls_wR_factor_obs                         ? 
_refine.ls_wR_factor_R_free                      ? 
_refine.ls_wR_factor_R_work                      ? 
_refine.occupancy_max                            ? 
_refine.occupancy_min                            ? 
_refine.solvent_model_details                    ? 
_refine.solvent_model_param_bsol                 ? 
_refine.solvent_model_param_ksol                 ? 
_refine.pdbx_R_complete                          ? 
_refine.ls_R_factor_gt                           ? 
_refine.ls_goodness_of_fit_gt                    ? 
_refine.ls_goodness_of_fit_ref                   ? 
_refine.ls_shift_over_su_max                     ? 
_refine.ls_shift_over_su_max_lt                  ? 
_refine.ls_shift_over_su_mean                    ? 
_refine.ls_shift_over_su_mean_lt                 ? 
_refine.pdbx_ls_sigma_I                          ? 
_refine.pdbx_ls_sigma_F                          ? 
_refine.pdbx_ls_sigma_Fsqd                       ? 
_refine.pdbx_data_cutoff_high_absF               ? 
_refine.pdbx_data_cutoff_high_rms_absF           ? 
_refine.pdbx_data_cutoff_low_absF                ? 
_refine.pdbx_isotropic_thermal_model             ? 
_refine.pdbx_ls_cross_valid_method               'FREE R-VALUE' 
_refine.pdbx_method_to_determine_struct          'MOLECULAR REPLACEMENT' 
_refine.pdbx_starting_model                      7EYJ 
_refine.pdbx_stereochemistry_target_values       'GeoStd + Monomer Library + CDL v1.2' 
_refine.pdbx_R_Free_selection_details            ? 
_refine.pdbx_stereochem_target_val_spec_case     ? 
_refine.pdbx_overall_ESU_R                       ? 
_refine.pdbx_overall_ESU_R_Free                  ? 
_refine.pdbx_solvent_vdw_probe_radii             ? 
_refine.pdbx_solvent_ion_probe_radii             ? 
_refine.pdbx_solvent_shrinkage_radii             ? 
_refine.pdbx_real_space_R                        ? 
_refine.pdbx_density_correlation                 ? 
_refine.pdbx_pd_number_of_powder_patterns        ? 
_refine.pdbx_pd_number_of_points                 ? 
_refine.pdbx_pd_meas_number_of_points            ? 
_refine.pdbx_pd_proc_ls_prof_R_factor            ? 
_refine.pdbx_pd_proc_ls_prof_wR_factor           ? 
_refine.pdbx_pd_Marquardt_correlation_coeff      ? 
_refine.pdbx_pd_Fsqrd_R_factor                   ? 
_refine.pdbx_pd_ls_matrix_band_width             ? 
_refine.pdbx_overall_phase_error                 ? 
_refine.pdbx_overall_SU_R_free_Cruickshank_DPI   ? 
_refine.pdbx_overall_SU_R_free_Blow_DPI          ? 
_refine.pdbx_overall_SU_R_Blow_DPI               ? 
_refine.pdbx_TLS_residual_ADP_flag               ? 
_refine.pdbx_diffrn_id                           1 
_refine.overall_SU_B                             ? 
_refine.overall_SU_ML                            ? 
_refine.overall_SU_R_Cruickshank_DPI             ? 
_refine.overall_SU_R_free                        ? 
_refine.overall_FOM_free_R_set                   ? 
_refine.overall_FOM_work_R_set                   ? 
_refine.pdbx_average_fsc_overall                 ? 
_refine.pdbx_average_fsc_work                    ? 
_refine.pdbx_average_fsc_free                    ? 
# 
_refine_hist.pdbx_refine_id                   'X-RAY DIFFRACTION' 
_refine_hist.cycle_id                         LAST 
_refine_hist.pdbx_number_atoms_protein        1442 
_refine_hist.pdbx_number_atoms_nucleic_acid   0 
_refine_hist.pdbx_number_atoms_ligand         0 
_refine_hist.number_atoms_solvent             200 
_refine_hist.number_atoms_total               1642 
_refine_hist.d_res_high                       1.2 
_refine_hist.d_res_low                        20 
# 
loop_
_refine_ls_restr.pdbx_refine_id 
_refine_ls_restr.criterion 
_refine_ls_restr.dev_ideal 
_refine_ls_restr.dev_ideal_target 
_refine_ls_restr.number 
_refine_ls_restr.rejects 
_refine_ls_restr.type 
_refine_ls_restr.weight 
_refine_ls_restr.pdbx_restraint_function 
'X-RAY DIFFRACTION' ? 0.0044  ? 1484 ? f_bond_d           ? ? 
'X-RAY DIFFRACTION' ? 0.8406  ? 2015 ? f_angle_d          ? ? 
'X-RAY DIFFRACTION' ? 0.0829  ? 224  ? f_chiral_restr     ? ? 
'X-RAY DIFFRACTION' ? 0.0057  ? 258  ? f_plane_restr      ? ? 
'X-RAY DIFFRACTION' ? 16.3242 ? 863  ? f_dihedral_angle_d ? ? 
# 
_struct.entry_id                     7EYL 
_struct.title                        'Crystal structure of Salmonella enterica ppnP' 
_struct.pdbx_model_details           ? 
_struct.pdbx_formula_weight          ? 
_struct.pdbx_formula_weight_method   ? 
_struct.pdbx_model_type_details      ? 
_struct.pdbx_CASP_flag               N 
# 
_struct_keywords.entry_id        7EYL 
_struct_keywords.text            'Pyrimidine, purine, nucleoside phosphorylase, HYDROLASE' 
_struct_keywords.pdbx_keywords   HYDROLASE 
# 
loop_
_struct_asym.id 
_struct_asym.pdbx_blank_PDB_chainid_flag 
_struct_asym.pdbx_modified 
_struct_asym.entity_id 
_struct_asym.details 
A N N 1 ? 
B N N 1 ? 
C N N 2 ? 
D N N 2 ? 
# 
loop_
_struct_conf.conf_type_id 
_struct_conf.id 
_struct_conf.pdbx_PDB_helix_id 
_struct_conf.beg_label_comp_id 
_struct_conf.beg_label_asym_id 
_struct_conf.beg_label_seq_id 
_struct_conf.pdbx_beg_PDB_ins_code 
_struct_conf.end_label_comp_id 
_struct_conf.end_label_asym_id 
_struct_conf.end_label_seq_id 
_struct_conf.pdbx_end_PDB_ins_code 
_struct_conf.beg_auth_comp_id 
_struct_conf.beg_auth_asym_id 
_struct_conf.beg_auth_seq_id 
_struct_conf.end_auth_comp_id 
_struct_conf.end_auth_asym_id 
_struct_conf.end_auth_seq_id 
_struct_conf.pdbx_PDB_helix_class 
_struct_conf.details 
_struct_conf.pdbx_PDB_helix_length 
HELX_P HELX_P1 AA1 PHE A 9 ? GLY A 11 ? PHE A 8 GLY A 10 5 ? 3 
HELX_P HELX_P2 AA2 PHE B 9 ? GLY B 11 ? PHE B 8 GLY B 10 5 ? 3 
# 
_struct_conf_type.id          HELX_P 
_struct_conf_type.criteria    ? 
_struct_conf_type.reference   ? 
# 
loop_
_struct_sheet.id 
_struct_sheet.type 
_struct_sheet.number_strands 
_struct_sheet.details 
AA1 ? 6 ? 
AA2 ? 4 ? 
AA3 ? 6 ? 
AA4 ? 4 ? 
# 
loop_
_struct_sheet_order.sheet_id 
_struct_sheet_order.range_id_1 
_struct_sheet_order.range_id_2 
_struct_sheet_order.offset 
_struct_sheet_order.sense 
AA1 1 2 ? anti-parallel 
AA1 2 3 ? anti-parallel 
AA1 3 4 ? anti-parallel 
AA1 4 5 ? anti-parallel 
AA1 5 6 ? anti-parallel 
AA2 1 2 ? anti-parallel 
AA2 2 3 ? anti-parallel 
AA2 3 4 ? anti-parallel 
AA3 1 2 ? anti-parallel 
AA3 2 3 ? anti-parallel 
AA3 3 4 ? anti-parallel 
AA3 4 5 ? anti-parallel 
AA3 5 6 ? anti-parallel 
AA4 1 2 ? anti-parallel 
AA4 2 3 ? anti-parallel 
AA4 3 4 ? anti-parallel 
# 
loop_
_struct_sheet_range.sheet_id 
_struct_sheet_range.id 
_struct_sheet_range.beg_label_comp_id 
_struct_sheet_range.beg_label_asym_id 
_struct_sheet_range.beg_label_seq_id 
_struct_sheet_range.pdbx_beg_PDB_ins_code 
_struct_sheet_range.end_label_comp_id 
_struct_sheet_range.end_label_asym_id 
_struct_sheet_range.end_label_seq_id 
_struct_sheet_range.pdbx_end_PDB_ins_code 
_struct_sheet_range.beg_auth_comp_id 
_struct_sheet_range.beg_auth_asym_id 
_struct_sheet_range.beg_auth_seq_id 
_struct_sheet_range.end_auth_comp_id 
_struct_sheet_range.end_auth_asym_id 
_struct_sheet_range.end_auth_seq_id 
AA1 1 GLN A 4  ? TYR A 8  ? GLN A 3  TYR A 7  
AA1 2 VAL A 13 ? SER A 20 ? VAL A 12 SER A 19 
AA1 3 GLY A 24 ? MET A 31 ? GLY A 23 MET A 30 
AA1 4 ALA A 88 ? TYR A 94 ? ALA A 87 TYR A 93 
AA1 5 GLU A 44 ? SER A 50 ? GLU A 43 SER A 49 
AA1 6 VAL A 71 ? VAL A 74 ? VAL A 70 VAL A 73 
AA2 1 GLY A 34 ? THR A 40 ? GLY A 33 THR A 39 
AA2 2 SER A 78 ? VAL A 84 ? SER A 77 VAL A 83 
AA2 3 ALA A 52 ? LEU A 56 ? ALA A 51 LEU A 55 
AA2 4 LYS A 64 ? THR A 67 ? LYS A 63 THR A 66 
AA3 1 GLN B 4  ? TYR B 8  ? GLN B 3  TYR B 7  
AA3 2 VAL B 13 ? SER B 20 ? VAL B 12 SER B 19 
AA3 3 GLY B 24 ? MET B 31 ? GLY B 23 MET B 30 
AA3 4 ALA B 88 ? TYR B 94 ? ALA B 87 TYR B 93 
AA3 5 GLU B 44 ? SER B 50 ? GLU B 43 SER B 49 
AA3 6 VAL B 71 ? VAL B 74 ? VAL B 70 VAL B 73 
AA4 1 GLY B 34 ? THR B 40 ? GLY B 33 THR B 39 
AA4 2 SER B 78 ? VAL B 84 ? SER B 77 VAL B 83 
AA4 3 ALA B 52 ? LEU B 56 ? ALA B 51 LEU B 55 
AA4 4 LYS B 64 ? THR B 67 ? LYS B 63 THR B 66 
# 
loop_
_pdbx_struct_sheet_hbond.sheet_id 
_pdbx_struct_sheet_hbond.range_id_1 
_pdbx_struct_sheet_hbond.range_id_2 
_pdbx_struct_sheet_hbond.range_1_label_atom_id 
_pdbx_struct_sheet_hbond.range_1_label_comp_id 
_pdbx_struct_sheet_hbond.range_1_label_asym_id 
_pdbx_struct_sheet_hbond.range_1_label_seq_id 
_pdbx_struct_sheet_hbond.range_1_PDB_ins_code 
_pdbx_struct_sheet_hbond.range_1_auth_atom_id 
_pdbx_struct_sheet_hbond.range_1_auth_comp_id 
_pdbx_struct_sheet_hbond.range_1_auth_asym_id 
_pdbx_struct_sheet_hbond.range_1_auth_seq_id 
_pdbx_struct_sheet_hbond.range_2_label_atom_id 
_pdbx_struct_sheet_hbond.range_2_label_comp_id 
_pdbx_struct_sheet_hbond.range_2_label_asym_id 
_pdbx_struct_sheet_hbond.range_2_label_seq_id 
_pdbx_struct_sheet_hbond.range_2_PDB_ins_code 
_pdbx_struct_sheet_hbond.range_2_auth_atom_id 
_pdbx_struct_sheet_hbond.range_2_auth_comp_id 
_pdbx_struct_sheet_hbond.range_2_auth_asym_id 
_pdbx_struct_sheet_hbond.range_2_auth_seq_id 
AA1 1 2 N GLN A 4  ? N GLN A 3  O GLY A 17 ? O GLY A 16 
AA1 2 3 N PHE A 18 ? N PHE A 17 O ALA A 26 ? O ALA A 25 
AA1 3 4 N SER A 27 ? N SER A 26 O CYS A 92 ? O CYS A 91 
AA1 4 5 O LEU A 91 ? O LEU A 90 N THR A 47 ? N THR A 46 
AA1 5 6 N MET A 46 ? N MET A 45 O PHE A 72 ? O PHE A 71 
AA2 1 2 N TYR A 36 ? N TYR A 35 O LEU A 82 ? O LEU A 81 
AA2 2 3 O GLN A 83 ? O GLN A 82 N LYS A 54 ? N LYS A 53 
AA2 3 4 N VAL A 55 ? N VAL A 54 O LYS A 64 ? O LYS A 63 
AA3 1 2 N GLN B 4  ? N GLN B 3  O GLY B 17 ? O GLY B 16 
AA3 2 3 N PHE B 18 ? N PHE B 17 O ALA B 26 ? O ALA B 25 
AA3 3 4 N SER B 27 ? N SER B 26 O CYS B 92 ? O CYS B 91 
AA3 4 5 O LEU B 91 ? O LEU B 90 N THR B 47 ? N THR B 46 
AA3 5 6 N MET B 46 ? N MET B 45 O PHE B 72 ? O PHE B 71 
AA4 1 2 N TYR B 36 ? N TYR B 35 O LEU B 82 ? O LEU B 81 
AA4 2 3 O GLN B 83 ? O GLN B 82 N LYS B 54 ? N LYS B 53 
AA4 3 4 N VAL B 55 ? N VAL B 54 O LYS B 64 ? O LYS B 63 
# 
_atom_sites.entry_id                    7EYL 
_atom_sites.Cartn_transf_matrix[1][1]   ? 
_atom_sites.Cartn_transf_matrix[1][2]   ? 
_atom_sites.Cartn_transf_matrix[1][3]   ? 
_atom_sites.Cartn_transf_matrix[2][1]   ? 
_atom_sites.Cartn_transf_matrix[2][2]   ? 
_atom_sites.Cartn_transf_matrix[2][3]   ? 
_atom_sites.Cartn_transf_matrix[3][1]   ? 
_atom_sites.Cartn_transf_matrix[3][2]   ? 
_atom_sites.Cartn_transf_matrix[3][3]   ? 
_atom_sites.Cartn_transf_vector[1]      ? 
_atom_sites.Cartn_transf_vector[2]      ? 
_atom_sites.Cartn_transf_vector[3]      ? 
_atom_sites.fract_transf_matrix[1][1]   -0.02595986 
_atom_sites.fract_transf_matrix[1][2]   0.01433171 
_atom_sites.fract_transf_matrix[1][3]   -0.01537178 
_atom_sites.fract_transf_matrix[2][1]   -0.02224176 
_atom_sites.fract_transf_matrix[2][2]   -0.01884891 
_atom_sites.fract_transf_matrix[2][3]   -0.01629877 
_atom_sites.fract_transf_matrix[3][1]   -0.00433708 
_atom_sites.fract_transf_matrix[3][2]   -0.00067309 
_atom_sites.fract_transf_matrix[3][3]   0.00669692 
_atom_sites.fract_transf_vector[1]      -0.002706 
_atom_sites.fract_transf_vector[2]      0.333047 
_atom_sites.fract_transf_vector[3]      0.242268 
_atom_sites.solution_primary            ? 
_atom_sites.solution_secondary          ? 
_atom_sites.solution_hydrogens          ? 
_atom_sites.special_details             ? 
# 
loop_
_atom_type.symbol 
C 
N 
O 
S 
# 
loop_
_atom_site.group_PDB 
_atom_site.id 
_atom_site.type_symbol 
_atom_site.label_atom_id 
_atom_site.label_alt_id 
_atom_site.label_comp_id 
_atom_site.label_asym_id 
_atom_site.label_entity_id 
_atom_site.label_seq_id 
_atom_site.pdbx_PDB_ins_code 
_atom_site.Cartn_x 
_atom_site.Cartn_y 
_atom_site.Cartn_z 
_atom_site.occupancy 
_atom_site.B_iso_or_equiv 
_atom_site.pdbx_formal_charge 
_atom_site.auth_seq_id 
_atom_site.auth_comp_id 
_atom_site.auth_asym_id 
_atom_site.auth_atom_id 
_atom_site.pdbx_PDB_model_num 
ATOM   1    N N   . SER A 1 1  ? 6.78111   17.38923  4.35782   1.000 24.43000 ? 0   SER A N   1 
ATOM   2    C CA  . SER A 1 1  ? 6.61509   16.34594  3.34198   1.000 23.98000 ? 0   SER A CA  1 
ATOM   3    C C   . SER A 1 1  ? 5.16639   15.86000  3.19426   1.000 20.95000 ? 0   SER A C   1 
ATOM   4    O O   . SER A 1 1  ? 4.69077   15.00504  3.93854   1.000 22.81000 ? 0   SER A O   1 
ATOM   5    C CB  . SER A 1 1  ? 7.56197   15.17277  3.60534   1.000 29.21000 ? 0   SER A CB  1 
ATOM   6    O OG  . SER A 1 1  ? 8.90881   15.61989  3.66646   1.000 30.61000 ? 0   SER A OG  1 
ATOM   7    N N   . MET A 1 2  ? 4.47095   16.43524  2.22181   1.000 19.35000 ? 1   MET A N   1 
ATOM   8    C CA  . MET A 1 2  ? 3.07277   16.09846  1.98430   1.000 18.64000 ? 1   MET A CA  1 
ATOM   9    C C   . MET A 1 2  ? 2.96246   14.71949  1.33188   1.000 17.11000 ? 1   MET A C   1 
ATOM   10   O O   . MET A 1 2  ? 3.71985   14.41054  0.40561   1.000 18.60000 ? 1   MET A O   1 
ATOM   11   C CB  . MET A 1 2  ? 2.47850   17.15492  1.06118   1.000 19.53000 ? 1   MET A CB  1 
ATOM   12   C CG  . MET A 1 2  ? 0.97294   17.15755  0.97116   1.000 18.64000 ? 1   MET A CG  1 
ATOM   13   S SD  . MET A 1 2  ? 0.40540   18.29353  -0.31403  1.000 22.55000 ? 1   MET A SD  1 
ATOM   14   C CE  . MET A 1 2  ? 0.57542   17.23994  -1.74577  1.000 24.15000 ? 1   MET A CE  1 
ATOM   15   N N   . LEU A 1 3  ? 2.03554   13.87929  1.82244   1.000 16.00000 ? 2   LEU A N   1 
ATOM   16   C CA  . LEU A 1 3  ? 1.66900   12.65129  1.11968   1.000 15.67000 ? 2   LEU A CA  1 
ATOM   17   C C   . LEU A 1 3  ? 0.98108   13.01848  -0.18803  1.000 15.26000 ? 2   LEU A C   1 
ATOM   18   O O   . LEU A 1 3  ? 0.02947   13.80749  -0.19536  1.000 16.43000 ? 2   LEU A O   1 
ATOM   19   C CB  . LEU A 1 3  ? 0.73524   11.80283  1.98160   1.000 15.30000 ? 2   LEU A CB  1 
ATOM   20   C CG  . LEU A 1 3  ? 1.27404   11.34406  3.34256   1.000 16.10000 ? 2   LEU A CG  1 
ATOM   21   C CD1 . LEU A 1 3  ? 0.23800   10.50134  4.07306   1.000 16.41000 ? 2   LEU A CD1 1 
ATOM   22   C CD2 . LEU A 1 3  ? 2.58220   10.57069  3.18542   1.000 18.04000 ? 2   LEU A CD2 1 
ATOM   23   N N   . GLN A 1 4  ? 1.46941   12.46666  -1.29624  1.000 14.63000 ? 3   GLN A N   1 
ATOM   24   C CA  . GLN A 1 4  ? 1.04090   12.86924  -2.63206  1.000 16.14000 ? 3   GLN A CA  1 
ATOM   25   C C   . GLN A 1 4  ? 0.00363   11.89553  -3.18289  1.000 15.98000 ? 3   GLN A C   1 
ATOM   26   O O   . GLN A 1 4  ? 0.32300   10.73461  -3.44426  1.000 16.66000 ? 3   GLN A O   1 
ATOM   27   C CB  . GLN A 1 4  ? 2.25346   12.91638  -3.56254  1.000 17.95000 ? 3   GLN A CB  1 
ATOM   28   C CG  . GLN A 1 4  ? 1.94724   13.38517  -4.97991  1.000 20.39000 ? 3   GLN A CG  1 
ATOM   29   C CD  . GLN A 1 4  ? 3.19785   13.51638  -5.84024  1.000 32.55000 ? 3   GLN A CD  1 
ATOM   30   O OE1 . GLN A 1 4  ? 3.41671   12.72580  -6.75956  1.000 40.01000 ? 3   GLN A OE1 1 
ATOM   31   N NE2 . GLN A 1 4  ? 4.01561   14.51952  -5.55057  1.000 37.12000 ? 3   GLN A NE2 1 
ATOM   32   N N   . SER A 1 5  ? -1.21526  12.37467  -3.41597  1.000 16.73000 ? 4   SER A N   1 
ATOM   33   C CA  . SER A 1 5  ? -2.24348  11.55563  -4.04941  1.000 16.00000 ? 4   SER A CA  1 
ATOM   34   C C   . SER A 1 5  ? -2.05234  11.53912  -5.56171  1.000 16.48000 ? 4   SER A C   1 
ATOM   35   O O   . SER A 1 5  ? -1.90538  12.59438  -6.18545  1.000 19.22000 ? 4   SER A O   1 
ATOM   36   C CB  . SER A 1 5  ? -3.62246  12.12795  -3.73117  1.000 18.21000 ? 4   SER A CB  1 
ATOM   37   O OG  . SER A 1 5  ? -3.85400  12.15495  -2.33366  1.000 19.25000 ? 4   SER A OG  1 
ATOM   38   N N   . ASN A 1 6  ? -2.08620  10.34466  -6.15683  1.000 16.21000 ? 5   ASN A N   1 
ATOM   39   C CA  . ASN A 1 6  ? -1.98739  10.17433  -7.60090  1.000 16.50000 ? 5   ASN A CA  1 
ATOM   40   C C   . ASN A 1 6  ? -3.13381  9.30767   -8.10405  1.000 15.23000 ? 5   ASN A C   1 
ATOM   41   O O   . ASN A 1 6  ? -3.55770  8.36882   -7.42557  1.000 14.90000 ? 5   ASN A O   1 
ATOM   42   C CB  . ASN A 1 6  ? -0.67144  9.47263   -7.99090  1.000 21.09000 ? 5   ASN A CB  1 
ATOM   43   C CG  . ASN A 1 6  ? 0.54360   10.04885  -7.28240  1.000 20.29000 ? 5   ASN A CG  1 
ATOM   44   O OD1 . ASN A 1 6  ? 1.14653   9.40406   -6.41273  1.000 22.93000 ? 5   ASN A OD1 1 
ATOM   45   N ND2 . ASN A 1 6  ? 0.92629   11.25618  -7.67004  1.000 20.95000 ? 5   ASN A ND2 1 
ATOM   46   N N   . GLU A 1 7  ? -3.61613  9.61514   -9.30973  1.000 14.73000 ? 6   GLU A N   1 
ATOM   47   C CA  . GLU A 1 7  ? -4.64196  8.81360   -9.96258  1.000 15.36000 ? 6   GLU A CA  1 
ATOM   48   C C   . GLU A 1 7  ? -4.29692  8.70504   -11.43706 1.000 14.05000 ? 6   GLU A C   1 
ATOM   49   O O   . GLU A 1 7  ? -3.84174  9.67926   -12.04749 1.000 16.35000 ? 6   GLU A O   1 
ATOM   50   C CB  . GLU A 1 7  ? -6.03327  9.45895   -9.85542  1.000 19.43000 ? 6   GLU A CB  1 
ATOM   51   C CG  . GLU A 1 7  ? -6.51776  9.74739   -8.45197  1.000 24.09000 ? 6   GLU A CG  1 
ATOM   52   C CD  . GLU A 1 7  ? -8.02540  9.92628   -8.39051  1.000 25.02000 ? 6   GLU A CD  1 
ATOM   53   O OE1 . GLU A 1 7  ? -8.68316  9.82751   -9.45053  1.000 30.27000 ? 6   GLU A OE1 1 
ATOM   54   O OE2 . GLU A 1 7  ? -8.55227  10.15735  -7.28092  1.000 31.95000 ? 6   GLU A OE2 1 
ATOM   55   N N   . TYR A 1 8  ? -4.55291  7.53020   -12.00788 1.000 13.86000 ? 7   TYR A N   1 
ATOM   56   C CA  . TYR A 1 8  ? -4.28241  7.25036   -13.40796 1.000 14.63000 ? 7   TYR A CA  1 
ATOM   57   C C   . TYR A 1 8  ? -5.44912  6.46835   -13.98748 1.000 14.81000 ? 7   TYR A C   1 
ATOM   58   O O   . TYR A 1 8  ? -6.22268  5.83518   -13.26321 1.000 14.89000 ? 7   TYR A O   1 
ATOM   59   C CB  . TYR A 1 8  ? -3.01026  6.40802   -13.58579 1.000 16.06000 ? 7   TYR A CB  1 
ATOM   60   C CG  . TYR A 1 8  ? -1.83425  6.90677   -12.78362 1.000 15.13000 ? 7   TYR A CG  1 
ATOM   61   C CD1 . TYR A 1 8  ? -0.96215  7.85388   -13.30252 1.000 17.47000 ? 7   TYR A CD1 1 
ATOM   62   C CD2 . TYR A 1 8  ? -1.60522  6.44554   -11.49918 1.000 16.46000 ? 7   TYR A CD2 1 
ATOM   63   C CE1 . TYR A 1 8  ? 0.11393   8.31968   -12.56359 1.000 20.30000 ? 7   TYR A CE1 1 
ATOM   64   C CE2 . TYR A 1 8  ? -0.53594  6.90482   -10.75574 1.000 17.71000 ? 7   TYR A CE2 1 
ATOM   65   C CZ  . TYR A 1 8  ? 0.31770   7.83842   -11.28915 1.000 18.12000 ? 7   TYR A CZ  1 
ATOM   66   O OH  . TYR A 1 8  ? 1.37983   8.28620   -10.52878 1.000 20.82000 ? 7   TYR A OH  1 
ATOM   67   N N   . PHE A 1 9  ? -5.56435  6.51292   -15.31423 1.000 16.02000 ? 8   PHE A N   1 
ATOM   68   C CA  . PHE A 1 9  ? -6.52285  5.67943   -16.03429 1.000 16.65000 ? 8   PHE A CA  1 
ATOM   69   C C   . PHE A 1 9  ? -7.93523  5.87951   -15.49412 1.000 17.49000 ? 8   PHE A C   1 
ATOM   70   O O   . PHE A 1 9  ? -8.66566  4.92710   -15.21161 1.000 17.16000 ? 8   PHE A O   1 
ATOM   71   C CB  . PHE A 1 9  ? -6.09855  4.21178   -16.00625 1.000 17.87000 ? 8   PHE A CB  1 
ATOM   72   C CG  . PHE A 1 9  ? -4.83702  3.94560   -16.77032 1.000 18.24000 ? 8   PHE A CG  1 
ATOM   73   C CD1 . PHE A 1 9  ? -4.85272  3.90325   -18.15493 1.000 23.59000 ? 8   PHE A CD1 1 
ATOM   74   C CD2 . PHE A 1 9  ? -3.63034  3.77478   -16.11482 1.000 18.04000 ? 8   PHE A CD2 1 
ATOM   75   C CE1 . PHE A 1 9  ? -3.68904  3.67619   -18.86963 1.000 25.43000 ? 8   PHE A CE1 1 
ATOM   76   C CE2 . PHE A 1 9  ? -2.46551  3.54655   -16.82770 1.000 19.70000 ? 8   PHE A CE2 1 
ATOM   77   C CZ  . PHE A 1 9  ? -2.49590  3.49688   -18.20223 1.000 23.71000 ? 8   PHE A CZ  1 
ATOM   78   N N   . SER A 1 10 ? -8.30296  7.14802   -15.33218 1.000 17.91000 ? 9   SER A N   1 
ATOM   79   C CA  . SER A 1 10 ? -9.63648  7.53912   -14.86640 1.000 20.65000 ? 9   SER A CA  1 
ATOM   80   C C   . SER A 1 10 ? -10.00189 6.89460   -13.53222 1.000 19.08000 ? 9   SER A C   1 
ATOM   81   O O   . SER A 1 10 ? -11.15690 6.53518   -13.29051 1.000 22.28000 ? 9   SER A O   1 
ATOM   82   C CB  . SER A 1 10 ? -10.71505 7.28876   -15.92485 1.000 24.38000 ? 9   SER A CB  1 
ATOM   83   O OG  . SER A 1 10 ? -10.35325 7.87656   -17.16187 1.000 30.19000 ? 9   SER A OG  1 
ATOM   84   N N   . GLY A 1 11 ? -9.01963  6.77581   -12.64498 1.000 16.61000 ? 10  GLY A N   1 
ATOM   85   C CA  . GLY A 1 11 ? -9.24332  6.24680   -11.32219 1.000 16.87000 ? 10  GLY A CA  1 
ATOM   86   C C   . GLY A 1 11 ? -9.09036  4.75035   -11.19180 1.000 14.65000 ? 10  GLY A C   1 
ATOM   87   O O   . GLY A 1 11 ? -9.28197  4.22680   -10.08919 1.000 16.77000 ? 10  GLY A O   1 
ATOM   88   N N   . LYS A 1 12 ? -8.71768  4.04481   -12.26361 1.000 13.43000 ? 11  LYS A N   1 
ATOM   89   C CA  . LYS A 1 12 ? -8.48813  2.60876   -12.16005 1.000 13.74000 ? 11  LYS A CA  1 
ATOM   90   C C   . LYS A 1 12 ? -7.16967  2.26782   -11.47675 1.000 12.41000 ? 11  LYS A C   1 
ATOM   91   O O   . LYS A 1 12 ? -6.98808  1.12697   -11.04458 1.000 13.69000 ? 11  LYS A O   1 
ATOM   92   C CB  . LYS A 1 12 ? -8.55416  1.96142   -13.54480 1.000 13.83000 ? 11  LYS A CB  1 
ATOM   93   C CG  . LYS A 1 12 ? -9.93827  2.00364   -14.19064 1.000 15.57000 ? 11  LYS A CG  1 
ATOM   94   C CD  . LYS A 1 12 ? -10.00074 1.13375   -15.43763 1.000 17.22000 ? 11  LYS A CD  1 
ATOM   95   C CE  . LYS A 1 12 ? -10.09786 -0.32056  -15.03932 1.000 17.52000 ? 11  LYS A CE  1 
ATOM   96   N NZ  . LYS A 1 12 ? -10.14820 -1.24384  -16.21448 1.000 16.74000 ? 11  LYS A NZ  1 
ATOM   97   N N   . VAL A 1 13 ? -6.24661  3.21779   -11.38607 1.000 13.01000 ? 12  VAL A N   1 
ATOM   98   C CA  . VAL A 1 13 ? -5.04153  3.06513   -10.58749 1.000 12.89000 ? 12  VAL A CA  1 
ATOM   99   C C   . VAL A 1 13 ? -4.91736  4.29798   -9.71123  1.000 13.11000 ? 12  VAL A C   1 
ATOM   100  O O   . VAL A 1 13 ? -5.03685  5.42828   -10.19750 1.000 13.04000 ? 12  VAL A O   1 
ATOM   101  C CB  . VAL A 1 13 ? -3.78002  2.88677   -11.45514 1.000 13.55000 ? 12  VAL A CB  1 
ATOM   102  C CG1 . VAL A 1 13 ? -2.53862  2.76767   -10.56869 1.000 13.93000 ? 12  VAL A CG1 1 
ATOM   103  C CG2 . VAL A 1 13 ? -3.92372  1.68126   -12.38554 1.000 15.39000 ? 12  VAL A CG2 1 
ATOM   104  N N   . LYS A 1 14 ? -4.70281  4.08273   -8.42100  1.000 12.93000 ? 13  LYS A N   1 
ATOM   105  C CA  . LYS A 1 14 ? -4.49183  5.16969   -7.47807  1.000 13.09000 ? 13  LYS A CA  1 
ATOM   106  C C   . LYS A 1 14 ? -3.27826  4.84149   -6.62947  1.000 13.68000 ? 13  LYS A C   1 
ATOM   107  O O   . LYS A 1 14 ? -3.00881  3.67481   -6.34267  1.000 14.17000 ? 13  LYS A O   1 
ATOM   108  C CB  . LYS A 1 14 ? -5.70034  5.38140   -6.56558  1.000 14.64000 ? 13  LYS A CB  1 
ATOM   109  C CG  . LYS A 1 14 ? -6.94198  5.81702   -7.31156  1.000 14.27000 ? 13  LYS A CG  1 
ATOM   110  C CD  . LYS A 1 14 ? -8.04821  6.24813   -6.36817  1.000 15.77000 ? 13  LYS A CD  1 
ATOM   111  C CE  . LYS A 1 14 ? -9.23554  6.79178   -7.12671  1.000 17.98000 ? 13  LYS A CE  1 
ATOM   112  N NZ  . LYS A 1 14 ? -10.33619 7.17565   -6.20597  1.000 18.37000 ? 13  LYS A NZ  1 
ATOM   113  N N   . SER A 1 15 ? -2.52455  5.87406   -6.25159  1.000 13.34000 ? 14  SER A N   1 
ATOM   114  C CA  . SER A 1 15 ? -1.36215  5.66487   -5.39906  1.000 14.16000 ? 14  SER A CA  1 
ATOM   115  C C   . SER A 1 15 ? -1.19177  6.84084   -4.44836  1.000 13.28000 ? 14  SER A C   1 
ATOM   116  O O   . SER A 1 15 ? -1.75953  7.91944   -4.64428  1.000 13.56000 ? 14  SER A O   1 
ATOM   117  C CB  . SER A 1 15 ? -0.07120  5.45458   -6.18389  1.000 17.78000 ? 14  SER A CB  1 
ATOM   118  O OG  . SER A 1 15 ? 0.32313   6.65581   -6.80373  1.000 18.06000 ? 14  SER A OG  1 
ATOM   119  N N   . ILE A 1 16 ? -0.39320  6.60088   -3.41010  1.000 13.25000 ? 15  ILE A N   1 
ATOM   120  C CA  . ILE A 1 16 ? -0.01433  7.60084   -2.41739  1.000 12.77000 ? 15  ILE A CA  1 
ATOM   121  C C   . ILE A 1 16 ? 1.50329   7.63843   -2.38009  1.000 13.21000 ? 15  ILE A C   1 
ATOM   122  O O   . ILE A 1 16 ? 2.14219   6.63153   -2.04242  1.000 13.23000 ? 15  ILE A O   1 
ATOM   123  C CB  . ILE A 1 16 ? -0.56570  7.24979   -1.02948  1.000 13.07000 ? 15  ILE A CB  1 
ATOM   124  C CG1 . ILE A 1 16 ? -2.08941  7.14097   -1.06831  1.000 14.15000 ? 15  ILE A CG1 1 
ATOM   125  C CG2 . ILE A 1 16 ? -0.11278  8.27699   0.00077   1.000 13.64000 ? 15  ILE A CG2 1 
ATOM   126  C CD1 . ILE A 1 16 ? -2.63968  6.27966   0.01676   1.000 17.03000 ? 15  ILE A CD1 1 
ATOM   127  N N   . GLY A 1 17 ? 2.07349   8.79138   -2.72709  1.000 13.06000 ? 16  GLY A N   1 
ATOM   128  C CA  . GLY A 1 17 ? 3.51801   8.96448   -2.74265  1.000 13.97000 ? 16  GLY A CA  1 
ATOM   129  C C   . GLY A 1 17 ? 4.05442   9.48572   -1.41746  1.000 13.27000 ? 16  GLY A C   1 
ATOM   130  O O   . GLY A 1 17 ? 3.43640   10.32578  -0.76481  1.000 14.16000 ? 16  GLY A O   1 
ATOM   131  N N   . PHE A 1 18 ? 5.23042   8.99259   -1.04616  1.000 12.97000 ? 17  PHE A N   1 
ATOM   132  C CA  . PHE A 1 18 ? 5.85533   9.35260   0.21971   1.000 13.02000 ? 17  PHE A CA  1 
ATOM   133  C C   . PHE A 1 18 ? 7.34714   9.07530   0.11538   1.000 13.39000 ? 17  PHE A C   1 
ATOM   134  O O   . PHE A 1 18 ? 7.81877   8.47165   -0.84863  1.000 14.19000 ? 17  PHE A O   1 
ATOM   135  C CB  . PHE A 1 18 ? 5.24397   8.56922   1.39022   1.000 13.69000 ? 17  PHE A CB  1 
ATOM   136  C CG  . PHE A 1 18 ? 5.48753   7.07886   1.32642   1.000 12.59000 ? 17  PHE A CG  1 
ATOM   137  C CD1 . PHE A 1 18 ? 4.70532   6.26056   0.52239   1.000 13.20000 ? 17  PHE A CD1 1 
ATOM   138  C CD2 . PHE A 1 18 ? 6.50102   6.49774   2.07861   1.000 13.24000 ? 17  PHE A CD2 1 
ATOM   139  C CE1 . PHE A 1 18 ? 4.92324   4.89437   0.48316   1.000 14.34000 ? 17  PHE A CE1 1 
ATOM   140  C CE2 . PHE A 1 18 ? 6.72130   5.13104   2.04086   1.000 14.46000 ? 17  PHE A CE2 1 
ATOM   141  C CZ  . PHE A 1 18 ? 5.93307   4.32672   1.23912   1.000 13.30000 ? 17  PHE A CZ  1 
ATOM   142  N N   . THR A 1 19 ? 8.08624   9.53187   1.11579   1.000 13.48000 ? 18  THR A N   1 
ATOM   143  C CA  . THR A 1 19 ? 9.50471   9.23146   1.22230   1.000 13.52000 ? 18  THR A CA  1 
ATOM   144  C C   . THR A 1 19 ? 9.80883   8.81087   2.65032   1.000 14.68000 ? 18  THR A C   1 
ATOM   145  O O   . THR A 1 19 ? 9.24941   9.37246   3.59629   1.000 15.67000 ? 18  THR A O   1 
ATOM   146  C CB  . THR A 1 19 ? 10.35687  10.44010  0.81959   1.000 15.05000 ? 18  THR A CB  1 
ATOM   147  O OG1 . THR A 1 19 ? 9.97527   10.86813  -0.49287  1.000 16.56000 ? 18  THR A OG1 1 
ATOM   148  C CG2 . THR A 1 19 ? 11.83074  10.09014  0.81351   1.000 16.82000 ? 18  THR A CG2 1 
ATOM   149  N N   . SER A 1 20 ? 10.65121  7.79414   2.81390   1.000 14.74000 ? 19  SER A N   1 
ATOM   150  C CA  . SER A 1 20 ? 11.12169  7.42191   4.13931   1.000 14.93000 ? 19  SER A CA  1 
ATOM   151  C C   . SER A 1 20 ? 12.53669  6.89218   3.99932   1.000 14.58000 ? 19  SER A C   1 
ATOM   152  O O   . SER A 1 20 ? 12.96686  6.50315   2.90927   1.000 15.42000 ? 19  SER A O   1 
ATOM   153  C CB  . SER A 1 20 ? 10.25038  6.33371   4.77725   1.000 15.39000 ? 19  SER A CB  1 
ATOM   154  O OG  . SER A 1 20 ? 10.42056  5.08750   4.12136   1.000 15.86000 ? 19  SER A OG  1 
ATOM   155  N N   . SER A 1 21 ? 13.25782  6.85797   5.12050   1.000 15.88000 ? 20  SER A N   1 
ATOM   156  C CA  . SER A 1 21 ? 14.64481  6.41151   5.05564   1.000 16.23000 ? 20  SER A CA  1 
ATOM   157  C C   . SER A 1 21 ? 14.74717  4.96311   4.59495   1.000 16.58000 ? 20  SER A C   1 
ATOM   158  O O   . SER A 1 21 ? 15.68986  4.60845   3.87854   1.000 18.35000 ? 20  SER A O   1 
ATOM   159  C CB  . SER A 1 21 ? 15.35319  6.65230   6.39467   1.000 18.06000 ? 20  SER A CB  1 
ATOM   160  O OG  . SER A 1 21 ? 14.95750  5.70916   7.36956   1.000 20.83000 ? 20  SER A OG  1 
ATOM   161  N N   . SER A 1 22 ? 13.76324  4.12453   4.91962   1.000 19.03000 ? 21  SER A N   1 
ATOM   162  C CA  . SER A 1 22 ? 13.86949  2.71759   4.55529   1.000 19.36000 ? 21  SER A CA  1 
ATOM   163  C C   . SER A 1 22 ? 13.39561  2.40998   3.13543   1.000 19.31000 ? 21  SER A C   1 
ATOM   164  O O   . SER A 1 22 ? 13.68555  1.32094   2.63028   1.000 24.69000 ? 21  SER A O   1 
ATOM   165  C CB  . SER A 1 22 ? 13.11657  1.83683   5.55618   1.000 23.05000 ? 21  SER A CB  1 
ATOM   166  O OG  . SER A 1 22 ? 11.73090  2.11298   5.50674   1.000 22.96000 ? 21  SER A OG  1 
ATOM   167  N N   . THR A 1 23 ? 12.68127  3.32860   2.47819   1.000 16.62000 ? 22  THR A N   1 
ATOM   168  C CA  . THR A 1 23 ? 12.19335  3.10921   1.12506   1.000 16.45000 ? 22  THR A CA  1 
ATOM   169  C C   . THR A 1 23 ? 12.78576  4.04790   0.09180   1.000 15.50000 ? 22  THR A C   1 
ATOM   170  O O   . THR A 1 23 ? 12.66687  3.76041   -1.10211  1.000 16.75000 ? 22  THR A O   1 
ATOM   171  C CB  . THR A 1 23 ? 10.66793  3.29769   1.06239   1.000 15.22000 ? 22  THR A CB  1 
ATOM   172  O OG1 . THR A 1 23 ? 10.34195  4.62826   1.47880   1.000 13.78000 ? 22  THR A OG1 1 
ATOM   173  C CG2 . THR A 1 23 ? 9.95346   2.30389   1.94889   1.000 14.87000 ? 22  THR A CG2 1 
ATOM   174  N N   . GLY A 1 24 ? 13.37792  5.16531   0.50391   1.000 14.64000 ? 23  GLY A N   1 
ATOM   175  C CA  . GLY A 1 24 ? 13.56736  6.24894   -0.44218  1.000 15.44000 ? 23  GLY A CA  1 
ATOM   176  C C   . GLY A 1 24 ? 12.20740  6.78330   -0.88064  1.000 14.03000 ? 23  GLY A C   1 
ATOM   177  O O   . GLY A 1 24 ? 11.17900  6.57766   -0.22105  1.000 14.02000 ? 23  GLY A O   1 
ATOM   178  N N   . ARG A 1 25 ? 12.19546  7.47876   -2.01290  1.000 13.63000 ? 24  ARG A N   1 
ATOM   179  C CA  . ARG A 1 25 ? 10.92114  7.91776   -2.56450  1.000 14.31000 ? 24  ARG A CA  1 
ATOM   180  C C   . ARG A 1 25 ? 10.15201  6.70799   -3.07300  1.000 13.75000 ? 24  ARG A C   1 
ATOM   181  O O   . ARG A 1 25 ? 10.71320  5.83228   -3.74213  1.000 13.75000 ? 24  ARG A O   1 
ATOM   182  C CB  . ARG A 1 25 ? 11.10419  8.93054   -3.69043  1.000 16.01000 ? 24  ARG A CB  1 
ATOM   183  C CG  . ARG A 1 25 ? 9.76939   9.55804   -4.08650  1.000 19.12000 ? 24  ARG A CG  1 
ATOM   184  C CD  . ARG A 1 25 ? 9.89876   10.70645  -5.06857  1.000 22.23000 ? 24  ARG A CD  1 
ATOM   185  N NE  . ARG A 1 25 ? 10.24330  10.26677  -6.41763  1.000 21.95000 ? 24  ARG A NE  1 
ATOM   186  C CZ  . ARG A 1 25 ? 9.35827   9.86662   -7.32514  1.000 21.95000 ? 24  ARG A CZ  1 
ATOM   187  N NH1 . ARG A 1 25 ? 8.06806   9.82213   -7.02336  1.000 22.49000 ? 24  ARG A NH1 1 
ATOM   188  N NH2 . ARG A 1 25 ? 9.76751   9.49983   -8.53531  1.000 23.69000 ? 24  ARG A NH2 1 
ATOM   189  N N   . ALA A 1 26 ? 8.86562   6.66105   -2.75106  1.000 13.16000 ? 25  ALA A N   1 
ATOM   190  C CA  . ALA A 1 26 ? 8.08445   5.45719   -2.96308  1.000 13.78000 ? 25  ALA A CA  1 
ATOM   191  C C   . ALA A 1 26 ? 6.61540   5.82528   -3.10750  1.000 12.54000 ? 25  ALA A C   1 
ATOM   192  O O   . ALA A 1 26 ? 6.21418   6.98273   -2.94971  1.000 13.59000 ? 25  ALA A O   1 
ATOM   193  C CB  . ALA A 1 26 ? 8.29691   4.47647   -1.80735  1.000 14.52000 ? 25  ALA A CB  1 
ATOM   194  N N   . SER A 1 27 ? 5.80667   4.82207   -3.43198  1.000 13.84000 ? 26  SER A N   1 
ATOM   195  C CA  . SER A 1 27 ? 4.36551   4.97538   -3.40297  1.000 13.91000 ? 26  SER A CA  1 
ATOM   196  C C   . SER A 1 27 ? 3.75913   3.62480   -3.06698  1.000 13.44000 ? 26  SER A C   1 
ATOM   197  O O   . SER A 1 27 ? 4.35792   2.58015   -3.33178  1.000 14.49000 ? 26  SER A O   1 
ATOM   198  C CB  . SER A 1 27 ? 3.80168   5.48686   -4.73538  1.000 14.99000 ? 26  SER A CB  1 
ATOM   199  O OG  . SER A 1 27 ? 3.96381   4.53237   -5.76890  1.000 17.70000 ? 26  SER A OG  1 
ATOM   200  N N   A VAL A 1 28 ? 2.60085   3.64704   -2.43632  0.590 12.98000 ? 27  VAL A N   1 
ATOM   201  N N   B VAL A 1 28 ? 2.56022   3.65598   -2.49163  0.410 12.97000 ? 27  VAL A N   1 
ATOM   202  C CA  A VAL A 1 28 ? 1.76820   2.45749   -2.37535  0.590 13.31000 ? 27  VAL A CA  1 
ATOM   203  C CA  B VAL A 1 28 ? 1.73830   2.46568   -2.30303  0.410 13.37000 ? 27  VAL A CA  1 
ATOM   204  C C   A VAL A 1 28 ? 0.54924   2.73903   -3.22616  0.590 13.48000 ? 27  VAL A C   1 
ATOM   205  C C   B VAL A 1 28 ? 0.42771   2.68751   -3.04581  0.410 13.40000 ? 27  VAL A C   1 
ATOM   206  O O   A VAL A 1 28 ? 0.12185   3.89019   -3.37171  0.590 13.43000 ? 27  VAL A O   1 
ATOM   207  O O   B VAL A 1 28 ? -0.17186  3.76468   -2.95281  0.410 12.41000 ? 27  VAL A O   1 
ATOM   208  C CB  A VAL A 1 28 ? 1.37028   1.99706   -0.95763  0.590 14.39000 ? 27  VAL A CB  1 
ATOM   209  C CB  B VAL A 1 28 ? 1.51031   2.13713   -0.80863  0.410 14.55000 ? 27  VAL A CB  1 
ATOM   210  C CG1 A VAL A 1 28 ? 2.57635   1.46228   -0.21237  0.590 14.00000 ? 27  VAL A CG1 1 
ATOM   211  C CG1 B VAL A 1 28 ? 0.50979   3.08966   -0.16164  0.410 15.33000 ? 27  VAL A CG1 1 
ATOM   212  C CG2 A VAL A 1 28 ? 0.71747   3.12297   -0.18641  0.590 15.38000 ? 27  VAL A CG2 1 
ATOM   213  C CG2 B VAL A 1 28 ? 1.05402   0.70010   -0.63282  0.410 14.44000 ? 27  VAL A CG2 1 
ATOM   214  N N   . GLY A 1 29 ? -0.00002  1.68707   -3.81554  1.000 13.28000 ? 28  GLY A N   1 
ATOM   215  C CA  . GLY A 1 29 ? -1.13387  1.88222   -4.69284  1.000 14.44000 ? 28  GLY A CA  1 
ATOM   216  C C   . GLY A 1 29 ? -1.92698  0.62004   -4.93997  1.000 12.54000 ? 28  GLY A C   1 
ATOM   217  O O   . GLY A 1 29 ? -1.61103  -0.46091  -4.43868  1.000 12.93000 ? 28  GLY A O   1 
ATOM   218  N N   . VAL A 1 30 ? -3.00211  0.79726   -5.70452  1.000 13.06000 ? 29  VAL A N   1 
ATOM   219  C CA  . VAL A 1 30 ? -3.91136  -0.27069  -6.08746  1.000 12.42000 ? 29  VAL A CA  1 
ATOM   220  C C   . VAL A 1 30 ? -4.20925  -0.12349  -7.56643  1.000 12.45000 ? 29  VAL A C   1 
ATOM   221  O O   . VAL A 1 30 ? -4.44053  0.98672   -8.06135  1.000 12.83000 ? 29  VAL A O   1 
ATOM   222  C CB  . VAL A 1 30 ? -5.23136  -0.21145  -5.29119  1.000 13.31000 ? 29  VAL A CB  1 
ATOM   223  C CG1 . VAL A 1 30 ? -6.07711  -1.43935  -5.57375  1.000 14.39000 ? 29  VAL A CG1 1 
ATOM   224  C CG2 . VAL A 1 30 ? -4.97003  -0.09223  -3.80195  1.000 15.17000 ? 29  VAL A CG2 1 
ATOM   225  N N   . MET A 1 31 ? -4.22597  -1.24998  -8.26557  1.000 12.35000 ? 30  MET A N   1 
ATOM   226  C CA  . MET A 1 31 ? -4.70526  -1.30222  -9.63935  1.000 12.34000 ? 30  MET A CA  1 
ATOM   227  C C   . MET A 1 31 ? -5.97882  -2.13239  -9.67716  1.000 12.19000 ? 30  MET A C   1 
ATOM   228  O O   . MET A 1 31 ? -5.99141  -3.27665  -9.20969  1.000 12.48000 ? 30  MET A O   1 
ATOM   229  C CB  . MET A 1 31 ? -3.65568  -1.91737  -10.55902 1.000 12.58000 ? 30  MET A CB  1 
ATOM   230  C CG  . MET A 1 31 ? -2.29308  -1.27431  -10.43452 1.000 14.44000 ? 30  MET A CG  1 
ATOM   231  S SD  . MET A 1 31 ? -1.24112  -1.67678  -11.83702 1.000 15.09000 ? 30  MET A SD  1 
ATOM   232  C CE  . MET A 1 31 ? 0.25688   -0.82009  -11.38815 1.000 17.15000 ? 30  MET A CE  1 
ATOM   233  N N   . ALA A 1 32 ? -7.04497  -1.54241  -10.20790 1.000 12.45000 ? 31  ALA A N   1 
ATOM   234  C CA  . ALA A 1 32 ? -8.28015  -2.26634  -10.45169 1.000 12.67000 ? 31  ALA A CA  1 
ATOM   235  C C   . ALA A 1 32 ? -8.08478  -3.27211  -11.58601 1.000 13.21000 ? 31  ALA A C   1 
ATOM   236  O O   . ALA A 1 32 ? -7.10747  -3.22299  -12.33506 1.000 12.80000 ? 31  ALA A O   1 
ATOM   237  C CB  . ALA A 1 32 ? -9.38187  -1.28128  -10.83543 1.000 14.87000 ? 31  ALA A CB  1 
ATOM   238  N N   . GLU A 1 33 ? -9.03162  -4.20302  -11.70931 1.000 12.72000 ? 32  GLU A N   1 
ATOM   239  C CA  . GLU A 1 33 ? -9.05276  -5.10419  -12.85974 1.000 13.70000 ? 32  GLU A CA  1 
ATOM   240  C C   . GLU A 1 33 ? -8.90379  -4.30762  -14.15023 1.000 13.43000 ? 32  GLU A C   1 
ATOM   241  O O   . GLU A 1 33 ? -9.62229  -3.33579  -14.37560 1.000 13.90000 ? 32  GLU A O   1 
ATOM   242  C CB  . GLU A 1 33 ? -10.37687 -5.87001  -12.87839 1.000 14.84000 ? 32  GLU A CB  1 
ATOM   243  C CG  . GLU A 1 33 ? -10.52849 -6.78144  -14.08686 1.000 16.43000 ? 32  GLU A CG  1 
ATOM   244  C CD  . GLU A 1 33 ? -11.88597 -7.45377  -14.16196 1.000 19.35000 ? 32  GLU A CD  1 
ATOM   245  O OE1 . GLU A 1 33 ? -12.69829 -7.29193  -13.22626 1.000 22.46000 ? 32  GLU A OE1 1 
ATOM   246  O OE2 . GLU A 1 33 ? -12.13773 -8.15980  -15.16595 1.000 24.61000 ? 32  GLU A OE2 1 
ATOM   247  N N   . GLY A 1 34 ? -7.96381  -4.71050  -14.99162 1.000 13.56000 ? 33  GLY A N   1 
ATOM   248  C CA  . GLY A 1 34 ? -7.71649  -3.98320  -16.21940 1.000 14.41000 ? 33  GLY A CA  1 
ATOM   249  C C   . GLY A 1 34 ? -6.37023  -4.35474  -16.81125 1.000 13.40000 ? 33  GLY A C   1 
ATOM   250  O O   . GLY A 1 34 ? -5.72530  -5.30352  -16.37894 1.000 13.92000 ? 33  GLY A O   1 
ATOM   251  N N   . GLU A 1 35 ? -5.97182  -3.58034  -17.81809 1.000 13.34000 ? 34  GLU A N   1 
ATOM   252  C CA  . GLU A 1 35 ? -4.71278  -3.77775  -18.52305 1.000 13.68000 ? 34  GLU A CA  1 
ATOM   253  C C   . GLU A 1 35 ? -4.09029  -2.40568  -18.71732 1.000 13.45000 ? 34  GLU A C   1 
ATOM   254  O O   . GLU A 1 35 ? -4.78295  -1.47181  -19.12465 1.000 15.39000 ? 34  GLU A O   1 
ATOM   255  C CB  . GLU A 1 35 ? -4.94155  -4.45017  -19.88420 1.000 16.28000 ? 34  GLU A CB  1 
ATOM   256  C CG  . GLU A 1 35 ? -5.63406  -5.80711  -19.81267 1.000 20.02000 ? 34  GLU A CG  1 
ATOM   257  C CD  . GLU A 1 35 ? -7.14317  -5.69327  -19.75391 1.000 20.44000 ? 34  GLU A CD  1 
ATOM   258  O OE1 . GLU A 1 35 ? -7.71071  -4.90679  -20.53860 1.000 24.56000 ? 34  GLU A OE1 1 
ATOM   259  O OE2 . GLU A 1 35 ? -7.76265  -6.38819  -18.92052 1.000 24.82000 ? 34  GLU A OE2 1 
ATOM   260  N N   . TYR A 1 36 ? -2.79272  -2.28448  -18.43750 1.000 13.89000 ? 35  TYR A N   1 
ATOM   261  C CA  . TYR A 1 36 ? -2.15837  -0.97859  -18.30912 1.000 13.57000 ? 35  TYR A CA  1 
ATOM   262  C C   . TYR A 1 36 ? -0.74705  -1.01082  -18.86777 1.000 13.54000 ? 35  TYR A C   1 
ATOM   263  O O   . TYR A 1 36 ? -0.04655  -2.01658  -18.76509 1.000 13.67000 ? 35  TYR A O   1 
ATOM   264  C CB  . TYR A 1 36 ? -2.06101  -0.54499  -16.83469 1.000 13.85000 ? 35  TYR A CB  1 
ATOM   265  C CG  . TYR A 1 36 ? -3.35566  -0.70159  -16.07956 1.000 13.38000 ? 35  TYR A CG  1 
ATOM   266  C CD1 . TYR A 1 36 ? -4.39156  0.20293   -16.23866 1.000 14.23000 ? 35  TYR A CD1 1 
ATOM   267  C CD2 . TYR A 1 36 ? -3.54769  -1.78025  -15.22791 1.000 14.26000 ? 35  TYR A CD2 1 
ATOM   268  C CE1 . TYR A 1 36 ? -5.58859  0.05012   -15.55145 1.000 14.52000 ? 35  TYR A CE1 1 
ATOM   269  C CE2 . TYR A 1 36 ? -4.73844  -1.94882  -14.54539 1.000 13.61000 ? 35  TYR A CE2 1 
ATOM   270  C CZ  . TYR A 1 36 ? -5.75598  -1.03048  -14.71274 1.000 13.31000 ? 35  TYR A CZ  1 
ATOM   271  O OH  . TYR A 1 36 ? -6.94902  -1.17636  -14.03899 1.000 14.68000 ? 35  TYR A OH  1 
ATOM   272  N N   . THR A 1 37 ? -0.32627  0.11980   -19.42976 1.000 14.26000 ? 36  THR A N   1 
ATOM   273  C CA  . THR A 1 37 ? 1.07282   0.38183   -19.74437 1.000 13.55000 ? 36  THR A CA  1 
ATOM   274  C C   . THR A 1 37 ? 1.50149   1.64189   -19.00773 1.000 13.65000 ? 36  THR A C   1 
ATOM   275  O O   . THR A 1 37 ? 0.82708   2.67329   -19.09573 1.000 15.27000 ? 36  THR A O   1 
ATOM   276  C CB  . THR A 1 37 ? 1.27666   0.56453   -21.25233 1.000 15.57000 ? 36  THR A CB  1 
ATOM   277  O OG1 . THR A 1 37 ? 1.05695   -0.68780  -21.91625 1.000 15.08000 ? 36  THR A OG1 1 
ATOM   278  C CG2 . THR A 1 37 ? 2.69878   1.06101   -21.55597 1.000 15.99000 ? 36  THR A CG2 1 
ATOM   279  N N   . PHE A 1 38 ? 2.60855   1.55853   -18.27643 1.000 13.66000 ? 37  PHE A N   1 
ATOM   280  C CA  . PHE A 1 38 ? 3.17610   2.69655   -17.56971 1.000 14.26000 ? 37  PHE A CA  1 
ATOM   281  C C   . PHE A 1 38 ? 4.59239   2.94643   -18.05974 1.000 13.78000 ? 37  PHE A C   1 
ATOM   282  O O   . PHE A 1 38 ? 5.42343   2.03252   -18.07131 1.000 14.64000 ? 37  PHE A O   1 
ATOM   283  C CB  . PHE A 1 38 ? 3.24227   2.43283   -16.06601 1.000 15.15000 ? 37  PHE A CB  1 
ATOM   284  C CG  . PHE A 1 38 ? 1.93591   2.61168   -15.35290 1.000 14.55000 ? 37  PHE A CG  1 
ATOM   285  C CD1 . PHE A 1 38 ? 1.51396   3.87075   -14.95442 1.000 16.73000 ? 37  PHE A CD1 1 
ATOM   286  C CD2 . PHE A 1 38 ? 1.14219   1.51358   -15.04711 1.000 16.19000 ? 37  PHE A CD2 1 
ATOM   287  C CE1 . PHE A 1 38 ? 0.31174   4.04105   -14.27516 1.000 19.02000 ? 37  PHE A CE1 1 
ATOM   288  C CE2 . PHE A 1 38 ? -0.06049  1.67292   -14.36686 1.000 17.12000 ? 37  PHE A CE2 1 
ATOM   289  C CZ  . PHE A 1 38 ? -0.47543  2.94212   -13.98553 1.000 18.40000 ? 37  PHE A CZ  1 
ATOM   290  N N   . GLY A 1 39 ? 4.87313   4.19984   -18.41073 1.000 14.29000 ? 38  GLY A N   1 
ATOM   291  C CA  . GLY A 1 39 ? 6.24425   4.60270   -18.64920 1.000 14.31000 ? 38  GLY A CA  1 
ATOM   292  C C   . GLY A 1 39 ? 6.96530   4.89249   -17.34725 1.000 15.33000 ? 38  GLY A C   1 
ATOM   293  O O   . GLY A 1 39 ? 6.36392   5.25996   -16.33678 1.000 17.72000 ? 38  GLY A O   1 
ATOM   294  N N   . THR A 1 40 ? 8.27725   4.69644   -17.35544 1.000 13.92000 ? 39  THR A N   1 
ATOM   295  C CA  . THR A 1 40 ? 9.10618   4.96506   -16.19260 1.000 14.81000 ? 39  THR A CA  1 
ATOM   296  C C   . THR A 1 40 ? 10.07123  6.10939   -16.47007 1.000 14.17000 ? 39  THR A C   1 
ATOM   297  O O   . THR A 1 40 ? 10.58095  6.26200   -17.58807 1.000 14.51000 ? 39  THR A O   1 
ATOM   298  C CB  . THR A 1 40 ? 9.89925   3.72683   -15.77116 1.000 14.53000 ? 39  THR A CB  1 
ATOM   299  O OG1 . THR A 1 40 ? 10.70130  3.28105   -16.87476 1.000 14.94000 ? 39  THR A OG1 1 
ATOM   300  C CG2 . THR A 1 40 ? 8.95967   2.60296   -15.31850 1.000 15.92000 ? 39  THR A CG2 1 
ATOM   301  N N   . ALA A 1 41 ? 10.30951  6.91172   -15.43405 1.000 15.08000 ? 40  ALA A N   1 
ATOM   302  C CA  . ALA A 1 41 ? 11.40430  7.86897   -15.41196 1.000 15.42000 ? 40  ALA A CA  1 
ATOM   303  C C   . ALA A 1 41 ? 12.53258  7.22340   -14.62299 1.000 14.99000 ? 40  ALA A C   1 
ATOM   304  O O   . ALA A 1 41 ? 13.38005  6.53447   -15.19793 1.000 15.96000 ? 40  ALA A O   1 
ATOM   305  C CB  . ALA A 1 41 ? 10.95701  9.18407   -14.77317 1.000 17.57000 ? 40  ALA A CB  1 
ATOM   306  N N   . GLU A 1 42 ? 12.52013  7.38091   -13.30243 1.000 14.75000 ? 41  GLU A N   1 
ATOM   307  C CA  . GLU A 1 42 ? 13.40533  6.60083   -12.45245 1.000 15.44000 ? 41  GLU A CA  1 
ATOM   308  C C   . GLU A 1 42 ? 13.12580  5.10832   -12.63404 1.000 14.80000 ? 41  GLU A C   1 
ATOM   309  O O   . GLU A 1 42 ? 11.98479  4.71054   -12.89168 1.000 14.61000 ? 41  GLU A O   1 
ATOM   310  C CB  . GLU A 1 42 ? 13.15084  6.95068   -10.98714 1.000 17.07000 ? 41  GLU A CB  1 
ATOM   311  C CG  . GLU A 1 42 ? 13.62370  8.33189   -10.56360 1.000 21.34000 ? 41  GLU A CG  1 
ATOM   312  C CD  . GLU A 1 42 ? 12.55084  9.40007   -10.68117 1.000 24.67000 ? 41  GLU A CD  1 
ATOM   313  O OE1 . GLU A 1 42 ? 11.55357  9.19193   -11.39936 1.000 22.71000 ? 41  GLU A OE1 1 
ATOM   314  O OE2 . GLU A 1 42 ? 12.70748  10.46072  -10.04151 1.000 28.97000 ? 41  GLU A OE2 1 
ATOM   315  N N   . PRO A 1 43 ? 14.14141  4.25707   -12.48631 1.000 14.26000 ? 42  PRO A N   1 
ATOM   316  C CA  . PRO A 1 43 ? 13.87225  2.81980   -12.39140 1.000 15.77000 ? 42  PRO A CA  1 
ATOM   317  C C   . PRO A 1 43 ? 12.96669  2.55629   -11.20134 1.000 14.65000 ? 42  PRO A C   1 
ATOM   318  O O   . PRO A 1 43 ? 12.96302  3.30753   -10.22074 1.000 15.16000 ? 42  PRO A O   1 
ATOM   319  C CB  . PRO A 1 43 ? 15.25863  2.20254   -12.16774 1.000 16.08000 ? 42  PRO A CB  1 
ATOM   320  C CG  . PRO A 1 43 ? 16.24860  3.29055   -12.46941 1.000 17.75000 ? 42  PRO A CG  1 
ATOM   321  C CD  . PRO A 1 43 ? 15.55021  4.57453   -12.20202 1.000 17.66000 ? 42  PRO A CD  1 
ATOM   322  N N   . GLU A 1 44 ? 12.18734  1.48293   -11.29624 1.000 14.61000 ? 43  GLU A N   1 
ATOM   323  C CA  . GLU A 1 44 ? 11.20797  1.15215   -10.27194 1.000 14.82000 ? 43  GLU A CA  1 
ATOM   324  C C   . GLU A 1 44 ? 11.43425  -0.25643  -9.74688  1.000 16.01000 ? 43  GLU A C   1 
ATOM   325  O O   . GLU A 1 44 ? 11.73690  -1.18116  -10.51064 1.000 18.21000 ? 43  GLU A O   1 
ATOM   326  C CB  . GLU A 1 44 ? 9.78752   1.28597   -10.81016 1.000 16.28000 ? 43  GLU A CB  1 
ATOM   327  C CG  . GLU A 1 44 ? 9.47753   2.70273   -11.22840 1.000 17.01000 ? 43  GLU A CG  1 
ATOM   328  C CD  . GLU A 1 44 ? 8.07389   2.87567   -11.74463 1.000 16.83000 ? 43  GLU A CD  1 
ATOM   329  O OE1 . GLU A 1 44 ? 7.31051   1.88419   -11.75520 1.000 21.72000 ? 43  GLU A OE1 1 
ATOM   330  O OE2 . GLU A 1 44 ? 7.73937   4.00440   -12.14673 1.000 17.01000 ? 43  GLU A OE2 1 
ATOM   331  N N   . GLU A 1 45 ? 11.30260  -0.41161  -8.43690  1.000 13.70000 ? 44  GLU A N   1 
ATOM   332  C CA  . GLU A 1 45 ? 11.22174  -1.71794  -7.80155  1.000 13.70000 ? 44  GLU A CA  1 
ATOM   333  C C   . GLU A 1 45 ? 9.80018   -1.87473  -7.28288  1.000 13.22000 ? 44  GLU A C   1 
ATOM   334  O O   . GLU A 1 45 ? 9.36329   -1.09558  -6.42579  1.000 13.86000 ? 44  GLU A O   1 
ATOM   335  C CB  . GLU A 1 45 ? 12.21329  -1.82159  -6.64734  1.000 15.02000 ? 44  GLU A CB  1 
ATOM   336  C CG  . GLU A 1 45 ? 12.21134  -3.19338  -6.00094  1.000 17.25000 ? 44  GLU A CG  1 
ATOM   337  C CD  . GLU A 1 45 ? 12.80247  -3.17942  -4.60641  1.000 19.30000 ? 44  GLU A CD  1 
ATOM   338  O OE1 . GLU A 1 45 ? 13.95632  -3.62972  -4.45320  1.000 25.55000 ? 44  GLU A OE1 1 
ATOM   339  O OE2 . GLU A 1 45 ? 12.12294  -2.70504  -3.67645  1.000 20.40000 ? 44  GLU A OE2 1 
ATOM   340  N N   . MET A 1 46 ? 9.08408   -2.86927  -7.80116  1.000 12.82000 ? 45  MET A N   1 
ATOM   341  C CA  . MET A 1 46 ? 7.69359   -3.11613  -7.45435  1.000 12.89000 ? 45  MET A CA  1 
ATOM   342  C C   . MET A 1 46 ? 7.61989   -4.34291  -6.56008  1.000 14.16000 ? 45  MET A C   1 
ATOM   343  O O   . MET A 1 46 ? 8.16170   -5.39999  -6.90488  1.000 14.99000 ? 45  MET A O   1 
ATOM   344  C CB  . MET A 1 46 ? 6.87945   -3.37605  -8.71913  1.000 14.16000 ? 45  MET A CB  1 
ATOM   345  C CG  . MET A 1 46 ? 6.64542   -2.14795  -9.54952  1.000 15.13000 ? 45  MET A CG  1 
ATOM   346  S SD  . MET A 1 46 ? 5.29879   -1.14228  -8.90972  1.000 16.37000 ? 45  MET A SD  1 
ATOM   347  C CE  . MET A 1 46 ? 3.88811   -2.11253  -9.45094  1.000 16.39000 ? 45  MET A CE  1 
ATOM   348  N N   . THR A 1 47 ? 6.94867   -4.20549  -5.42187  1.000 13.64000 ? 46  THR A N   1 
ATOM   349  C CA  . THR A 1 47 ? 6.64722   -5.32541  -4.54121  1.000 13.77000 ? 46  THR A CA  1 
ATOM   350  C C   . THR A 1 47 ? 5.13761   -5.49322  -4.51467  1.000 13.18000 ? 46  THR A C   1 
ATOM   351  O O   . THR A 1 47 ? 4.41152   -4.53854  -4.22418  1.000 13.79000 ? 46  THR A O   1 
ATOM   352  C CB  . THR A 1 47 ? 7.15297   -5.04614  -3.12388  1.000 14.84000 ? 46  THR A CB  1 
ATOM   353  O OG1 . THR A 1 47 ? 8.56518   -4.81086  -3.15291  1.000 15.99000 ? 46  THR A OG1 1 
ATOM   354  C CG2 . THR A 1 47 ? 6.86477   -6.22397  -2.20459  1.000 17.12000 ? 46  THR A CG2 1 
ATOM   355  N N   . VAL A 1 48 ? 4.65737   -6.69430  -4.83521  1.000 12.66000 ? 47  VAL A N   1 
ATOM   356  C CA  . VAL A 1 48 ? 3.22682   -6.94399  -4.73580  1.000 13.29000 ? 47  VAL A CA  1 
ATOM   357  C C   . VAL A 1 48 ? 2.84542   -7.03850  -3.26583  1.000 12.67000 ? 47  VAL A C   1 
ATOM   358  O O   . VAL A 1 48 ? 3.46532   -7.78707  -2.49602  1.000 14.45000 ? 47  VAL A O   1 
ATOM   359  C CB  . VAL A 1 48 ? 2.83424   -8.20477  -5.52089  1.000 13.76000 ? 47  VAL A CB  1 
ATOM   360  C CG1 . VAL A 1 48 ? 1.33969   -8.44221  -5.41388  1.000 15.14000 ? 47  VAL A CG1 1 
ATOM   361  C CG2 . VAL A 1 48 ? 3.27351   -8.07626  -6.97389  1.000 15.44000 ? 47  VAL A CG2 1 
ATOM   362  N N   . VAL A 1 49 ? 1.84073   -6.26376  -2.86658  1.000 12.41000 ? 48  VAL A N   1 
ATOM   363  C CA  . VAL A 1 49 ? 1.35869   -6.25598  -1.48617  1.000 13.16000 ? 48  VAL A CA  1 
ATOM   364  C C   . VAL A 1 49 ? 0.19469   -7.22529  -1.30560  1.000 13.01000 ? 48  VAL A C   1 
ATOM   365  O O   . VAL A 1 49 ? 0.13489   -7.95766  -0.31557  1.000 15.68000 ? 48  VAL A O   1 
ATOM   366  C CB  . VAL A 1 49 ? 1.00845   -4.81512  -1.05764  1.000 12.91000 ? 48  VAL A CB  1 
ATOM   367  C CG1 . VAL A 1 49 ? 0.25131   -4.80226  0.25990   1.000 14.55000 ? 48  VAL A CG1 1 
ATOM   368  C CG2 . VAL A 1 49 ? 2.27508   -3.99069  -0.94838  1.000 13.99000 ? 48  VAL A CG2 1 
ATOM   369  N N   . SER A 1 50 ? -0.74646  -7.24188  -2.24199  1.000 13.01000 ? 49  SER A N   1 
ATOM   370  C CA  . SER A 1 50 ? -1.85871  -8.18273  -2.22233  1.000 13.33000 ? 49  SER A CA  1 
ATOM   371  C C   . SER A 1 50 ? -2.25393  -8.48664  -3.65543  1.000 12.91000 ? 49  SER A C   1 
ATOM   372  O O   . SER A 1 50 ? -2.12435  -7.63993  -4.54095  1.000 12.88000 ? 49  SER A O   1 
ATOM   373  C CB  . SER A 1 50 ? -3.05749  -7.66865  -1.41662  1.000 14.03000 ? 49  SER A CB  1 
ATOM   374  O OG  . SER A 1 50 ? -3.74510  -6.63061  -2.08041  1.000 13.10000 ? 49  SER A OG  1 
ATOM   375  N N   . GLY A 1 51 ? -2.75394  -9.70038  -3.87288  1.000 13.22000 ? 50  GLY A N   1 
ATOM   376  C CA  . GLY A 1 51 ? -3.24717  -10.07132 -5.18489  1.000 14.34000 ? 50  GLY A CA  1 
ATOM   377  C C   . GLY A 1 51 ? -2.11779  -10.53108 -6.08987  1.000 13.93000 ? 50  GLY A C   1 
ATOM   378  O O   . GLY A 1 51 ? -1.14196  -11.13990 -5.65180  1.000 14.93000 ? 50  GLY A O   1 
ATOM   379  N N   . ALA A 1 52 ? -2.25408  -10.22782 -7.37556  1.000 13.78000 ? 51  ALA A N   1 
ATOM   380  C CA  . ALA A 1 52 ? -1.25881  -10.66989 -8.33931  1.000 13.84000 ? 51  ALA A CA  1 
ATOM   381  C C   . ALA A 1 52 ? -1.19439  -9.67521  -9.48530  1.000 13.29000 ? 51  ALA A C   1 
ATOM   382  O O   . ALA A 1 52 ? -2.22179  -9.15272  -9.92120  1.000 14.28000 ? 51  ALA A O   1 
ATOM   383  C CB  . ALA A 1 52 ? -1.57780  -12.07146 -8.88165  1.000 15.83000 ? 51  ALA A CB  1 
ATOM   384  N N   . LEU A 1 53 ? 0.01700   -9.42246  -9.96545  1.000 13.32000 ? 52  LEU A N   1 
ATOM   385  C CA  . LEU A 1 53 ? 0.24192   -8.61161  -11.15272 1.000 13.22000 ? 52  LEU A CA  1 
ATOM   386  C C   . LEU A 1 53 ? 0.89488   -9.48432  -12.21285 1.000 14.17000 ? 52  LEU A C   1 
ATOM   387  O O   . LEU A 1 53 ? 1.91011   -10.13608 -11.94489 1.000 15.23000 ? 52  LEU A O   1 
ATOM   388  C CB  . LEU A 1 53 ? 1.16163   -7.42902  -10.83876 1.000 13.51000 ? 52  LEU A CB  1 
ATOM   389  C CG  . LEU A 1 53 ? 0.63146   -6.39119  -9.85229  1.000 14.47000 ? 52  LEU A CG  1 
ATOM   390  C CD1 . LEU A 1 53 ? 1.69651   -5.34737  -9.58848  1.000 15.53000 ? 52  LEU A CD1 1 
ATOM   391  C CD2 . LEU A 1 53 ? -0.64705  -5.74917  -10.35630 1.000 14.68000 ? 52  LEU A CD2 1 
ATOM   392  N N   . LYS A 1 54 ? 0.32074   -9.50037  -13.40888 1.000 13.40000 ? 53  LYS A N   1 
ATOM   393  C CA  . LYS A 1 54 ? 0.90228   -10.21879 -14.53563 1.000 13.71000 ? 53  LYS A CA  1 
ATOM   394  C C   . LYS A 1 54 ? 1.57385   -9.18036  -15.42750 1.000 13.56000 ? 53  LYS A C   1 
ATOM   395  O O   . LYS A 1 54 ? 0.91692   -8.24823  -15.89795 1.000 13.10000 ? 53  LYS A O   1 
ATOM   396  C CB  . LYS A 1 54 ? -0.17833  -10.99757 -15.28145 1.000 14.15000 ? 53  LYS A CB  1 
ATOM   397  C CG  . LYS A 1 54 ? 0.33576   -11.82594 -16.43903 1.000 15.08000 ? 53  LYS A CG  1 
ATOM   398  C CD  . LYS A 1 54 ? -0.72503  -12.78375 -16.94132 1.000 16.46000 ? 53  LYS A CD  1 
ATOM   399  C CE  . LYS A 1 54 ? -0.21303  -13.62646 -18.08972 1.000 16.53000 ? 53  LYS A CE  1 
ATOM   400  N NZ  . LYS A 1 54 ? -1.20434  -14.66656 -18.47279 1.000 17.92000 ? 53  LYS A NZ  1 
ATOM   401  N N   . VAL A 1 55 ? 2.88290   -9.31576  -15.62277 1.000 12.48000 ? 54  VAL A N   1 
ATOM   402  C CA  . VAL A 1 55 ? 3.70831   -8.21199  -16.09519 1.000 14.17000 ? 54  VAL A CA  1 
ATOM   403  C C   . VAL A 1 55 ? 4.52639   -8.63395  -17.30558 1.000 12.88000 ? 54  VAL A C   1 
ATOM   404  O O   . VAL A 1 55 ? 5.05878   -9.75086  -17.35521 1.000 14.21000 ? 54  VAL A O   1 
ATOM   405  C CB  . VAL A 1 55 ? 4.61512   -7.68341  -14.96219 1.000 15.50000 ? 54  VAL A CB  1 
ATOM   406  C CG1 . VAL A 1 55 ? 5.50589   -6.55996  -15.44410 1.000 19.10000 ? 54  VAL A CG1 1 
ATOM   407  C CG2 . VAL A 1 55 ? 3.76402   -7.21403  -13.79233 1.000 17.17000 ? 54  VAL A CG2 1 
ATOM   408  N N   . LEU A 1 56 ? 4.63391   -7.72419  -18.27078 1.000 13.47000 ? 55  LEU A N   1 
ATOM   409  C CA  . LEU A 1 56 ? 5.49742   -7.87026  -19.43598 1.000 13.16000 ? 55  LEU A CA  1 
ATOM   410  C C   . LEU A 1 56 ? 6.56997   -6.79196  -19.31450 1.000 14.25000 ? 55  LEU A C   1 
ATOM   411  O O   . LEU A 1 56 ? 6.27702   -5.59747  -19.44155 1.000 14.34000 ? 55  LEU A O   1 
ATOM   412  C CB  . LEU A 1 56 ? 4.67916   -7.71722  -20.71572 1.000 14.42000 ? 55  LEU A CB  1 
ATOM   413  C CG  . LEU A 1 56 ? 5.40579   -7.98925  -22.03005 1.000 14.63000 ? 55  LEU A CG  1 
ATOM   414  C CD1 . LEU A 1 56 ? 5.88583   -9.42655  -22.09677 1.000 17.80000 ? 55  LEU A CD1 1 
ATOM   415  C CD2 . LEU A 1 56 ? 4.47301   -7.69979  -23.19449 1.000 16.15000 ? 55  LEU A CD2 1 
ATOM   416  N N   . LEU A 1 57 ? 7.79907   -7.21301  -19.03548 1.000 15.03000 ? 56  LEU A N   1 
ATOM   417  C CA  . LEU A 1 57 ? 8.91629   -6.32418  -18.75586 1.000 15.96000 ? 56  LEU A CA  1 
ATOM   418  C C   . LEU A 1 57 ? 9.74759   -6.08716  -20.00863 1.000 16.97000 ? 56  LEU A C   1 
ATOM   419  O O   . LEU A 1 57 ? 9.75172   -6.91549  -20.92734 1.000 18.71000 ? 56  LEU A O   1 
ATOM   420  C CB  . LEU A 1 57 ? 9.82031   -6.93374  -17.68406 1.000 16.43000 ? 56  LEU A CB  1 
ATOM   421  C CG  . LEU A 1 57 ? 9.17873   -7.02178  -16.30302 1.000 17.84000 ? 56  LEU A CG  1 
ATOM   422  C CD1 . LEU A 1 57 ? 10.04714  -7.82581  -15.34916 1.000 22.19000 ? 56  LEU A CD1 1 
ATOM   423  C CD2 . LEU A 1 57 ? 8.93126   -5.62153  -15.75463 1.000 20.54000 ? 56  LEU A CD2 1 
ATOM   424  N N   . PRO A 1 58 ? 10.45045  -4.95411  -20.06486 1.000 17.93000 ? 57  PRO A N   1 
ATOM   425  C CA  . PRO A 1 58 ? 11.39616  -4.71847  -21.16477 1.000 22.24000 ? 57  PRO A CA  1 
ATOM   426  C C   . PRO A 1 58 ? 12.37996  -5.86686  -21.30423 1.000 19.81000 ? 57  PRO A C   1 
ATOM   427  O O   . PRO A 1 58 ? 12.84099  -6.44129  -20.31613 1.000 23.03000 ? 57  PRO A O   1 
ATOM   428  C CB  . PRO A 1 58 ? 12.12205  -3.43647  -20.74635 1.000 23.66000 ? 57  PRO A CB  1 
ATOM   429  C CG  . PRO A 1 58 ? 11.23612  -2.77585  -19.78906 1.000 19.92000 ? 57  PRO A CG  1 
ATOM   430  C CD  . PRO A 1 58 ? 10.42648  -3.83968  -19.10155 1.000 17.09000 ? 57  PRO A CD  1 
ATOM   431  N N   . GLY A 1 59 ? 12.69495  -6.20842  -22.55019 1.000 24.06000 ? 58  GLY A N   1 
ATOM   432  C CA  . GLY A 1 59 ? 13.67876  -7.23060  -22.81925 1.000 26.52000 ? 58  GLY A CA  1 
ATOM   433  C C   . GLY A 1 59 ? 13.12630  -8.63184  -22.85277 1.000 25.92000 ? 58  GLY A C   1 
ATOM   434  O O   . GLY A 1 59 ? 13.89096  -9.57940  -23.07094 1.000 28.02000 ? 58  GLY A O   1 
ATOM   435  N N   . THR A 1 60 ? 11.82713  -8.79826  -22.62524 1.000 23.66000 ? 59  THR A N   1 
ATOM   436  C CA  . THR A 1 60 ? 11.18856  -10.10053 -22.62089 1.000 23.32000 ? 59  THR A CA  1 
ATOM   437  C C   . THR A 1 60 ? 9.93400   -10.04188 -23.47890 1.000 19.74000 ? 59  THR A C   1 
ATOM   438  O O   . THR A 1 60 ? 9.31001   -8.98848  -23.61812 1.000 22.17000 ? 59  THR A O   1 
ATOM   439  C CB  . THR A 1 60 ? 10.78591  -10.48736 -21.19167 1.000 26.64000 ? 59  THR A CB  1 
ATOM   440  O OG1 . THR A 1 60 ? 9.62837   -9.73490  -20.80398 1.000 27.45000 ? 59  THR A OG1 1 
ATOM   441  C CG2 . THR A 1 60 ? 11.91885  -10.20269 -20.20815 1.000 28.80000 ? 59  THR A CG2 1 
ATOM   442  N N   . VAL A 1 61 ? 9.57129   -11.18705 -24.05726 1.000 19.39000 ? 60  VAL A N   1 
ATOM   443  C CA  . VAL A 1 61 ? 8.29927   -11.34748 -24.75490 1.000 18.50000 ? 60  VAL A CA  1 
ATOM   444  C C   . VAL A 1 61 ? 7.33827   -12.23261 -23.98963 1.000 17.71000 ? 60  VAL A C   1 
ATOM   445  O O   . VAL A 1 61 ? 6.23275   -12.50934 -24.47874 1.000 19.36000 ? 60  VAL A O   1 
ATOM   446  C CB  . VAL A 1 61 ? 8.47649   -11.82499 -26.20895 1.000 21.72000 ? 60  VAL A CB  1 
ATOM   447  C CG1 . VAL A 1 61 ? 9.49499   -10.95421 -26.91929 1.000 23.90000 ? 60  VAL A CG1 1 
ATOM   448  C CG2 . VAL A 1 61 ? 8.89172   -13.28491 -26.24101 1.000 23.22000 ? 60  VAL A CG2 1 
ATOM   449  N N   . GLU A 1 62 ? 7.71110   -12.63952 -22.78595 1.000 17.38000 ? 61  GLU A N   1 
ATOM   450  C CA  . GLU A 1 62 ? 6.98337   -13.57228 -21.94374 1.000 19.55000 ? 61  GLU A CA  1 
ATOM   451  C C   . GLU A 1 62 ? 6.38269   -12.79605 -20.77575 1.000 17.28000 ? 61  GLU A C   1 
ATOM   452  O O   . GLU A 1 62 ? 7.10584   -12.06323 -20.09148 1.000 18.04000 ? 61  GLU A O   1 
ATOM   453  C CB  . GLU A 1 62 ? 8.10945   -14.38579 -21.31416 1.000 29.02000 ? 61  GLU A CB  1 
ATOM   454  C CG  . GLU A 1 62 ? 7.81522   -15.40222 -20.27614 1.000 34.49000 ? 61  GLU A CG  1 
ATOM   455  C CD  . GLU A 1 62 ? 8.67488   -16.64249 -20.42274 1.000 42.68000 ? 61  GLU A CD  1 
ATOM   456  O OE1 . GLU A 1 62 ? 9.69604   -16.58925 -21.14418 1.000 44.01000 ? 61  GLU A OE1 1 
ATOM   457  O OE2 . GLU A 1 62 ? 8.39074   -17.63413 -19.72841 1.000 46.28000 ? 61  GLU A OE2 1 
ATOM   458  N N   . TRP A 1 63 ? 5.09449   -13.01794 -20.49289 1.000 16.21000 ? 62  TRP A N   1 
ATOM   459  C CA  . TRP A 1 63 ? 4.47514   -12.46615 -19.28781 1.000 14.89000 ? 62  TRP A CA  1 
ATOM   460  C C   . TRP A 1 63 ? 4.90162   -13.29522 -18.08105 1.000 16.19000 ? 62  TRP A C   1 
ATOM   461  O O   . TRP A 1 63 ? 5.15458   -14.50106 -18.18549 1.000 17.59000 ? 62  TRP A O   1 
ATOM   462  C CB  . TRP A 1 63 ? 2.94377   -12.49722 -19.38358 1.000 15.85000 ? 62  TRP A CB  1 
ATOM   463  C CG  . TRP A 1 63 ? 2.37121   -11.58460 -20.41590 1.000 14.30000 ? 62  TRP A CG  1 
ATOM   464  C CD1 . TRP A 1 63 ? 2.20205   -11.85247 -21.75039 1.000 15.82000 ? 62  TRP A CD1 1 
ATOM   465  C CD2 . TRP A 1 63 ? 1.91240   -10.23740 -20.21655 1.000 13.56000 ? 62  TRP A CD2 1 
ATOM   466  N NE1 . TRP A 1 63 ? 1.65414   -10.76565 -22.38457 1.000 14.56000 ? 62  TRP A NE1 1 
ATOM   467  C CE2 . TRP A 1 63 ? 1.47959   -9.75581  -21.47190 1.000 13.67000 ? 62  TRP A CE2 1 
ATOM   468  C CE3 . TRP A 1 63 ? 1.81598   -9.39411  -19.09905 1.000 14.01000 ? 62  TRP A CE3 1 
ATOM   469  C CZ2 . TRP A 1 63 ? 0.96144   -8.47864  -21.63726 1.000 13.55000 ? 62  TRP A CZ2 1 
ATOM   470  C CZ3 . TRP A 1 63 ? 1.30638   -8.12236  -19.26777 1.000 14.06000 ? 62  TRP A CZ3 1 
ATOM   471  C CH2 . TRP A 1 63 ? 0.88510   -7.67469  -20.52624 1.000 14.04000 ? 62  TRP A CH2 1 
ATOM   472  N N   . LYS A 1 64 ? 4.94067   -12.65751 -16.91680 1.000 14.77000 ? 63  LYS A N   1 
ATOM   473  C CA  . LYS A 1 64 ? 5.22407   -13.37112 -15.68110 1.000 17.58000 ? 63  LYS A CA  1 
ATOM   474  C C   . LYS A 1 64 ? 4.30334   -12.86185 -14.58939 1.000 15.75000 ? 63  LYS A C   1 
ATOM   475  O O   . LYS A 1 64 ? 4.05250   -11.65708 -14.49684 1.000 15.40000 ? 63  LYS A O   1 
ATOM   476  C CB  . LYS A 1 64 ? 6.67773   -13.18378 -15.24811 1.000 17.40000 ? 63  LYS A CB  1 
ATOM   477  C CG  . LYS A 1 64 ? 7.05013   -14.02395 -14.04282 1.000 21.54000 ? 63  LYS A CG  1 
ATOM   478  C CD  . LYS A 1 64 ? 8.54133   -14.01707 -13.76387 1.000 26.20000 ? 63  LYS A CD  1 
ATOM   479  C CE  . LYS A 1 64 ? 8.85271   -14.91852 -12.58273 1.000 30.60000 ? 63  LYS A CE  1 
ATOM   480  N NZ  . LYS A 1 64 ? 7.65992   -15.05422 -11.69977 1.000 35.48000 ? 63  LYS A NZ  1 
ATOM   481  N N   . VAL A 1 65 ? 3.79808   -13.78064 -13.77387 1.000 16.15000 ? 64  VAL A N   1 
ATOM   482  C CA  . VAL A 1 65 ? 2.89547   -13.44467 -12.68067 1.000 15.75000 ? 64  VAL A CA  1 
ATOM   483  C C   . VAL A 1 65 ? 3.70061   -13.27631 -11.40223 1.000 16.25000 ? 64  VAL A C   1 
ATOM   484  O O   . VAL A 1 65 ? 4.53201   -14.12577 -11.05439 1.000 18.36000 ? 64  VAL A O   1 
ATOM   485  C CB  . VAL A 1 65 ? 1.81303   -14.52036 -12.51298 1.000 16.91000 ? 64  VAL A CB  1 
ATOM   486  C CG1 . VAL A 1 65 ? 0.89336   -14.15287 -11.35712 1.000 18.26000 ? 64  VAL A CG1 1 
ATOM   487  C CG2 . VAL A 1 65 ? 1.02389   -14.67073 -13.79718 1.000 18.28000 ? 64  VAL A CG2 1 
ATOM   488  N N   . TYR A 1 66 ? 3.44972   -12.17806 -10.69870 1.000 15.63000 ? 65  TYR A N   1 
ATOM   489  C CA  . TYR A 1 66 ? 4.05380   -11.90197 -9.40573  1.000 15.54000 ? 65  TYR A CA  1 
ATOM   490  C C   . TYR A 1 66 ? 2.94925   -11.81403 -8.36900  1.000 15.82000 ? 65  TYR A C   1 
ATOM   491  O O   . TYR A 1 66 ? 1.96990   -11.08534 -8.56176  1.000 16.01000 ? 65  TYR A O   1 
ATOM   492  C CB  . TYR A 1 66 ? 4.83781   -10.59204 -9.45142  1.000 15.71000 ? 65  TYR A CB  1 
ATOM   493  C CG  . TYR A 1 66 ? 5.96913   -10.63371 -10.44703 1.000 16.98000 ? 65  TYR A CG  1 
ATOM   494  C CD1 . TYR A 1 66 ? 7.23494   -11.06232 -10.07207 1.000 20.26000 ? 65  TYR A CD1 1 
ATOM   495  C CD2 . TYR A 1 66 ? 5.77015   -10.26337 -11.76777 1.000 18.36000 ? 65  TYR A CD2 1 
ATOM   496  C CE1 . TYR A 1 66 ? 8.27614   -11.11286 -10.99182 1.000 20.02000 ? 65  TYR A CE1 1 
ATOM   497  C CE2 . TYR A 1 66 ? 6.80028   -10.30937 -12.68587 1.000 20.54000 ? 65  TYR A CE2 1 
ATOM   498  C CZ  . TYR A 1 66 ? 8.04660   -10.73382 -12.29323 1.000 20.30000 ? 65  TYR A CZ  1 
ATOM   499  O OH  . TYR A 1 66 ? 9.07858   -10.77951 -13.21010 1.000 23.60000 ? 65  TYR A OH  1 
ATOM   500  N N   . THR A 1 67 ? 3.11023   -12.55744 -7.28014  1.000 17.12000 ? 66  THR A N   1 
ATOM   501  C CA  . THR A 1 67 ? 2.13179   -12.64041 -6.20762  1.000 17.43000 ? 66  THR A CA  1 
ATOM   502  C C   . THR A 1 67 ? 2.65486   -11.91970 -4.96786  1.000 16.45000 ? 66  THR A C   1 
ATOM   503  O O   . THR A 1 67 ? 3.76099   -11.37527 -4.95720  1.000 16.28000 ? 66  THR A O   1 
ATOM   504  C CB  . THR A 1 67 ? 1.77326   -14.10258 -5.91482  1.000 18.68000 ? 66  THR A CB  1 
ATOM   505  O OG1 . THR A 1 67 ? 2.93910   -14.80770 -5.47099  1.000 19.84000 ? 66  THR A OG1 1 
ATOM   506  C CG2 . THR A 1 67 ? 1.22438   -14.77409 -7.16397  1.000 22.96000 ? 66  THR A CG2 1 
ATOM   507  N N   . ALA A 1 68 ? 1.83760   -11.92617 -3.91478  1.000 18.61000 ? 67  ALA A N   1 
ATOM   508  C CA  . ALA A 1 68 ? 2.11574   -11.14188 -2.71964  1.000 18.63000 ? 67  ALA A CA  1 
ATOM   509  C C   . ALA A 1 68 ? 3.50748   -11.42307 -2.17060  1.000 17.55000 ? 67  ALA A C   1 
ATOM   510  O O   . ALA A 1 68 ? 3.88847   -12.57917 -1.95397  1.000 18.42000 ? 67  ALA A O   1 
ATOM   511  C CB  . ALA A 1 68 ? 1.06475   -11.43654 -1.64962  1.000 21.47000 ? 67  ALA A CB  1 
ATOM   512  N N   . GLY A 1 69 ? 4.25354   -10.35119 -1.92404  1.000 17.24000 ? 68  GLY A N   1 
ATOM   513  C CA  . GLY A 1 69 ? 5.60046   -10.44323 -1.41370  1.000 19.17000 ? 68  GLY A CA  1 
ATOM   514  C C   . GLY A 1 69 ? 6.67385   -10.56989 -2.46971  1.000 17.76000 ? 68  GLY A C   1 
ATOM   515  O O   . GLY A 1 69 ? 7.85542   -10.40034 -2.14897  1.000 20.20000 ? 68  GLY A O   1 
ATOM   516  N N   . GLU A 1 70 ? 6.30623   -10.83797 -3.71755  1.000 16.45000 ? 69  GLU A N   1 
ATOM   517  C CA  . GLU A 1 70 ? 7.29446   -10.95587 -4.77403  1.000 15.49000 ? 69  GLU A CA  1 
ATOM   518  C C   . GLU A 1 70 ? 7.64392   -9.58540  -5.33777  1.000 15.42000 ? 69  GLU A C   1 
ATOM   519  O O   . GLU A 1 70 ? 6.84752   -8.63890  -5.28614  1.000 15.89000 ? 69  GLU A O   1 
ATOM   520  C CB  . GLU A 1 70 ? 6.78675   -11.89128 -5.86640  1.000 16.38000 ? 69  GLU A CB  1 
ATOM   521  C CG  . GLU A 1 70 ? 6.49389   -13.28292 -5.31237  1.000 18.07000 ? 69  GLU A CG  1 
ATOM   522  C CD  . GLU A 1 70 ? 6.26788   -14.34212 -6.37344  1.000 20.29000 ? 69  GLU A CD  1 
ATOM   523  O OE1 . GLU A 1 70 ? 5.61532   -14.05466 -7.39128  1.000 21.37000 ? 69  GLU A OE1 1 
ATOM   524  O OE2 . GLU A 1 70 ? 6.72795   -15.48812 -6.17393  1.000 27.67000 ? 69  GLU A OE2 1 
ATOM   525  N N   . VAL A 1 71 ? 8.85937   -9.48995  -5.86697  1.000 16.06000 ? 70  VAL A N   1 
ATOM   526  C CA  . VAL A 1 71 ? 9.46139   -8.22925  -6.27340  1.000 15.62000 ? 70  VAL A CA  1 
ATOM   527  C C   . VAL A 1 71 ? 9.90070   -8.33273  -7.72458  1.000 16.64000 ? 70  VAL A C   1 
ATOM   528  O O   . VAL A 1 71 ? 10.45317  -9.35539  -8.14630  1.000 17.89000 ? 70  VAL A O   1 
ATOM   529  C CB  . VAL A 1 71 ? 10.68391  -7.91189  -5.38640  1.000 17.98000 ? 70  VAL A CB  1 
ATOM   530  C CG1 . VAL A 1 71 ? 11.36416  -6.63009  -5.84407  1.000 19.98000 ? 70  VAL A CG1 1 
ATOM   531  C CG2 . VAL A 1 71 ? 10.28060  -7.82650  -3.92449  1.000 20.66000 ? 70  VAL A CG2 1 
ATOM   532  N N   . PHE A 1 72 ? 9.68297   -7.26564  -8.48528  1.000 15.34000 ? 71  PHE A N   1 
ATOM   533  C CA  . PHE A 1 72 ? 10.26031  -7.16336  -9.81562  1.000 15.68000 ? 71  PHE A CA  1 
ATOM   534  C C   . PHE A 1 72 ? 10.78860  -5.75422  -10.03489 1.000 15.36000 ? 71  PHE A C   1 
ATOM   535  O O   . PHE A 1 72 ? 10.40695  -4.80560  -9.34260  1.000 15.86000 ? 71  PHE A O   1 
ATOM   536  C CB  . PHE A 1 72 ? 9.30298   -7.60631  -10.93566 1.000 17.36000 ? 71  PHE A CB  1 
ATOM   537  C CG  . PHE A 1 72 ? 8.05062   -6.77047  -11.06012 1.000 15.73000 ? 71  PHE A CG  1 
ATOM   538  C CD1 . PHE A 1 72 ? 8.00290   -5.68885  -11.92207 1.000 16.21000 ? 71  PHE A CD1 1 
ATOM   539  C CD2 . PHE A 1 72 ? 6.90788   -7.09960  -10.34352 1.000 16.60000 ? 71  PHE A CD2 1 
ATOM   540  C CE1 . PHE A 1 72 ? 6.84544   -4.94406  -12.05639 1.000 16.21000 ? 71  PHE A CE1 1 
ATOM   541  C CE2 . PHE A 1 72 ? 5.75635   -6.35833  -10.46957 1.000 15.97000 ? 71  PHE A CE2 1 
ATOM   542  C CZ  . PHE A 1 72 ? 5.71922   -5.27992  -11.32379 1.000 16.59000 ? 71  PHE A CZ  1 
ATOM   543  N N   . ASN A 1 73 ? 11.68304  -5.62824  -11.00564 1.000 15.26000 ? 72  ASN A N   1 
ATOM   544  C CA  . ASN A 1 73 ? 12.32809  -4.36361  -11.30729 1.000 14.94000 ? 72  ASN A CA  1 
ATOM   545  C C   . ASN A 1 73 ? 11.99341  -3.94749  -12.72328 1.000 15.41000 ? 72  ASN A C   1 
ATOM   546  O O   . ASN A 1 73 ? 11.89337  -4.78774  -13.62336 1.000 16.43000 ? 72  ASN A O   1 
ATOM   547  C CB  . ASN A 1 73 ? 13.83779  -4.46947  -11.15682 1.000 18.03000 ? 72  ASN A CB  1 
ATOM   548  C CG  . ASN A 1 73 ? 14.26897  -4.34458  -9.72560  1.000 17.56000 ? 72  ASN A CG  1 
ATOM   549  O OD1 . ASN A 1 73 ? 14.49824  -3.24066  -9.23302  1.000 22.40000 ? 72  ASN A OD1 1 
ATOM   550  N ND2 . ASN A 1 73 ? 14.33802  -5.46752  -9.02735  1.000 19.56000 ? 72  ASN A ND2 1 
ATOM   551  N N   . VAL A 1 74 ? 11.81325  -2.64702  -12.91369 1.000 14.64000 ? 73  VAL A N   1 
ATOM   552  C CA  . VAL A 1 74 ? 11.59242  -2.05544  -14.22277 1.000 15.08000 ? 73  VAL A CA  1 
ATOM   553  C C   . VAL A 1 74 ? 12.70546  -1.03986  -14.45082 1.000 14.87000 ? 73  VAL A C   1 
ATOM   554  O O   . VAL A 1 74 ? 12.94941  -0.20256  -13.57977 1.000 15.32000 ? 73  VAL A O   1 
ATOM   555  C CB  . VAL A 1 74 ? 10.22024  -1.37140  -14.33606 1.000 15.43000 ? 73  VAL A CB  1 
ATOM   556  C CG1 . VAL A 1 74 ? 9.97727   -0.95808  -15.76944 1.000 16.32000 ? 73  VAL A CG1 1 
ATOM   557  C CG2 . VAL A 1 74 ? 9.11384   -2.28705  -13.83301 1.000 17.02000 ? 73  VAL A CG2 1 
ATOM   558  N N   . PRO A 1 75 ? 13.40671  -1.08624  -15.57956 1.000 15.88000 ? 74  PRO A N   1 
ATOM   559  C CA  . PRO A 1 75 ? 14.44425  -0.08268  -15.83619 1.000 15.60000 ? 74  PRO A CA  1 
ATOM   560  C C   . PRO A 1 75 ? 13.84846  1.31169   -15.94917 1.000 14.30000 ? 74  PRO A C   1 
ATOM   561  O O   . PRO A 1 75 ? 12.66128  1.49445   -16.22499 1.000 15.28000 ? 74  PRO A O   1 
ATOM   562  C CB  . PRO A 1 75 ? 15.05947  -0.51982  -17.17231 1.000 18.13000 ? 74  PRO A CB  1 
ATOM   563  C CG  . PRO A 1 75 ? 14.48558  -1.83728  -17.50302 1.000 23.05000 ? 74  PRO A CG  1 
ATOM   564  C CD  . PRO A 1 75 ? 13.27812  -2.06851  -16.66784 1.000 16.44000 ? 74  PRO A CD  1 
ATOM   565  N N   . GLY A 1 76 ? 14.70728  2.30482   -15.73674 1.000 15.44000 ? 75  GLY A N   1 
ATOM   566  C CA  . GLY A 1 76 ? 14.31463  3.67740   -15.95829 1.000 15.79000 ? 75  GLY A CA  1 
ATOM   567  C C   . GLY A 1 76 ? 14.21082  4.00763   -17.43425 1.000 14.28000 ? 75  GLY A C   1 
ATOM   568  O O   . GLY A 1 76 ? 14.68885  3.27321   -18.30085 1.000 15.14000 ? 75  GLY A O   1 
ATOM   569  N N   . HIS A 1 77 ? 13.56337  5.13895   -17.71355 1.000 14.10000 ? 76  HIS A N   1 
ATOM   570  C CA  . HIS A 1 77 ? 13.38961  5.63915   -19.07545 1.000 14.05000 ? 76  HIS A CA  1 
ATOM   571  C C   . HIS A 1 77 ? 12.86532  4.55188   -20.00850 1.000 13.57000 ? 76  HIS A C   1 
ATOM   572  O O   . HIS A 1 77 ? 13.37157  4.34376   -21.11239 1.000 14.48000 ? 76  HIS A O   1 
ATOM   573  C CB  . HIS A 1 77 ? 14.67229  6.27845   -19.60808 1.000 14.59000 ? 76  HIS A CB  1 
ATOM   574  C CG  . HIS A 1 77 ? 15.09720  7.47157   -18.81961 1.000 14.55000 ? 76  HIS A CG  1 
ATOM   575  N ND1 . HIS A 1 77 ? 15.89086  7.37805   -17.69808 1.000 18.70000 ? 76  HIS A ND1 1 
ATOM   576  C CD2 . HIS A 1 77 ? 14.79260  8.78281   -18.95922 1.000 16.98000 ? 76  HIS A CD2 1 
ATOM   577  C CE1 . HIS A 1 77 ? 16.07832  8.58666   -17.19575 1.000 17.80000 ? 76  HIS A CE1 1 
ATOM   578  N NE2 . HIS A 1 77 ? 15.41567  9.45393   -17.93587 1.000 17.64000 ? 76  HIS A NE2 1 
ATOM   579  N N   . SER A 1 78 ? 11.82624  3.86039   -19.55530 1.000 14.55000 ? 77  SER A N   1 
ATOM   580  C CA  . SER A 1 78 ? 11.33645  2.66406   -20.23307 1.000 14.09000 ? 77  SER A CA  1 
ATOM   581  C C   . SER A 1 78 ? 9.83292   2.56039   -20.00006 1.000 13.85000 ? 77  SER A C   1 
ATOM   582  O O   . SER A 1 78 ? 9.15696   3.56106   -19.75738 1.000 14.31000 ? 77  SER A O   1 
ATOM   583  C CB  . SER A 1 78 ? 12.11999  1.42722   -19.76744 1.000 16.67000 ? 77  SER A CB  1 
ATOM   584  O OG  . SER A 1 78 ? 11.82949  0.31431   -20.59231 1.000 18.31000 ? 77  SER A OG  1 
ATOM   585  N N   . GLU A 1 79 ? 9.29015   1.34975   -20.10739 1.000 14.51000 ? 78  GLU A N   1 
ATOM   586  C CA  . GLU A 1 79 ? 7.86841   1.14300   -19.86884 1.000 14.15000 ? 78  GLU A CA  1 
ATOM   587  C C   . GLU A 1 79 ? 7.64183   -0.32292  -19.55913 1.000 15.07000 ? 78  GLU A C   1 
ATOM   588  O O   . GLU A 1 79 ? 8.48225   -1.17152  -19.85578 1.000 15.74000 ? 78  GLU A O   1 
ATOM   589  C CB  . GLU A 1 79 ? 7.02233   1.59463   -21.06247 1.000 15.31000 ? 78  GLU A CB  1 
ATOM   590  C CG  . GLU A 1 79 ? 7.18273   0.74389   -22.30787 1.000 15.92000 ? 78  GLU A CG  1 
ATOM   591  C CD  . GLU A 1 79 ? 6.48674   1.35279   -23.50087 1.000 16.90000 ? 78  GLU A CD  1 
ATOM   592  O OE1 . GLU A 1 79 ? 5.75421   0.62737   -24.20959 1.000 20.62000 ? 78  GLU A OE1 1 
ATOM   593  O OE2 . GLU A 1 79 ? 6.66236   2.56971   -23.73589 1.000 17.76000 ? 78  GLU A OE2 1 
ATOM   594  N N   . PHE A 1 80 ? 6.49508   -0.60430  -18.94554 1.000 13.83000 ? 79  PHE A N   1 
ATOM   595  C CA  . PHE A 1 80 ? 6.10954   -1.97757  -18.66131 1.000 13.97000 ? 79  PHE A CA  1 
ATOM   596  C C   . PHE A 1 80 ? 4.59817   -2.09133  -18.72972 1.000 12.86000 ? 79  PHE A C   1 
ATOM   597  O O   . PHE A 1 80 ? 3.87964   -1.08825  -18.69609 1.000 14.13000 ? 79  PHE A O   1 
ATOM   598  C CB  . PHE A 1 80 ? 6.70615   -2.50918  -17.35034 1.000 15.51000 ? 79  PHE A CB  1 
ATOM   599  C CG  . PHE A 1 80 ? 6.12164   -1.91156  -16.09418 1.000 14.19000 ? 79  PHE A CG  1 
ATOM   600  C CD1 . PHE A 1 80 ? 6.26702   -0.55907  -15.79713 1.000 15.37000 ? 79  PHE A CD1 1 
ATOM   601  C CD2 . PHE A 1 80 ? 5.47655   -2.72256  -15.16947 1.000 16.22000 ? 79  PHE A CD2 1 
ATOM   602  C CE1 . PHE A 1 80 ? 5.75045   -0.02780  -14.61842 1.000 16.34000 ? 79  PHE A CE1 1 
ATOM   603  C CE2 . PHE A 1 80 ? 4.96333   -2.19121  -13.99337 1.000 18.21000 ? 79  PHE A CE2 1 
ATOM   604  C CZ  . PHE A 1 80 ? 5.10385   -0.85186  -13.71753 1.000 18.49000 ? 79  PHE A CZ  1 
ATOM   605  N N   . HIS A 1 81 ? 4.12910   -3.33083  -18.85917 1.000 12.54000 ? 80  HIS A N   1 
ATOM   606  C CA  . HIS A 1 81 ? 2.73439   -3.62249  -19.15566 1.000 13.47000 ? 80  HIS A CA  1 
ATOM   607  C C   . HIS A 1 81 ? 2.20739   -4.59399  -18.12040 1.000 12.51000 ? 80  HIS A C   1 
ATOM   608  O O   . HIS A 1 81 ? 2.92495   -5.49873  -17.68444 1.000 13.13000 ? 80  HIS A O   1 
ATOM   609  C CB  . HIS A 1 81 ? 2.60476   -4.20782  -20.56221 1.000 13.27000 ? 80  HIS A CB  1 
ATOM   610  C CG  . HIS A 1 81 ? 3.49733   -3.52302  -21.54139 1.000 14.08000 ? 80  HIS A CG  1 
ATOM   611  N ND1 . HIS A 1 81 ? 3.22411   -2.26237  -22.02803 1.000 14.18000 ? 80  HIS A ND1 1 
ATOM   612  C CD2 . HIS A 1 81 ? 4.69732   -3.87861  -22.05659 1.000 14.23000 ? 80  HIS A CD2 1 
ATOM   613  C CE1 . HIS A 1 81 ? 4.21075   -1.88117  -22.82136 1.000 13.94000 ? 80  HIS A CE1 1 
ATOM   614  N NE2 . HIS A 1 81 ? 5.11323   -2.84383  -22.85972 1.000 15.42000 ? 80  HIS A NE2 1 
ATOM   615  N N   . LEU A 1 82 ? 0.94020   -4.41504  -17.74777 1.000 12.90000 ? 81  LEU A N   1 
ATOM   616  C CA  . LEU A 1 82 ? 0.31395   -5.20648  -16.70130 1.000 12.51000 ? 81  LEU A CA  1 
ATOM   617  C C   . LEU A 1 82 ? -1.05756  -5.69217  -17.13498 1.000 12.65000 ? 81  LEU A C   1 
ATOM   618  O O   . LEU A 1 82 ? -1.81436  -4.95897  -17.78216 1.000 13.72000 ? 81  LEU A O   1 
ATOM   619  C CB  . LEU A 1 82 ? 0.12869   -4.39448  -15.41611 1.000 13.70000 ? 81  LEU A CB  1 
ATOM   620  C CG  . LEU A 1 82 ? 1.39137   -3.74369  -14.84860 1.000 13.29000 ? 81  LEU A CG  1 
ATOM   621  C CD1 . LEU A 1 82 ? 1.43616   -2.27329  -15.21462 1.000 16.17000 ? 81  LEU A CD1 1 
ATOM   622  C CD2 . LEU A 1 82 ? 1.48833   -3.93620  -13.33813 1.000 15.62000 ? 81  LEU A CD2 1 
ATOM   623  N N   . GLN A 1 83 ? -1.37051  -6.92800  -16.74808 1.000 12.51000 ? 82  GLN A N   1 
ATOM   624  C CA  . GLN A 1 83 ? -2.72873  -7.45174  -16.72144 1.000 12.16000 ? 82  GLN A CA  1 
ATOM   625  C C   . GLN A 1 83 ? -3.08595  -7.69555  -15.26755 1.000 12.62000 ? 82  GLN A C   1 
ATOM   626  O O   . GLN A 1 83 ? -2.29206  -8.27809  -14.52142 1.000 13.81000 ? 82  GLN A O   1 
ATOM   627  C CB  . GLN A 1 83 ? -2.84974  -8.76914  -17.48579 1.000 13.76000 ? 82  GLN A CB  1 
ATOM   628  C CG  . GLN A 1 83 ? -2.55707  -8.68597  -18.96297 1.000 14.40000 ? 82  GLN A CG  1 
ATOM   629  C CD  . GLN A 1 83 ? -2.57930  -10.05051 -19.60472 1.000 15.39000 ? 82  GLN A CD  1 
ATOM   630  O OE1 . GLN A 1 83 ? -3.60235  -10.74206 -19.58114 1.000 18.17000 ? 82  GLN A OE1 1 
ATOM   631  N NE2 . GLN A 1 83 ? -1.44868  -10.46517 -20.15164 1.000 15.34000 ? 82  GLN A NE2 1 
ATOM   632  N N   . VAL A 1 84 ? -4.26830  -7.23937  -14.87429 1.000 13.36000 ? 83  VAL A N   1 
ATOM   633  C CA  . VAL A 1 84 ? -4.72207  -7.30810  -13.49522 1.000 12.38000 ? 83  VAL A CA  1 
ATOM   634  C C   . VAL A 1 84 ? -6.10790  -7.94755  -13.50407 1.000 13.14000 ? 83  VAL A C   1 
ATOM   635  O O   . VAL A 1 84 ? -7.04237  -7.39120  -14.09159 1.000 13.75000 ? 83  VAL A O   1 
ATOM   636  C CB  . VAL A 1 84 ? -4.74108  -5.90771  -12.85505 1.000 12.59000 ? 83  VAL A CB  1 
ATOM   637  C CG1 . VAL A 1 84 ? -5.13970  -5.99381  -11.40613 1.000 14.53000 ? 83  VAL A CG1 1 
ATOM   638  C CG2 . VAL A 1 84 ? -3.37051  -5.22355  -13.00821 1.000 14.40000 ? 83  VAL A CG2 1 
ATOM   639  N N   . ALA A 1 85 ? -6.23721  -9.12726  -12.88140 1.000 13.46000 ? 84  ALA A N   1 
ATOM   640  C CA  . ALA A 1 85 ? -7.48633  -9.88486  -12.97501 1.000 14.12000 ? 84  ALA A CA  1 
ATOM   641  C C   . ALA A 1 85 ? -8.53039  -9.40750  -11.97116 1.000 14.85000 ? 84  ALA A C   1 
ATOM   642  O O   . ALA A 1 85 ? -9.73490  -9.53055  -12.21600 1.000 15.03000 ? 84  ALA A O   1 
ATOM   643  C CB  . ALA A 1 85 ? -7.21251  -11.37522 -12.76454 1.000 17.31000 ? 84  ALA A CB  1 
ATOM   644  N N   . GLU A 1 86 ? -8.08056  -8.92440  -10.82184 1.000 14.70000 ? 85  GLU A N   1 
ATOM   645  C CA  . GLU A 1 86 ? -8.91009  -8.29957  -9.80174  1.000 14.82000 ? 85  GLU A CA  1 
ATOM   646  C C   . GLU A 1 86 ? -7.99047  -7.38550  -9.00908  1.000 13.68000 ? 85  GLU A C   1 
ATOM   647  O O   . GLU A 1 86 ? -6.76685  -7.45086  -9.17492  1.000 13.87000 ? 85  GLU A O   1 
ATOM   648  C CB  . GLU A 1 86 ? -9.58446  -9.35472  -8.89901  1.000 14.88000 ? 85  GLU A CB  1 
ATOM   649  C CG  . GLU A 1 86 ? -8.63033  -10.09924 -7.99365  1.000 15.61000 ? 85  GLU A CG  1 
ATOM   650  C CD  . GLU A 1 86 ? -9.34287  -10.97604 -6.97457  1.000 15.83000 ? 85  GLU A CD  1 
ATOM   651  O OE1 . GLU A 1 86 ? -8.70304  -11.91394 -6.46795  1.000 18.59000 ? 85  GLU A OE1 1 
ATOM   652  O OE2 . GLU A 1 86 ? -10.53488 -10.73632 -6.68465  1.000 18.27000 ? 85  GLU A OE2 1 
ATOM   653  N N   . PRO A 1 87 ? -8.52664  -6.49987  -8.17450  1.000 13.22000 ? 86  PRO A N   1 
ATOM   654  C CA  . PRO A 1 87 ? -7.65930  -5.47749  -7.57101  1.000 13.54000 ? 86  PRO A CA  1 
ATOM   655  C C   . PRO A 1 87 ? -6.42484  -6.06056  -6.89471  1.000 13.04000 ? 86  PRO A C   1 
ATOM   656  O O   . PRO A 1 87 ? -6.48703  -7.07804  -6.19673  1.000 13.31000 ? 86  PRO A O   1 
ATOM   657  C CB  . PRO A 1 87 ? -8.58531  -4.77294  -6.57907  1.000 14.32000 ? 86  PRO A CB  1 
ATOM   658  C CG  . PRO A 1 87 ? -9.92029  -4.86520  -7.26758  1.000 15.24000 ? 86  PRO A CG  1 
ATOM   659  C CD  . PRO A 1 87 ? -9.94775  -6.24216  -7.86734  1.000 15.16000 ? 86  PRO A CD  1 
ATOM   660  N N   . ALA A 1 88 ? -5.28715  -5.41583  -7.14765  1.000 13.01000 ? 87  ALA A N   1 
ATOM   661  C CA  . ALA A 1 88 ? -3.99681  -5.80968  -6.60864  1.000 13.02000 ? 87  ALA A CA  1 
ATOM   662  C C   . ALA A 1 88 ? -3.30678  -4.56419  -6.07245  1.000 12.70000 ? 87  ALA A C   1 
ATOM   663  O O   . ALA A 1 88 ? -3.37285  -3.49425  -6.68682  1.000 13.47000 ? 87  ALA A O   1 
ATOM   664  C CB  . ALA A 1 88 ? -3.12746  -6.45327  -7.69213  1.000 13.96000 ? 87  ALA A CB  1 
ATOM   665  N N   . SER A 1 89 ? -2.64563  -4.69871  -4.92966  1.000 12.57000 ? 88  SER A N   1 
ATOM   666  C CA  . SER A 1 89 ? -1.96911  -3.56202  -4.32707  1.000 12.39000 ? 88  SER A CA  1 
ATOM   667  C C   . SER A 1 89 ? -0.46708  -3.78830  -4.35269  1.000 11.89000 ? 88  SER A C   1 
ATOM   668  O O   . SER A 1 89 ? 0.01156   -4.92187  -4.43881  1.000 13.10000 ? 88  SER A O   1 
ATOM   669  C CB  . SER A 1 89 ? -2.45216  -3.28634  -2.89647  1.000 13.42000 ? 88  SER A CB  1 
ATOM   670  O OG  . SER A 1 89 ? -2.17844  -4.36590  -2.01947  1.000 12.99000 ? 88  SER A OG  1 
ATOM   671  N N   . TYR A 1 90 ? 0.28103   -2.68340  -4.27007  1.000 11.96000 ? 89  TYR A N   1 
ATOM   672  C CA  . TYR A 1 90 ? 1.71585   -2.74230  -4.50413  1.000 12.74000 ? 89  TYR A CA  1 
ATOM   673  C C   . TYR A 1 90 ? 2.42469   -1.62313  -3.75324  1.000 12.16000 ? 89  TYR A C   1 
ATOM   674  O O   . TYR A 1 90 ? 1.83047   -0.59859  -3.40380  1.000 12.58000 ? 89  TYR A O   1 
ATOM   675  C CB  . TYR A 1 90 ? 2.03526   -2.63904  -6.00620  1.000 13.58000 ? 89  TYR A CB  1 
ATOM   676  C CG  . TYR A 1 90 ? 1.60278   -1.31338  -6.59662  1.000 13.49000 ? 89  TYR A CG  1 
ATOM   677  C CD1 . TYR A 1 90 ? 0.32304   -1.13567  -7.11940  1.000 14.76000 ? 89  TYR A CD1 1 
ATOM   678  C CD2 . TYR A 1 90 ? 2.46999   -0.22073  -6.59473  1.000 14.11000 ? 89  TYR A CD2 1 
ATOM   679  C CE1 . TYR A 1 90 ? -0.06792  0.08153   -7.64721  1.000 15.49000 ? 89  TYR A CE1 1 
ATOM   680  C CE2 . TYR A 1 90 ? 2.08219   1.00390   -7.10060  1.000 16.08000 ? 89  TYR A CE2 1 
ATOM   681  C CZ  . TYR A 1 90 ? 0.81034   1.14847   -7.62042  1.000 15.17000 ? 89  TYR A CZ  1 
ATOM   682  O OH  . TYR A 1 90 ? 0.40205   2.35699   -8.14118  1.000 17.27000 ? 89  TYR A OH  1 
ATOM   683  N N   . LEU A 1 91 ? 3.72383   -1.83199  -3.55699  1.000 12.16000 ? 90  LEU A N   1 
ATOM   684  C CA  . LEU A 1 91 ? 4.66700   -0.82066  -3.10158  1.000 12.44000 ? 90  LEU A CA  1 
ATOM   685  C C   . LEU A 1 91 ? 5.67344   -0.61146  -4.22100  1.000 13.08000 ? 90  LEU A C   1 
ATOM   686  O O   . LEU A 1 91 ? 6.26043   -1.57632  -4.71977  1.000 13.85000 ? 90  LEU A O   1 
ATOM   687  C CB  . LEU A 1 91 ? 5.40363   -1.31161  -1.85247  1.000 14.10000 ? 90  LEU A CB  1 
ATOM   688  C CG  . LEU A 1 91 ? 6.60138   -0.47847  -1.38880  1.000 14.55000 ? 90  LEU A CG  1 
ATOM   689  C CD1 . LEU A 1 91 ? 6.16433   0.85068   -0.80892  1.000 16.17000 ? 90  LEU A CD1 1 
ATOM   690  C CD2 . LEU A 1 91 ? 7.43333   -1.26327  -0.38488  1.000 18.25000 ? 90  LEU A CD2 1 
ATOM   691  N N   . CYS A 1 92 ? 5.83656   0.63597   -4.64638  1.000 12.61000 ? 91  CYS A N   1 
ATOM   692  C CA  . CYS A 1 92 ? 6.75856   0.99841   -5.71302  1.000 13.89000 ? 91  CYS A CA  1 
ATOM   693  C C   . CYS A 1 92 ? 7.84945   1.89485   -5.14600  1.000 12.99000 ? 91  CYS A C   1 
ATOM   694  O O   . CYS A 1 92 ? 7.54737   2.93389   -4.55211  1.000 15.17000 ? 91  CYS A O   1 
ATOM   695  C CB  . CYS A 1 92 ? 6.02640   1.74821   -6.82083  1.000 14.22000 ? 91  CYS A CB  1 
ATOM   696  S SG  . CYS A 1 92 ? 7.05469   2.13116   -8.23863  1.000 17.91000 ? 91  CYS A SG  1 
ATOM   697  N N   . ARG A 1 93 ? 9.10815   1.51384   -5.33280  1.000 13.84000 ? 92  ARG A N   1 
ATOM   698  C CA  . ARG A 1 93 ? 10.23700  2.36014   -4.96862  1.000 14.10000 ? 92  ARG A CA  1 
ATOM   699  C C   . ARG A 1 93 ? 10.85584  2.94990   -6.22668  1.000 14.18000 ? 92  ARG A C   1 
ATOM   700  O O   . ARG A 1 93 ? 11.12053  2.22592   -7.19333  1.000 14.94000 ? 92  ARG A O   1 
ATOM   701  C CB  . ARG A 1 93 ? 11.25577  1.58728   -4.13304  1.000 15.95000 ? 92  ARG A CB  1 
ATOM   702  C CG  . ARG A 1 93 ? 10.62431  1.11351   -2.83204  1.000 16.94000 ? 92  ARG A CG  1 
ATOM   703  C CD  . ARG A 1 93 ? 11.58761  0.56639   -1.80884  1.000 23.28000 ? 92  ARG A CD  1 
ATOM   704  N NE  . ARG A 1 93 ? 12.59935  -0.30059  -2.38975  1.000 25.02000 ? 92  ARG A NE  1 
ATOM   705  C CZ  . ARG A 1 93 ? 13.89214  -0.00430  -2.44933  1.000 28.16000 ? 92  ARG A CZ  1 
ATOM   706  N NH1 . ARG A 1 93 ? 14.73767  -0.86376  -2.99245  1.000 28.24000 ? 92  ARG A NH1 1 
ATOM   707  N NH2 . ARG A 1 93 ? 14.33843  1.14813   -1.96676  1.000 32.27000 ? 92  ARG A NH2 1 
ATOM   708  N N   . TYR A 1 94 ? 11.04688  4.26847   -6.21912  1.000 15.02000 ? 93  TYR A N   1 
ATOM   709  C CA  . TYR A 1 94 ? 11.65739  4.98811   -7.33322  1.000 16.62000 ? 93  TYR A CA  1 
ATOM   710  C C   . TYR A 1 94 ? 13.14473  5.09860   -7.04995  1.000 16.51000 ? 93  TYR A C   1 
ATOM   711  O O   . TYR A 1 94 ? 13.55686  5.82128   -6.13651  1.000 18.71000 ? 93  TYR A O   1 
ATOM   712  C CB  . TYR A 1 94 ? 10.99602  6.35379   -7.50592  1.000 17.56000 ? 93  TYR A CB  1 
ATOM   713  C CG  . TYR A 1 94 ? 9.50918   6.20321   -7.66974  1.000 17.66000 ? 93  TYR A CG  1 
ATOM   714  C CD1 . TYR A 1 94 ? 8.95947   5.87241   -8.90191  1.000 18.15000 ? 93  TYR A CD1 1 
ATOM   715  C CD2 . TYR A 1 94 ? 8.65236   6.32730   -6.58253  1.000 17.96000 ? 93  TYR A CD2 1 
ATOM   716  C CE1 . TYR A 1 94 ? 7.60140   5.69667   -9.05661  1.000 19.92000 ? 93  TYR A CE1 1 
ATOM   717  C CE2 . TYR A 1 94 ? 7.29492   6.15082   -6.72493  1.000 19.73000 ? 93  TYR A CE2 1 
ATOM   718  C CZ  . TYR A 1 94 ? 6.77254   5.83443   -7.96187  1.000 20.58000 ? 93  TYR A CZ  1 
ATOM   719  O OH  . TYR A 1 94 ? 5.41586   5.65809   -8.10138  1.000 22.62000 ? 93  TYR A OH  1 
ATOM   720  N N   . LEU A 1 95 ? 13.94274  4.35491   -7.80351  1.000 17.17000 ? 94  LEU A N   1 
ATOM   721  C CA  . LEU A 1 95 ? 15.35180  4.18991   -7.50059  1.000 17.84000 ? 94  LEU A CA  1 
ATOM   722  C C   . LEU A 1 95 ? 16.22857  5.29885   -8.06954  1.000 20.07000 ? 94  LEU A C   1 
ATOM   723  O O   . LEU A 1 95 ? 15.80435  6.11079   -8.89277  1.000 20.14000 ? 94  LEU A O   1 
ATOM   724  C CB  . LEU A 1 95 ? 15.82203  2.82448   -7.99566  1.000 18.39000 ? 94  LEU A CB  1 
ATOM   725  C CG  . LEU A 1 95 ? 14.97998  1.64287   -7.50479  1.000 17.25000 ? 94  LEU A CG  1 
ATOM   726  C CD1 . LEU A 1 95 ? 15.49122  0.36004   -8.12881  1.000 21.11000 ? 94  LEU A CD1 1 
ATOM   727  C CD2 . LEU A 1 95 ? 14.99045  1.55457   -5.98246  1.000 20.54000 ? 94  LEU A CD2 1 
ATOM   728  O OXT . LEU A 1 95 ? 17.40028  5.38960   -7.69136  1.000 25.80000 ? 94  LEU A OXT 1 
ATOM   729  N N   . SER B 1 1  ? -16.71759 -1.44783  -9.24343  1.000 25.03000 ? 0   SER B N   1 
ATOM   730  C CA  . SER B 1 1  ? -16.06081 -1.25692  -7.94641  1.000 24.49000 ? 0   SER B CA  1 
ATOM   731  C C   . SER B 1 1  ? -15.00415 -0.14705  -7.96476  1.000 21.13000 ? 0   SER B C   1 
ATOM   732  O O   . SER B 1 1  ? -13.86002 -0.35074  -8.36218  1.000 23.46000 ? 0   SER B O   1 
ATOM   733  C CB  . SER B 1 1  ? -15.47183 -2.57238  -7.43176  1.000 28.54000 ? 0   SER B CB  1 
ATOM   734  O OG  . SER B 1 1  ? -16.50663 -3.50518  -7.16027  1.000 31.48000 ? 0   SER B OG  1 
ATOM   735  N N   . MET B 1 2  ? -15.41780 1.03787   -7.53488  1.000 20.21000 ? 1   MET B N   1 
ATOM   736  C CA  . MET B 1 2  ? -14.53630 2.19581   -7.53988  1.000 17.92000 ? 1   MET B CA  1 
ATOM   737  C C   . MET B 1 2  ? -13.49167 2.07295   -6.42974  1.000 16.64000 ? 1   MET B C   1 
ATOM   738  O O   . MET B 1 2  ? -13.82499 1.68725   -5.30342  1.000 18.48000 ? 1   MET B O   1 
ATOM   739  C CB  . MET B 1 2  ? -15.38639 3.44031   -7.31492  1.000 19.99000 ? 1   MET B CB  1 
ATOM   740  C CG  . MET B 1 2  ? -14.69279 4.74787   -7.59516  1.000 17.96000 ? 1   MET B CG  1 
ATOM   741  S SD  . MET B 1 2  ? -15.71814 6.14559   -7.08689  1.000 22.34000 ? 1   MET B SD  1 
ATOM   742  C CE  . MET B 1 2  ? -15.38300 6.13370   -5.32749  1.000 23.67000 ? 1   MET B CE  1 
ATOM   743  N N   . LEU B 1 3  ? -12.21901 2.36550   -6.75262  1.000 15.94000 ? 2   LEU B N   1 
ATOM   744  C CA  . LEU B 1 3  ? -11.19123 2.53399   -5.72692  1.000 15.84000 ? 2   LEU B CA  1 
ATOM   745  C C   . LEU B 1 3  ? -11.50631 3.78049   -4.91256  1.000 15.53000 ? 2   LEU B C   1 
ATOM   746  O O   . LEU B 1 3  ? -11.72430 4.85898   -5.47500  1.000 16.56000 ? 2   LEU B O   1 
ATOM   747  C CB  . LEU B 1 3  ? -9.81193  2.67055   -6.36946  1.000 15.12000 ? 2   LEU B CB  1 
ATOM   748  C CG  . LEU B 1 3  ? -9.32891  1.49339   -7.22472  1.000 15.93000 ? 2   LEU B CG  1 
ATOM   749  C CD1 . LEU B 1 3  ? -7.94292  1.77194   -7.78648  1.000 16.09000 ? 2   LEU B CD1 1 
ATOM   750  C CD2 . LEU B 1 3  ? -9.32505  0.20129   -6.42428  1.000 17.71000 ? 2   LEU B CD2 1 
ATOM   751  N N   . GLN B 1 4  ? -11.55491 3.63395   -3.58858  1.000 14.13000 ? 3   GLN B N   1 
ATOM   752  C CA  . GLN B 1 4  ? -12.02720 4.69203   -2.70248  1.000 15.75000 ? 3   GLN B CA  1 
ATOM   753  C C   . GLN B 1 4  ? -10.85973 5.45038   -2.07821  1.000 15.64000 ? 3   GLN B C   1 
ATOM   754  O O   . GLN B 1 4  ? -10.10259 4.88155   -1.28755  1.000 16.66000 ? 3   GLN B O   1 
ATOM   755  C CB  . GLN B 1 4  ? -12.90752 4.09684   -1.60593  1.000 17.61000 ? 3   GLN B CB  1 
ATOM   756  C CG  . GLN B 1 4  ? -13.49929 5.12894   -0.65993  1.000 21.61000 ? 3   GLN B CG  1 
ATOM   757  C CD  . GLN B 1 4  ? -14.49740 4.53021   0.31455   1.000 31.28000 ? 3   GLN B CD  1 
ATOM   758  O OE1 . GLN B 1 4  ? -15.65569 4.29365   -0.03014  1.000 36.55000 ? 3   GLN B OE1 1 
ATOM   759  N NE2 . GLN B 1 4  ? -14.05072 4.28454   1.54042   1.000 36.25000 ? 3   GLN B NE2 1 
ATOM   760  N N   . SER B 1 5  ? -10.74707 6.73959   -2.38262  1.000 16.64000 ? 4   SER B N   1 
ATOM   761  C CA  . SER B 1 5  ? -9.73956  7.58201   -1.74590  1.000 15.51000 ? 4   SER B CA  1 
ATOM   762  C C   . SER B 1 5  ? -10.20873 8.03097   -0.36661  1.000 16.55000 ? 4   SER B C   1 
ATOM   763  O O   . SER B 1 5  ? -11.32787 8.53110   -0.21495  1.000 19.06000 ? 4   SER B O   1 
ATOM   764  C CB  . SER B 1 5  ? -9.48134  8.81597   -2.60722  1.000 17.73000 ? 4   SER B CB  1 
ATOM   765  O OG  . SER B 1 5  ? -9.08056  8.44956   -3.91490  1.000 19.08000 ? 4   SER B OG  1 
ATOM   766  N N   . ASN B 1 6  ? -9.33668  7.88481   0.63301   1.000 16.04000 ? 5   ASN B N   1 
ATOM   767  C CA  . ASN B 1 6  ? -9.60327  8.32279   1.99653   1.000 16.82000 ? 5   ASN B CA  1 
ATOM   768  C C   . ASN B 1 6  ? -8.46044  9.19520   2.49793   1.000 15.20000 ? 5   ASN B C   1 
ATOM   769  O O   . ASN B 1 6  ? -7.29266  8.94413   2.18041   1.000 14.96000 ? 5   ASN B O   1 
ATOM   770  C CB  . ASN B 1 6  ? -9.72897  7.11498   2.94392   1.000 21.08000 ? 5   ASN B CB  1 
ATOM   771  C CG  . ASN B 1 6  ? -10.66157 6.03837   2.41227   1.000 20.22000 ? 5   ASN B CG  1 
ATOM   772  O OD1 . ASN B 1 6  ? -11.87410 6.24430   2.33280   1.000 22.84000 ? 5   ASN B OD1 1 
ATOM   773  N ND2 . ASN B 1 6  ? -10.10411 4.87511   2.07053   1.000 20.91000 ? 5   ASN B ND2 1 
ATOM   774  N N   . GLU B 1 7  ? -8.79770  10.20331  3.30266   1.000 14.88000 ? 6   GLU B N   1 
ATOM   775  C CA  . GLU B 1 7  ? -7.80349  11.05805  3.93918   1.000 15.27000 ? 6   GLU B CA  1 
ATOM   776  C C   . GLU B 1 7  ? -8.25453  11.33302  5.36175   1.000 13.99000 ? 6   GLU B C   1 
ATOM   777  O O   . GLU B 1 7  ? -9.44899  11.53769  5.60949   1.000 16.21000 ? 6   GLU B O   1 
ATOM   778  C CB  . GLU B 1 7  ? -7.66974  12.41340  3.22824   1.000 19.56000 ? 6   GLU B CB  1 
ATOM   779  C CG  . GLU B 1 7  ? -7.29679  12.35024  1.76564   1.000 24.25000 ? 6   GLU B CG  1 
ATOM   780  C CD  . GLU B 1 7  ? -6.71220  13.66060  1.26205   1.000 25.70000 ? 6   GLU B CD  1 
ATOM   781  O OE1 . GLU B 1 7  ? -6.56749  14.60284  2.07339   1.000 29.01000 ? 6   GLU B OE1 1 
ATOM   782  O OE2 . GLU B 1 7  ? -6.39386  13.74529  0.05752   1.000 31.55000 ? 6   GLU B OE2 1 
ATOM   783  N N   . TYR B 1 8  ? -7.29082  11.37042  6.28016   1.000 14.03000 ? 7   TYR B N   1 
ATOM   784  C CA  . TYR B 1 8  ? -7.54693  11.62138  7.68786   1.000 14.15000 ? 7   TYR B CA  1 
ATOM   785  C C   . TYR B 1 8  ? -6.48696  12.57330  8.21653   1.000 14.77000 ? 7   TYR B C   1 
ATOM   786  O O   . TYR B 1 8  ? -5.39576  12.70043  7.65427   1.000 14.69000 ? 7   TYR B O   1 
ATOM   787  C CB  . TYR B 1 8  ? -7.48920  10.32960  8.51484   1.000 15.48000 ? 7   TYR B CB  1 
ATOM   788  C CG  . TYR B 1 8  ? -8.25877  9.18494   7.90499   1.000 14.81000 ? 7   TYR B CG  1 
ATOM   789  C CD1 . TYR B 1 8  ? -9.60292  8.99067   8.19743   1.000 17.33000 ? 7   TYR B CD1 1 
ATOM   790  C CD2 . TYR B 1 8  ? -7.65082  8.30804   7.01974   1.000 16.56000 ? 7   TYR B CD2 1 
ATOM   791  C CE1 . TYR B 1 8  ? -10.31716 7.94452   7.62973   1.000 19.81000 ? 7   TYR B CE1 1 
ATOM   792  C CE2 . TYR B 1 8  ? -8.35589  7.26202   6.44962   1.000 17.65000 ? 7   TYR B CE2 1 
ATOM   793  C CZ  . TYR B 1 8  ? -9.68230  7.08568   6.75654   1.000 18.20000 ? 7   TYR B CZ  1 
ATOM   794  O OH  . TYR B 1 8  ? -10.37103 6.04135   6.17446   1.000 20.36000 ? 7   TYR B OH  1 
ATOM   795  N N   . PHE B 1 9  ? -6.81452  13.23882  9.32429   1.000 15.61000 ? 8   PHE B N   1 
ATOM   796  C CA  . PHE B 1 9  ? -5.84506  14.05735  10.04876  1.000 16.81000 ? 8   PHE B CA  1 
ATOM   797  C C   . PHE B 1 9  ? -5.20596  15.08989  9.12809   1.000 17.56000 ? 8   PHE B C   1 
ATOM   798  O O   . PHE B 1 9  ? -3.98468  15.25312  9.07816   1.000 17.33000 ? 8   PHE B O   1 
ATOM   799  C CB  . PHE B 1 9  ? -4.80418  13.17998  10.74347  1.000 18.17000 ? 8   PHE B CB  1 
ATOM   800  C CG  . PHE B 1 9  ? -5.38264  12.33770  11.84090  1.000 18.54000 ? 8   PHE B CG  1 
ATOM   801  C CD1 . PHE B 1 9  ? -5.73074  12.91339  13.05187  1.000 24.60000 ? 8   PHE B CD1 1 
ATOM   802  C CD2 . PHE B 1 9  ? -5.61263  10.98559  11.65887  1.000 18.73000 ? 8   PHE B CD2 1 
ATOM   803  C CE1 . PHE B 1 9  ? -6.28433  12.15088  14.06820  1.000 25.50000 ? 8   PHE B CE1 1 
ATOM   804  C CE2 . PHE B 1 9  ? -6.16351  10.22035  12.67669  1.000 19.63000 ? 8   PHE B CE2 1 
ATOM   805  C CZ  . PHE B 1 9  ? -6.49746  10.80329  13.87843  1.000 23.94000 ? 8   PHE B CZ  1 
ATOM   806  N N   . SER B 1 10 ? -6.05975  15.76860  8.36479   1.000 17.94000 ? 9   SER B N   1 
ATOM   807  C CA  . SER B 1 10 ? -5.63973  16.83568  7.45518   1.000 20.57000 ? 9   SER B CA  1 
ATOM   808  C C   . SER B 1 10 ? -4.57089  16.37693  6.46566   1.000 19.10000 ? 9   SER B C   1 
ATOM   809  O O   . SER B 1 10 ? -3.66178  17.13109  6.10915   1.000 22.60000 ? 9   SER B O   1 
ATOM   810  C CB  . SER B 1 10 ? -5.20547  18.09808  8.20404   1.000 24.54000 ? 9   SER B CB  1 
ATOM   811  O OG  . SER B 1 10 ? -6.24119  18.55247  9.05914   1.000 29.54000 ? 9   SER B OG  1 
ATOM   812  N N   . GLY B 1 11 ? -4.69898  15.14189  5.99075   1.000 16.37000 ? 10  GLY B N   1 
ATOM   813  C CA  . GLY B 1 11 ? -3.80421  14.60215  4.99634   1.000 17.36000 ? 10  GLY B CA  1 
ATOM   814  C C   . GLY B 1 11 ? -2.58556  13.89345  5.53619   1.000 14.89000 ? 10  GLY B C   1 
ATOM   815  O O   . GLY B 1 11 ? -1.76919  13.42078  4.73926   1.000 16.44000 ? 10  GLY B O   1 
ATOM   816  N N   . LYS B 1 12 ? -2.44777  13.76917  6.85877   1.000 13.56000 ? 11  LYS B N   1 
ATOM   817  C CA  . LYS B 1 12 ? -1.32270  13.03216  7.41767   1.000 13.66000 ? 11  LYS B CA  1 
ATOM   818  C C   . LYS B 1 12 ? -1.48913  11.52625  7.29603   1.000 12.50000 ? 11  LYS B C   1 
ATOM   819  O O   . LYS B 1 12 ? -0.50397  10.79778  7.43757   1.000 13.52000 ? 11  LYS B O   1 
ATOM   820  C CB  . LYS B 1 12 ? -1.10724  13.42153  8.88044   1.000 13.65000 ? 11  LYS B CB  1 
ATOM   821  C CG  . LYS B 1 12 ? -0.66208  14.86776  9.08215   1.000 15.46000 ? 11  LYS B CG  1 
ATOM   822  C CD  . LYS B 1 12 ? -0.21841  15.12522  10.51925  1.000 17.20000 ? 11  LYS B CD  1 
ATOM   823  C CE  . LYS B 1 12 ? 1.16029   14.54744  10.73233  1.000 17.62000 ? 11  LYS B CE  1 
ATOM   824  N NZ  . LYS B 1 12 ? 1.67857   14.77421  12.11542  1.000 16.91000 ? 11  LYS B NZ  1 
ATOM   825  N N   . VAL B 1 13 ? -2.70445  11.04578  7.06326   1.000 12.87000 ? 12  VAL B N   1 
ATOM   826  C CA  . VAL B 1 13 ? -2.94314  9.64756   6.73945   1.000 12.84000 ? 12  VAL B CA  1 
ATOM   827  C C   . VAL B 1 13 ? -3.81337  9.61423   5.49819   1.000 13.07000 ? 12  VAL B C   1 
ATOM   828  O O   . VAL B 1 13 ? -4.82960  10.31485  5.42100   1.000 13.46000 ? 12  VAL B O   1 
ATOM   829  C CB  . VAL B 1 13 ? -3.60396  8.87599   7.89825   1.000 13.52000 ? 12  VAL B CB  1 
ATOM   830  C CG1 . VAL B 1 13 ? -3.86344  7.42409   7.48863   1.000 13.69000 ? 12  VAL B CG1 1 
ATOM   831  C CG2 . VAL B 1 13 ? -2.74869  8.95324   9.16652   1.000 15.50000 ? 12  VAL B CG2 1 
ATOM   832  N N   . LYS B 1 14 ? -3.39990  8.83061   4.51429   1.000 12.80000 ? 13  LYS B N   1 
ATOM   833  C CA  . LYS B 1 14 ? -4.16919  8.64574   3.29208   1.000 13.53000 ? 13  LYS B CA  1 
ATOM   834  C C   . LYS B 1 14 ? -4.24723  7.16058   2.99304   1.000 13.82000 ? 13  LYS B C   1 
ATOM   835  O O   . LYS B 1 14 ? -3.31721  6.40896   3.28784   1.000 14.17000 ? 13  LYS B O   1 
ATOM   836  C CB  . LYS B 1 14 ? -3.53566  9.36468   2.10435   1.000 14.81000 ? 13  LYS B CB  1 
ATOM   837  C CG  . LYS B 1 14 ? -3.52408  10.86903  2.25467   1.000 14.58000 ? 13  LYS B CG  1 
ATOM   838  C CD  . LYS B 1 14 ? -3.11866  11.56565  0.96957   1.000 15.81000 ? 13  LYS B CD  1 
ATOM   839  C CE  . LYS B 1 14 ? -3.22172  13.06847  1.11007   1.000 18.29000 ? 13  LYS B CE  1 
ATOM   840  N NZ  . LYS B 1 14 ? -2.78389  13.76199  -0.13164  1.000 18.63000 ? 13  LYS B NZ  1 
ATOM   841  N N   . SER B 1 15 ? -5.37448  6.73401   2.42817   1.000 13.59000 ? 14  SER B N   1 
ATOM   842  C CA  . SER B 1 15 ? -5.54319  5.33165   2.07513   1.000 14.21000 ? 14  SER B CA  1 
ATOM   843  C C   . SER B 1 15 ? -6.37005  5.20239   0.80569   1.000 12.93000 ? 14  SER B C   1 
ATOM   844  O O   . SER B 1 15 ? -7.05789  6.13835   0.38734   1.000 13.59000 ? 14  SER B O   1 
ATOM   845  C CB  . SER B 1 15 ? -6.15186  4.52183   3.21723   1.000 17.30000 ? 14  SER B CB  1 
ATOM   846  O OG  . SER B 1 15 ? -7.52895  4.79660   3.32984   1.000 17.64000 ? 14  SER B OG  1 
ATOM   847  N N   . ILE B 1 16 ? -6.27783  4.01984   0.19896   1.000 13.04000 ? 15  ILE B N   1 
ATOM   848  C CA  . ILE B 1 16 ? -7.04396  3.64174   -0.98443  1.000 12.90000 ? 15  ILE B CA  1 
ATOM   849  C C   . ILE B 1 16 ? -7.78634  2.35915   -0.64600  1.000 12.69000 ? 15  ILE B C   1 
ATOM   850  O O   . ILE B 1 16 ? -7.15623  1.33195   -0.36508  1.000 13.20000 ? 15  ILE B O   1 
ATOM   851  C CB  . ILE B 1 16 ? -6.13327  3.42110   -2.19950  1.000 13.01000 ? 15  ILE B CB  1 
ATOM   852  C CG1 . ILE B 1 16 ? -5.33441  4.68774   -2.49818  1.000 14.42000 ? 15  ILE B CG1 1 
ATOM   853  C CG2 . ILE B 1 16 ? -6.95104  2.97825   -3.40969  1.000 13.65000 ? 15  ILE B CG2 1 
ATOM   854  C CD1 . ILE B 1 16 ? -4.06141  4.41542   -3.23392  1.000 17.49000 ? 15  ILE B CD1 1 
ATOM   855  N N   . GLY B 1 17 ? -9.11817  2.42493   -0.66497  1.000 12.92000 ? 16  GLY B N   1 
ATOM   856  C CA  . GLY B 1 17 ? -9.95208  1.27500   -0.35096  1.000 14.19000 ? 16  GLY B CA  1 
ATOM   857  C C   . GLY B 1 17 ? -10.30411 0.46213   -1.58845  1.000 13.03000 ? 16  GLY B C   1 
ATOM   858  O O   . GLY B 1 17 ? -10.54976 1.00917   -2.66460  1.000 14.03000 ? 16  GLY B O   1 
ATOM   859  N N   . PHE B 1 18 ? -10.35101 -0.85325  -1.40908  1.000 12.84000 ? 17  PHE B N   1 
ATOM   860  C CA  . PHE B 1 18 ? -10.62445 -1.77402  -2.50608  1.000 13.03000 ? 17  PHE B CA  1 
ATOM   861  C C   . PHE B 1 18 ? -11.12832 -3.08574  -1.92046  1.000 13.19000 ? 17  PHE B C   1 
ATOM   862  O O   . PHE B 1 18 ? -11.08713 -3.29886  -0.70762  1.000 14.12000 ? 17  PHE B O   1 
ATOM   863  C CB  . PHE B 1 18 ? -9.37439  -2.00632  -3.36743  1.000 13.48000 ? 17  PHE B CB  1 
ATOM   864  C CG  . PHE B 1 18 ? -8.25079  -2.70827  -2.64216  1.000 12.60000 ? 17  PHE B CG  1 
ATOM   865  C CD1 . PHE B 1 18 ? -7.40037  -2.01003  -1.79646  1.000 13.22000 ? 17  PHE B CD1 1 
ATOM   866  C CD2 . PHE B 1 18 ? -8.03950  -4.07034  -2.81440  1.000 13.63000 ? 17  PHE B CD2 1 
ATOM   867  C CE1 . PHE B 1 18 ? -6.35988  -2.65841  -1.14473  1.000 14.70000 ? 17  PHE B CE1 1 
ATOM   868  C CE2 . PHE B 1 18 ? -6.99935  -4.71925  -2.16773  1.000 14.26000 ? 17  PHE B CE2 1 
ATOM   869  C CZ  . PHE B 1 18 ? -6.16081  -4.01437  -1.32785  1.000 13.49000 ? 17  PHE B CZ  1 
ATOM   870  N N   . THR B 1 19 ? -11.60924 -3.96081  -2.79333  1.000 13.33000 ? 18  THR B N   1 
ATOM   871  C CA  . THR B 1 19 ? -12.00576 -5.30538  -2.39616  1.000 13.62000 ? 18  THR B CA  1 
ATOM   872  C C   . THR B 1 19 ? -11.42640 -6.29355  -3.39242  1.000 14.43000 ? 18  THR B C   1 
ATOM   873  O O   . THR B 1 19 ? -11.38593 -6.01403  -4.59471  1.000 15.88000 ? 18  THR B O   1 
ATOM   874  C CB  . THR B 1 19 ? -13.53039 -5.44181  -2.31163  1.000 14.94000 ? 18  THR B CB  1 
ATOM   875  O OG1 . THR B 1 19 ? -14.03843 -4.43491  -1.43230  1.000 16.67000 ? 18  THR B OG1 1 
ATOM   876  C CG2 . THR B 1 19 ? -13.92615 -6.80228  -1.77209  1.000 16.89000 ? 18  THR B CG2 1 
ATOM   877  N N   . SER B 1 20 ? -10.93378 -7.42229  -2.89868  1.000 14.05000 ? 19  SER B N   1 
ATOM   878  C CA  . SER B 1 20 ? -10.49077 -8.49191  -3.77861  1.000 15.30000 ? 19  SER B CA  1 
ATOM   879  C C   . SER B 1 20 ? -10.75137 -9.81594  -3.08450  1.000 14.36000 ? 19  SER B C   1 
ATOM   880  O O   . SER B 1 20 ? -10.93626 -9.87107  -1.86470  1.000 15.09000 ? 19  SER B O   1 
ATOM   881  C CB  . SER B 1 20 ? -8.99920  -8.36896  -4.11187  1.000 15.42000 ? 19  SER B CB  1 
ATOM   882  O OG  . SER B 1 20 ? -8.18695  -8.73096  -3.00648  1.000 15.94000 ? 19  SER B OG  1 
ATOM   883  N N   . SER B 1 21 ? -10.76684 -10.89238 -3.86987  1.000 15.96000 ? 20  SER B N   1 
ATOM   884  C CA  . SER B 1 21 ? -11.06243 -12.19230 -3.28089  1.000 16.21000 ? 20  SER B CA  1 
ATOM   885  C C   . SER B 1 21 ? -10.00913 -12.59194 -2.25392  1.000 16.21000 ? 20  SER B C   1 
ATOM   886  O O   . SER B 1 21 ? -10.33932 -13.22242 -1.24224  1.000 17.95000 ? 20  SER B O   1 
ATOM   887  C CB  . SER B 1 21 ? -11.25958 -13.25599 -4.36795  1.000 18.04000 ? 20  SER B CB  1 
ATOM   888  O OG  . SER B 1 21 ? -10.03032 -13.65965 -4.93718  1.000 20.48000 ? 20  SER B OG  1 
ATOM   889  N N   . SER B 1 22 ? -8.75323  -12.18317 -2.44446  1.000 18.79000 ? 21  SER B N   1 
ATOM   890  C CA  . SER B 1 22 ? -7.71181  -12.60795 -1.51977  1.000 19.01000 ? 21  SER B CA  1 
ATOM   891  C C   . SER B 1 22 ? -7.59888  -11.73254 -0.27422  1.000 19.13000 ? 21  SER B C   1 
ATOM   892  O O   . SER B 1 22 ? -6.95139  -12.14570 0.69303   1.000 25.51000 ? 21  SER B O   1 
ATOM   893  C CB  . SER B 1 22 ? -6.35406  -12.68592 -2.22294  1.000 24.25000 ? 21  SER B CB  1 
ATOM   894  O OG  . SER B 1 22 ? -5.95004  -11.40239 -2.65607  1.000 22.87000 ? 21  SER B OG  1 
ATOM   895  N N   . THR B 1 23 ? -8.20691  -10.54209 -0.26379  1.000 16.54000 ? 22  THR B N   1 
ATOM   896  C CA  . THR B 1 23 ? -8.14054  -9.65302  0.88603   1.000 15.85000 ? 22  THR B CA  1 
ATOM   897  C C   . THR B 1 23 ? -9.47821  -9.40068  1.55277   1.000 15.85000 ? 22  THR B C   1 
ATOM   898  O O   . THR B 1 23 ? -9.49050  -8.90835  2.68470   1.000 16.62000 ? 22  THR B O   1 
ATOM   899  C CB  . THR B 1 23 ? -7.59044  -8.27986  0.47163   1.000 15.02000 ? 22  THR B CB  1 
ATOM   900  O OG1 . THR B 1 23 ? -8.45260  -7.71517  -0.52137  1.000 13.87000 ? 22  THR B OG1 1 
ATOM   901  C CG2 . THR B 1 23 ? -6.18798  -8.39600  -0.08447  1.000 15.10000 ? 22  THR B CG2 1 
ATOM   902  N N   . GLY B 1 24 ? -10.59126 -9.67686  0.88069   1.000 14.72000 ? 23  GLY B N   1 
ATOM   903  C CA  . GLY B 1 24 ? -11.83785 -9.07602  1.30906   1.000 15.44000 ? 23  GLY B CA  1 
ATOM   904  C C   . GLY B 1 24 ? -11.75501 -7.56357  1.12734   1.000 13.93000 ? 23  GLY B C   1 
ATOM   905  O O   . GLY B 1 24 ? -10.92005 -7.03968  0.37805   1.000 13.83000 ? 23  GLY B O   1 
ATOM   906  N N   . ARG B 1 25 ? -12.62471 -6.84722  1.83411   1.000 13.66000 ? 24  ARG B N   1 
ATOM   907  C CA  . ARG B 1 25 ? -12.53387 -5.39379  1.81425   1.000 14.28000 ? 24  ARG B CA  1 
ATOM   908  C C   . ARG B 1 25 ? -11.27757 -4.96337  2.55514   1.000 13.95000 ? 24  ARG B C   1 
ATOM   909  O O   . ARG B 1 25 ? -10.97569 -5.46675  3.64340   1.000 13.87000 ? 24  ARG B O   1 
ATOM   910  C CB  . ARG B 1 25 ? -13.76063 -4.73749  2.44038   1.000 16.28000 ? 24  ARG B CB  1 
ATOM   911  C CG  . ARG B 1 25 ? -13.76300 -3.23018  2.20056   1.000 19.22000 ? 24  ARG B CG  1 
ATOM   912  C CD  . ARG B 1 25 ? -15.05777 -2.55437  2.61004   1.000 22.78000 ? 24  ARG B CD  1 
ATOM   913  N NE  . ARG B 1 25 ? -15.19637 -2.42359  4.05785   1.000 22.46000 ? 24  ARG B NE  1 
ATOM   914  C CZ  . ARG B 1 25 ? -14.66515 -1.44140  4.77918   1.000 21.92000 ? 24  ARG B CZ  1 
ATOM   915  N NH1 . ARG B 1 25 ? -13.93177 -0.50550  4.19203   1.000 22.89000 ? 24  ARG B NH1 1 
ATOM   916  N NH2 . ARG B 1 25 ? -14.86190 -1.40147  6.09172   1.000 23.54000 ? 24  ARG B NH2 1 
ATOM   917  N N   . ALA B 1 26 ? -10.54939 -4.02471  1.96371   1.000 13.54000 ? 25  ALA B N   1 
ATOM   918  C CA  . ALA B 1 26 ? -9.21814  -3.70351  2.43968   1.000 13.53000 ? 25  ALA B CA  1 
ATOM   919  C C   . ALA B 1 26 ? -8.87361  -2.27544  2.04352   1.000 12.50000 ? 25  ALA B C   1 
ATOM   920  O O   . ALA B 1 26 ? -9.61900  -1.59827  1.32875   1.000 13.47000 ? 25  ALA B O   1 
ATOM   921  C CB  . ALA B 1 26 ? -8.19050  -4.69647  1.88031   1.000 14.48000 ? 25  ALA B CB  1 
ATOM   922  N N   . SER B 1 27 ? -7.72742  -1.81219  2.52989   1.000 13.75000 ? 26  SER B N   1 
ATOM   923  C CA  . SER B 1 27 ? -7.16081  -0.55159  2.08378   1.000 13.81000 ? 26  SER B CA  1 
ATOM   924  C C   . SER B 1 27 ? -5.64823  -0.65091  2.18177   1.000 13.45000 ? 26  SER B C   1 
ATOM   925  O O   . SER B 1 27 ? -5.11944  -1.41504  2.99143   1.000 14.57000 ? 26  SER B O   1 
ATOM   926  C CB  . SER B 1 27 ? -7.69411  0.63297   2.89048   1.000 15.45000 ? 26  SER B CB  1 
ATOM   927  O OG  . SER B 1 27 ? -7.21987  0.60035   4.22377   1.000 17.87000 ? 26  SER B OG  1 
ATOM   928  N N   . VAL B 1 28 ? -4.95215  0.09407   1.33965   1.000 12.64000 ? 27  VAL B N   1 
ATOM   929  C CA  . VAL B 1 28 ? -3.52742  0.32531   1.53592   1.000 13.02000 ? 27  VAL B CA  1 
ATOM   930  C C   . VAL B 1 28 ? -3.35898  1.80380   1.81154   1.000 14.05000 ? 27  VAL B C   1 
ATOM   931  O O   . VAL B 1 28 ? -4.08141  2.63413   1.24899   1.000 14.96000 ? 27  VAL B O   1 
ATOM   932  C CB  . VAL B 1 28 ? -2.63039  -0.11123  0.35966   1.000 14.76000 ? 27  VAL B CB  1 
ATOM   933  C CG1 . VAL B 1 28 ? -2.59664  -1.61938  0.23591   1.000 18.34000 ? 27  VAL B CG1 1 
ATOM   934  C CG2 . VAL B 1 28 ? -3.02162  0.57541   -0.93543  1.000 16.13000 ? 27  VAL B CG2 1 
ATOM   935  N N   . GLY B 1 29 ? -2.41965  2.13878   2.68549   1.000 13.11000 ? 28  GLY B N   1 
ATOM   936  C CA  . GLY B 1 29 ? -2.28864  3.52567   3.07713   1.000 14.68000 ? 28  GLY B CA  1 
ATOM   937  C C   . GLY B 1 29 ? -0.90908  3.85500   3.60073   1.000 12.32000 ? 28  GLY B C   1 
ATOM   938  O O   . GLY B 1 29 ? -0.01757  3.00445   3.68132   1.000 12.72000 ? 28  GLY B O   1 
ATOM   939  N N   . VAL B 1 30 ? -0.74521  5.13495   3.92159   1.000 13.09000 ? 29  VAL B N   1 
ATOM   940  C CA  . VAL B 1 30 ? 0.49194   5.68083   4.46082   1.000 12.16000 ? 29  VAL B CA  1 
ATOM   941  C C   . VAL B 1 30 ? 0.13064   6.58987   5.61785   1.000 12.58000 ? 29  VAL B C   1 
ATOM   942  O O   . VAL B 1 30 ? -0.82248  7.37369   5.53251   1.000 12.77000 ? 29  VAL B O   1 
ATOM   943  C CB  . VAL B 1 30 ? 1.27600   6.48799   3.40215   1.000 13.47000 ? 29  VAL B CB  1 
ATOM   944  C CG1 . VAL B 1 30 ? 2.64930   6.87746   3.92417   1.000 14.40000 ? 29  VAL B CG1 1 
ATOM   945  C CG2 . VAL B 1 30 ? 1.41809   5.70883   2.11741   1.000 14.45000 ? 29  VAL B CG2 1 
ATOM   946  N N   . MET B 1 31 ? 0.90892   6.49857   6.69019   1.000 12.10000 ? 30  MET B N   1 
ATOM   947  C CA  . MET B 1 31 ? 0.82954   7.44516   7.79205   1.000 12.14000 ? 30  MET B CA  1 
ATOM   948  C C   . MET B 1 31 ? 2.12123   8.24888   7.83775   1.000 12.31000 ? 30  MET B C   1 
ATOM   949  O O   . MET B 1 31 ? 3.21227   7.67320   7.89584   1.000 12.40000 ? 30  MET B O   1 
ATOM   950  C CB  . MET B 1 31 ? 0.61792   6.72237   9.11753   1.000 12.82000 ? 30  MET B CB  1 
ATOM   951  C CG  . MET B 1 31 ? -0.54542  5.76073   9.09365   1.000 15.00000 ? 30  MET B CG  1 
ATOM   952  S SD  . MET B 1 31 ? -1.06617  5.30097   10.74993  1.000 15.10000 ? 30  MET B SD  1 
ATOM   953  C CE  . MET B 1 31 ? -2.34227  4.11201   10.37431  1.000 16.74000 ? 30  MET B CE  1 
ATOM   954  N N   . ALA B 1 32 ? 1.99158   9.57052   7.78141   1.000 12.64000 ? 31  ALA B N   1 
ATOM   955  C CA  . ALA B 1 32 ? 3.12742   10.45606  7.97591   1.000 12.85000 ? 31  ALA B CA  1 
ATOM   956  C C   . ALA B 1 32 ? 3.59136   10.41287  9.43179   1.000 13.36000 ? 31  ALA B C   1 
ATOM   957  O O   . ALA B 1 32 ? 2.89997   9.90860   10.31907  1.000 12.83000 ? 31  ALA B O   1 
ATOM   958  C CB  . ALA B 1 32 ? 2.73029   11.88610  7.61615   1.000 14.47000 ? 31  ALA B CB  1 
ATOM   959  N N   . GLU B 1 33 ? 4.79223   10.93998  9.67543   1.000 12.89000 ? 32  GLU B N   1 
ATOM   960  C CA  . GLU B 1 33 ? 5.26240   11.11714  11.04629  1.000 14.25000 ? 32  GLU B CA  1 
ATOM   961  C C   . GLU B 1 33 ? 4.18931   11.79737  11.88793  1.000 13.60000 ? 32  GLU B C   1 
ATOM   962  O O   . GLU B 1 33 ? 3.64381   12.83058  11.50100  1.000 14.07000 ? 32  GLU B O   1 
ATOM   963  C CB  . GLU B 1 33 ? 6.53175   11.96817  11.04521  1.000 14.81000 ? 32  GLU B CB  1 
ATOM   964  C CG  . GLU B 1 33 ? 7.06034   12.27326  12.44046  1.000 16.20000 ? 32  GLU B CG  1 
ATOM   965  C CD  . GLU B 1 33 ? 8.25061   13.21422  12.43308  1.000 20.05000 ? 32  GLU B CD  1 
ATOM   966  O OE1 . GLU B 1 33 ? 8.73982   13.56570  11.33852  1.000 22.79000 ? 32  GLU B OE1 1 
ATOM   967  O OE2 . GLU B 1 33 ? 8.70133   13.59889  13.53721  1.000 25.14000 ? 32  GLU B OE2 1 
ATOM   968  N N   . GLY B 1 34 ? 3.87419   11.20674  13.03173  1.000 13.54000 ? 33  GLY B N   1 
ATOM   969  C CA  . GLY B 1 34 ? 2.83105   11.74869  13.87767  1.000 14.00000 ? 33  GLY B CA  1 
ATOM   970  C C   . GLY B 1 34 ? 2.35524   10.72607  14.89193  1.000 13.43000 ? 33  GLY B C   1 
ATOM   971  O O   . GLY B 1 34 ? 2.95861   9.67131   15.06907  1.000 13.83000 ? 33  GLY B O   1 
ATOM   972  N N   . GLU B 1 35 ? 1.25306   11.07437  15.55463  1.000 13.22000 ? 34  GLU B N   1 
ATOM   973  C CA  . GLU B 1 35 ? 0.63881   10.23764  16.57563  1.000 13.73000 ? 34  GLU B CA  1 
ATOM   974  C C   . GLU B 1 35 ? -0.86001  10.27460  16.34039  1.000 13.29000 ? 34  GLU B C   1 
ATOM   975  O O   . GLU B 1 35 ? -1.41827  11.35375  16.12677  1.000 15.21000 ? 34  GLU B O   1 
ATOM   976  C CB  . GLU B 1 35 ? 0.95953   10.76353  17.98280  1.000 16.12000 ? 34  GLU B CB  1 
ATOM   977  C CG  . GLU B 1 35 ? 2.44622   10.82655  18.30751  1.000 19.35000 ? 34  GLU B CG  1 
ATOM   978  C CD  . GLU B 1 35 ? 3.09355   12.10509  17.81863  1.000 20.21000 ? 34  GLU B CD  1 
ATOM   979  O OE1 . GLU B 1 35 ? 2.51061   13.18700  18.04125  1.000 24.54000 ? 34  GLU B OE1 1 
ATOM   980  O OE2 . GLU B 1 35 ? 4.18258   12.02997  17.20835  1.000 24.23000 ? 34  GLU B OE2 1 
ATOM   981  N N   . TYR B 1 36 ? -1.50651  9.10988   16.38093  1.000 13.77000 ? 35  TYR B N   1 
ATOM   982  C CA  . TYR B 1 36 ? -2.87377  8.97987   15.89489  1.000 13.73000 ? 35  TYR B CA  1 
ATOM   983  C C   . TYR B 1 36 ? -3.65768  8.00769   16.75892  1.000 13.24000 ? 35  TYR B C   1 
ATOM   984  O O   . TYR B 1 36 ? -3.11392  7.02509   17.25981  1.000 13.83000 ? 35  TYR B O   1 
ATOM   985  C CB  . TYR B 1 36 ? -2.90820  8.43982   14.45769  1.000 13.85000 ? 35  TYR B CB  1 
ATOM   986  C CG  . TYR B 1 36 ? -1.96777  9.16214   13.52763  1.000 13.12000 ? 35  TYR B CG  1 
ATOM   987  C CD1 . TYR B 1 36 ? -2.27623  10.41790  13.03322  1.000 14.03000 ? 35  TYR B CD1 1 
ATOM   988  C CD2 . TYR B 1 36 ? -0.75187  8.59519   13.17366  1.000 13.99000 ? 35  TYR B CD2 1 
ATOM   989  C CE1 . TYR B 1 36 ? -1.40188  11.08728  12.18896  1.000 14.22000 ? 35  TYR B CE1 1 
ATOM   990  C CE2 . TYR B 1 36 ? 0.12801   9.25870   12.33478  1.000 13.51000 ? 35  TYR B CE2 1 
ATOM   991  C CZ  . TYR B 1 36 ? -0.20232  10.50506  11.85037  1.000 13.42000 ? 35  TYR B CZ  1 
ATOM   992  O OH  . TYR B 1 36 ? 0.66030   11.17528  11.01294  1.000 14.47000 ? 35  TYR B OH  1 
ATOM   993  N N   . THR B 1 37 ? -4.95550  8.27784   16.89370  1.000 14.05000 ? 36  THR B N   1 
ATOM   994  C CA  . THR B 1 37 ? -5.91720  7.31887   17.42153  1.000 13.34000 ? 36  THR B CA  1 
ATOM   995  C C   . THR B 1 37 ? -6.99254  7.09173   16.36871  1.000 13.66000 ? 36  THR B C   1 
ATOM   996  O O   . THR B 1 37 ? -7.57023  8.05285   15.85086  1.000 15.14000 ? 36  THR B O   1 
ATOM   997  C CB  . THR B 1 37 ? -6.55813  7.82910   18.71846  1.000 15.82000 ? 36  THR B CB  1 
ATOM   998  O OG1 . THR B 1 37 ? -5.56714  7.85705   19.75402  1.000 14.80000 ? 36  THR B OG1 1 
ATOM   999  C CG2 . THR B 1 37 ? -7.71941  6.91911   19.15664  1.000 15.61000 ? 36  THR B CG2 1 
ATOM   1000 N N   . PHE B 1 38 ? -7.25349  5.82901   16.04769  1.000 13.43000 ? 37  PHE B N   1 
ATOM   1001 C CA  . PHE B 1 38 ? -8.30088  5.45657   15.10836  1.000 14.07000 ? 37  PHE B CA  1 
ATOM   1002 C C   . PHE B 1 38 ? -9.31187  4.55201   15.79626  1.000 13.42000 ? 37  PHE B C   1 
ATOM   1003 O O   . PHE B 1 38 ? -8.93928  3.54246   16.39999  1.000 14.44000 ? 37  PHE B O   1 
ATOM   1004 C CB  . PHE B 1 38 ? -7.72553  4.69194   13.91437  1.000 15.27000 ? 37  PHE B CB  1 
ATOM   1005 C CG  . PHE B 1 38 ? -7.07700  5.56456   12.88092  1.000 14.69000 ? 37  PHE B CG  1 
ATOM   1006 C CD1 . PHE B 1 38 ? -7.83959  6.19499   11.90760  1.000 17.22000 ? 37  PHE B CD1 1 
ATOM   1007 C CD2 . PHE B 1 38 ? -5.69822  5.73326   12.86180  1.000 16.21000 ? 37  PHE B CD2 1 
ATOM   1008 C CE1 . PHE B 1 38 ? -7.24740  6.99258   10.93533  1.000 18.71000 ? 37  PHE B CE1 1 
ATOM   1009 C CE2 . PHE B 1 38 ? -5.09220  6.52814   11.89225  1.000 17.45000 ? 37  PHE B CE2 1 
ATOM   1010 C CZ  . PHE B 1 38 ? -5.87288  7.16293   10.93036  1.000 18.32000 ? 37  PHE B CZ  1 
ATOM   1011 N N   . GLY B 1 39 ? -10.59365 4.89271   15.66157  1.000 14.28000 ? 38  GLY B N   1 
ATOM   1012 C CA  . GLY B 1 39 ? -11.64181 3.97515   16.05866  1.000 14.45000 ? 38  GLY B CA  1 
ATOM   1013 C C   . GLY B 1 39 ? -11.89964 2.93606   14.98498  1.000 15.00000 ? 38  GLY B C   1 
ATOM   1014 O O   . GLY B 1 39 ? -11.68650 3.16361   13.79364  1.000 18.03000 ? 38  GLY B O   1 
ATOM   1015 N N   . THR B 1 40 ? -12.35478 1.76331   15.40690  1.000 14.08000 ? 39  THR B N   1 
ATOM   1016 C CA  . THR B 1 40 ? -12.67103 0.68648   14.48528  1.000 14.64000 ? 39  THR B CA  1 
ATOM   1017 C C   . THR B 1 40 ? -14.16231 0.38524   14.50789  1.000 14.64000 ? 39  THR B C   1 
ATOM   1018 O O   . THR B 1 40 ? -14.81476 0.46411   15.55911  1.000 14.35000 ? 39  THR B O   1 
ATOM   1019 C CB  . THR B 1 40 ? -11.89449 -0.58751  14.82308  1.000 14.27000 ? 39  THR B CB  1 
ATOM   1020 O OG1 . THR B 1 40 ? -12.18799 -0.97054  16.17273  1.000 14.84000 ? 39  THR B OG1 1 
ATOM   1021 C CG2 . THR B 1 40 ? -10.38626 -0.37305  14.66045  1.000 15.69000 ? 39  THR B CG2 1 
ATOM   1022 N N   . ALA B 1 41 ? -14.68899 0.04174   13.33479  1.000 14.88000 ? 40  ALA B N   1 
ATOM   1023 C CA  . ALA B 1 41 ? -16.00925 -0.55633  13.21115  1.000 15.48000 ? 40  ALA B CA  1 
ATOM   1024 C C   . ALA B 1 41 ? -15.79512 -2.05461  13.07370  1.000 14.99000 ? 40  ALA B C   1 
ATOM   1025 O O   . ALA B 1 41 ? -15.75975 -2.77683  14.07377  1.000 15.82000 ? 40  ALA B O   1 
ATOM   1026 C CB  . ALA B 1 41 ? -16.74954 0.01398   12.00232  1.000 17.58000 ? 40  ALA B CB  1 
ATOM   1027 N N   . GLU B 1 42 ? -15.58502 -2.52691  11.84950  1.000 14.72000 ? 41  GLU B N   1 
ATOM   1028 C CA  . GLU B 1 42 ? -15.12915 -3.89180  11.65005  1.000 15.65000 ? 41  GLU B CA  1 
ATOM   1029 C C   . GLU B 1 42 ? -13.78526 -4.10390  12.34843  1.000 14.68000 ? 41  GLU B C   1 
ATOM   1030 O O   . GLU B 1 42 ? -12.97307 -3.17604  12.44997  1.000 14.67000 ? 41  GLU B O   1 
ATOM   1031 C CB  . GLU B 1 42 ? -14.93505 -4.15694  10.15893  1.000 16.75000 ? 41  GLU B CB  1 
ATOM   1032 C CG  . GLU B 1 42 ? -16.21661 -4.23660  9.34606   1.000 20.40000 ? 41  GLU B CG  1 
ATOM   1033 C CD  . GLU B 1 42 ? -16.60373 -2.91834  8.69819   1.000 23.69000 ? 41  GLU B CD  1 
ATOM   1034 O OE1 . GLU B 1 42 ? -16.17596 -1.84782  9.17369   1.000 22.43000 ? 41  GLU B OE1 1 
ATOM   1035 O OE2 . GLU B 1 42 ? -17.34632 -2.95590  7.69340   1.000 28.19000 ? 41  GLU B OE2 1 
ATOM   1036 N N   . PRO B 1 43 ? -13.51216 -5.31841  12.82288  1.000 14.25000 ? 42  PRO B N   1 
ATOM   1037 C CA  . PRO B 1 43 ? -12.14798 -5.63550  13.25842  1.000 15.34000 ? 42  PRO B CA  1 
ATOM   1038 C C   . PRO B 1 43 ? -11.19021 -5.45259  12.09646  1.000 14.60000 ? 42  PRO B C   1 
ATOM   1039 O O   . PRO B 1 43 ? -11.56667 -5.58848  10.92913  1.000 15.22000 ? 42  PRO B O   1 
ATOM   1040 C CB  . PRO B 1 43 ? -12.23259 -7.11036  13.66754  1.000 15.82000 ? 42  PRO B CB  1 
ATOM   1041 C CG  . PRO B 1 43 ? -13.70249 -7.43224  13.75453  1.000 17.50000 ? 42  PRO B CG  1 
ATOM   1042 C CD  . PRO B 1 43 ? -14.38218 -6.50764  12.80947  1.000 18.03000 ? 42  PRO B CD  1 
ATOM   1043 N N   . GLU B 1 44 ? -9.94151  -5.13250  12.42201  1.000 14.26000 ? 43  GLU B N   1 
ATOM   1044 C CA  . GLU B 1 44 ? -8.93764  -4.84161  11.40837  1.000 14.70000 ? 43  GLU B CA  1 
ATOM   1045 C C   . GLU B 1 44 ? -7.72509  -5.74171  11.57950  1.000 15.89000 ? 43  GLU B C   1 
ATOM   1046 O O   . GLU B 1 44 ? -7.27579  -6.00108  12.70287  1.000 17.85000 ? 43  GLU B O   1 
ATOM   1047 C CB  . GLU B 1 44 ? -8.51456  -3.37483  11.46273  1.000 16.20000 ? 43  GLU B CB  1 
ATOM   1048 C CG  . GLU B 1 44 ? -9.67065  -2.44839  11.18615  1.000 16.89000 ? 43  GLU B CG  1 
ATOM   1049 C CD  . GLU B 1 44 ? -9.28447  -0.99099  11.20132  1.000 17.11000 ? 43  GLU B CD  1 
ATOM   1050 O OE1 . GLU B 1 44 ? -8.08908  -0.68882  11.40924  1.000 21.87000 ? 43  GLU B OE1 1 
ATOM   1051 O OE2 . GLU B 1 44 ? -10.18264 -0.15030  11.00186  1.000 17.29000 ? 43  GLU B OE2 1 
ATOM   1052 N N   . GLU B 1 45 ? -7.20178  -6.22263  10.46042  1.000 13.76000 ? 44  GLU B N   1 
ATOM   1053 C CA  . GLU B 1 45 ? -5.90202  -6.87442  10.42006  1.000 13.63000 ? 44  GLU B CA  1 
ATOM   1054 C C   . GLU B 1 45 ? -4.95839  -5.94627  9.67178   1.000 13.23000 ? 44  GLU B C   1 
ATOM   1055 O O   . GLU B 1 45 ? -5.18339  -5.64924  8.49181   1.000 13.80000 ? 44  GLU B O   1 
ATOM   1056 C CB  . GLU B 1 45 ? -5.98861  -8.21947  9.70630   1.000 14.67000 ? 44  GLU B CB  1 
ATOM   1057 C CG  . GLU B 1 45 ? -4.67519  -8.97343  9.71832   1.000 17.25000 ? 44  GLU B CG  1 
ATOM   1058 C CD  . GLU B 1 45 ? -4.60333  -10.02945 8.63646   1.000 18.86000 ? 44  GLU B CD  1 
ATOM   1059 O OE1 . GLU B 1 45 ? -4.72895  -11.22319 8.97316   1.000 25.78000 ? 44  GLU B OE1 1 
ATOM   1060 O OE2 . GLU B 1 45 ? -4.44666  -9.66380  7.45470   1.000 19.99000 ? 44  GLU B OE2 1 
ATOM   1061 N N   . MET B 1 46 ? -3.91595  -5.48218  10.35408  1.000 13.14000 ? 45  MET B N   1 
ATOM   1062 C CA  . MET B 1 46 ? -2.96191  -4.53594  9.79610   1.000 13.32000 ? 45  MET B CA  1 
ATOM   1063 C C   . MET B 1 46 ? -1.65914  -5.26016  9.49932   1.000 14.04000 ? 45  MET B C   1 
ATOM   1064 O O   . MET B 1 46 ? -1.11076  -5.93692  10.37589  1.000 14.84000 ? 45  MET B O   1 
ATOM   1065 C CB  . MET B 1 46 ? -2.68669  -3.42548  10.80451  1.000 14.04000 ? 45  MET B CB  1 
ATOM   1066 C CG  . MET B 1 46 ? -3.82574  -2.45371  10.95840  1.000 15.30000 ? 45  MET B CG  1 
ATOM   1067 S SD  . MET B 1 46 ? -3.86427  -1.22655  9.64715   1.000 16.25000 ? 45  MET B SD  1 
ATOM   1068 C CE  . MET B 1 46 ? -2.52665  -0.15321  10.17294  1.000 16.50000 ? 45  MET B CE  1 
ATOM   1069 N N   . THR B 1 47 ? -1.16594  -5.11261  8.27446   1.000 13.47000 ? 46  THR B N   1 
ATOM   1070 C CA  . THR B 1 47 ? 0.14596   -5.60972  7.88088   1.000 13.67000 ? 46  THR B CA  1 
ATOM   1071 C C   . THR B 1 47 ? 1.00981   -4.40746  7.54130   1.000 13.17000 ? 46  THR B C   1 
ATOM   1072 O O   . THR B 1 47 ? 0.62645   -3.58620  6.70483   1.000 13.87000 ? 46  THR B O   1 
ATOM   1073 C CB  . THR B 1 47 ? 0.02824   -6.51346  6.65209   1.000 14.96000 ? 46  THR B CB  1 
ATOM   1074 O OG1 . THR B 1 47 ? -0.83685  -7.61646  6.94824   1.000 15.80000 ? 46  THR B OG1 1 
ATOM   1075 C CG2 . THR B 1 47 ? 1.39675   -7.04088  6.23474   1.000 17.19000 ? 46  THR B CG2 1 
ATOM   1076 N N   . VAL B 1 48 ? 2.16815   -4.29166  8.18952   1.000 12.94000 ? 47  VAL B N   1 
ATOM   1077 C CA  . VAL B 1 48 ? 3.07646   -3.20907  7.84160   1.000 13.42000 ? 47  VAL B CA  1 
ATOM   1078 C C   . VAL B 1 48 ? 3.71691   -3.52341  6.49710   1.000 12.59000 ? 47  VAL B C   1 
ATOM   1079 O O   . VAL B 1 48 ? 4.25128   -4.62269  6.28911   1.000 14.44000 ? 47  VAL B O   1 
ATOM   1080 C CB  . VAL B 1 48 ? 4.11726   -2.98683  8.94928   1.000 13.94000 ? 47  VAL B CB  1 
ATOM   1081 C CG1 . VAL B 1 48 ? 5.04929   -1.85429  8.57271   1.000 15.67000 ? 47  VAL B CG1 1 
ATOM   1082 C CG2 . VAL B 1 48 ? 3.42294   -2.70674  10.27577  1.000 15.16000 ? 47  VAL B CG2 1 
ATOM   1083 N N   . VAL B 1 49 ? 3.64277   -2.57014  5.57166   1.000 12.39000 ? 48  VAL B N   1 
ATOM   1084 C CA  . VAL B 1 49 ? 4.21969   -2.73075  4.23853   1.000 13.20000 ? 48  VAL B CA  1 
ATOM   1085 C C   . VAL B 1 49 ? 5.63374   -2.16499  4.17934   1.000 13.18000 ? 48  VAL B C   1 
ATOM   1086 O O   . VAL B 1 49 ? 6.53561   -2.78340  3.60845   1.000 15.65000 ? 48  VAL B O   1 
ATOM   1087 C CB  . VAL B 1 49 ? 3.28241   -2.11250  3.17954   1.000 12.93000 ? 48  VAL B CB  1 
ATOM   1088 C CG1 . VAL B 1 49 ? 3.96735   -2.01862  1.82478   1.000 14.18000 ? 48  VAL B CG1 1 
ATOM   1089 C CG2 . VAL B 1 49 ? 2.00875   -2.93123  3.07945   1.000 14.12000 ? 48  VAL B CG2 1 
ATOM   1090 N N   . SER B 1 50 ? 5.85119   -0.99096  4.75859   1.000 12.94000 ? 49  SER B N   1 
ATOM   1091 C CA  . SER B 1 50 ? 7.17701   -0.39715  4.84475   1.000 12.74000 ? 49  SER B CA  1 
ATOM   1092 C C   . SER B 1 50 ? 7.25193   0.41694   6.12290   1.000 12.49000 ? 49  SER B C   1 
ATOM   1093 O O   . SER B 1 50 ? 6.24977   0.96901   6.58151   1.000 12.80000 ? 49  SER B O   1 
ATOM   1094 C CB  . SER B 1 50 ? 7.53268   0.46755   3.63400   1.000 13.52000 ? 49  SER B CB  1 
ATOM   1095 O OG  . SER B 1 50 ? 6.79178   1.66731   3.59160   1.000 13.12000 ? 49  SER B OG  1 
ATOM   1096 N N   . GLY B 1 51 ? 8.45705   0.50636   6.68040   1.000 13.49000 ? 50  GLY B N   1 
ATOM   1097 C CA  . GLY B 1 51 ? 8.66629   1.33547   7.85215   1.000 14.09000 ? 50  GLY B CA  1 
ATOM   1098 C C   . GLY B 1 51 ? 8.28591   0.59983   9.12564   1.000 13.72000 ? 50  GLY B C   1 
ATOM   1099 O O   . GLY B 1 51 ? 8.45172   -0.61271  9.24626   1.000 14.57000 ? 50  GLY B O   1 
ATOM   1100 N N   . ALA B 1 52 ? 7.76745   1.34991   10.09078  1.000 13.85000 ? 51  ALA B N   1 
ATOM   1101 C CA  . ALA B 1 52 ? 7.41860   0.75131   11.36976  1.000 14.09000 ? 51  ALA B CA  1 
ATOM   1102 C C   . ALA B 1 52 ? 6.25731   1.51068   11.98408  1.000 13.53000 ? 51  ALA B C   1 
ATOM   1103 O O   . ALA B 1 52 ? 6.18461   2.73626   11.88323  1.000 14.40000 ? 51  ALA B O   1 
ATOM   1104 C CB  . ALA B 1 52 ? 8.61246   0.73860   12.33534  1.000 15.37000 ? 51  ALA B CB  1 
ATOM   1105 N N   . LEU B 1 53 ? 5.35264   0.77180   12.61401  1.000 13.13000 ? 52  LEU B N   1 
ATOM   1106 C CA  . LEU B 1 53 ? 4.25963   1.34780   13.38206  1.000 13.68000 ? 52  LEU B CA  1 
ATOM   1107 C C   . LEU B 1 53 ? 4.41918   0.92685   14.83359  1.000 13.40000 ? 52  LEU B C   1 
ATOM   1108 O O   . LEU B 1 53 ? 4.56785   -0.26495  15.12573  1.000 15.17000 ? 52  LEU B O   1 
ATOM   1109 C CB  . LEU B 1 53 ? 2.90517   0.86037   12.86359  1.000 13.76000 ? 52  LEU B CB  1 
ATOM   1110 C CG  . LEU B 1 53 ? 2.53280   1.26576   11.43767  1.000 14.55000 ? 52  LEU B CG  1 
ATOM   1111 C CD1 . LEU B 1 53 ? 1.23005   0.60029   11.04838  1.000 14.98000 ? 52  LEU B CD1 1 
ATOM   1112 C CD2 . LEU B 1 53 ? 2.43516   2.77475   11.28697  1.000 14.75000 ? 52  LEU B CD2 1 
ATOM   1113 N N   . LYS B 1 54 ? 4.39158   1.89357   15.73905  1.000 13.21000 ? 53  LYS B N   1 
ATOM   1114 C CA  . LYS B 1 54 ? 4.43674   1.61878   17.16945  1.000 13.61000 ? 53  LYS B CA  1 
ATOM   1115 C C   . LYS B 1 54 ? 3.01571   1.77838   17.69038  1.000 13.69000 ? 53  LYS B C   1 
ATOM   1116 O O   . LYS B 1 54 ? 2.42043   2.84912   17.54520  1.000 13.25000 ? 53  LYS B O   1 
ATOM   1117 C CB  . LYS B 1 54 ? 5.40918   2.57357   17.85933  1.000 13.98000 ? 53  LYS B CB  1 
ATOM   1118 C CG  . LYS B 1 54 ? 5.58074   2.31966   19.33901  1.000 15.01000 ? 53  LYS B CG  1 
ATOM   1119 C CD  . LYS B 1 54 ? 6.74434   3.10609   19.90740  1.000 16.63000 ? 53  LYS B CD  1 
ATOM   1120 C CE  . LYS B 1 54 ? 6.93288   2.81686   21.38018  1.000 16.71000 ? 53  LYS B CE  1 
ATOM   1121 N NZ  . LYS B 1 54 ? 8.16823   3.45433   21.89995  1.000 17.88000 ? 53  LYS B NZ  1 
ATOM   1122 N N   . VAL B 1 55 ? 2.45831   0.71021   18.25386  1.000 12.97000 ? 54  VAL B N   1 
ATOM   1123 C CA  . VAL B 1 55 ? 1.01537   0.59298   18.42192  1.000 13.91000 ? 54  VAL B CA  1 
ATOM   1124 C C   . VAL B 1 55 ? 0.67141   0.25567   19.86544  1.000 13.03000 ? 54  VAL B C   1 
ATOM   1125 O O   . VAL B 1 55 ? 1.34778   -0.55910  20.50973  1.000 14.06000 ? 54  VAL B O   1 
ATOM   1126 C CB  . VAL B 1 55 ? 0.43729   -0.45572  17.44595  1.000 14.97000 ? 54  VAL B CB  1 
ATOM   1127 C CG1 . VAL B 1 55 ? -1.05179  -0.62206  17.63539  1.000 19.58000 ? 54  VAL B CG1 1 
ATOM   1128 C CG2 . VAL B 1 55 ? 0.73861   -0.05600  16.01098  1.000 17.35000 ? 54  VAL B CG2 1 
ATOM   1129 N N   . LEU B 1 56 ? -0.39478  0.87859   20.36025  1.000 13.53000 ? 55  LEU B N   1 
ATOM   1130 C CA  . LEU B 1 56 ? -0.98091  0.57896   21.66029  1.000 14.01000 ? 55  LEU B CA  1 
ATOM   1131 C C   . LEU B 1 56 ? -2.36883  0.00308   21.39224  1.000 14.05000 ? 55  LEU B C   1 
ATOM   1132 O O   . LEU B 1 56 ? -3.26860  0.71894   20.93767  1.000 14.38000 ? 55  LEU B O   1 
ATOM   1133 C CB  . LEU B 1 56 ? -1.03785  1.84332   22.51569  1.000 14.18000 ? 55  LEU B CB  1 
ATOM   1134 C CG  . LEU B 1 56 ? -1.49198  1.68562   23.96331  1.000 14.52000 ? 55  LEU B CG  1 
ATOM   1135 C CD1 . LEU B 1 56 ? -0.52667  0.80857   24.73824  1.000 17.31000 ? 55  LEU B CD1 1 
ATOM   1136 C CD2 . LEU B 1 56 ? -1.58673  3.04885   24.62481  1.000 16.02000 ? 55  LEU B CD2 1 
ATOM   1137 N N   . LEU B 1 57 ? -2.52291  -1.29820  21.63394  1.000 15.15000 ? 56  LEU B N   1 
ATOM   1138 C CA  . LEU B 1 57 ? -3.73449  -2.03816  21.31295  1.000 16.13000 ? 56  LEU B CA  1 
ATOM   1139 C C   . LEU B 1 57 ? -4.64361  -2.14896  22.52800  1.000 17.08000 ? 56  LEU B C   1 
ATOM   1140 O O   . LEU B 1 57 ? -4.17874  -2.07443  23.67229  1.000 18.60000 ? 56  LEU B O   1 
ATOM   1141 C CB  . LEU B 1 57 ? -3.38196  -3.45076  20.84450  1.000 16.74000 ? 56  LEU B CB  1 
ATOM   1142 C CG  . LEU B 1 57 ? -2.64486  -3.50911  19.51061  1.000 17.84000 ? 56  LEU B CG  1 
ATOM   1143 C CD1 . LEU B 1 57 ? -2.12999  -4.90962  19.23700  1.000 22.03000 ? 56  LEU B CD1 1 
ATOM   1144 C CD2 . LEU B 1 57 ? -3.56279  -3.04845  18.38614  1.000 20.35000 ? 56  LEU B CD2 1 
ATOM   1145 N N   . PRO B 1 58 ? -5.94753  -2.32034  22.29642  1.000 17.89000 ? 57  PRO B N   1 
ATOM   1146 C CA  . PRO B 1 58 ? -6.86789  -2.59981  23.40833  1.000 21.74000 ? 57  PRO B CA  1 
ATOM   1147 C C   . PRO B 1 58 ? -6.39261  -3.78084  24.23828  1.000 20.12000 ? 57  PRO B C   1 
ATOM   1148 O O   . PRO B 1 58 ? -5.87935  -4.76966  23.71208  1.000 23.23000 ? 57  PRO B O   1 
ATOM   1149 C CB  . PRO B 1 58 ? -8.18934  -2.93055  22.70461  1.000 23.67000 ? 57  PRO B CB  1 
ATOM   1150 C CG  . PRO B 1 58 ? -8.08441  -2.34715  21.36416  1.000 20.00000 ? 57  PRO B CG  1 
ATOM   1151 C CD  . PRO B 1 58 ? -6.63160  -2.30413  20.99179  1.000 17.14000 ? 57  PRO B CD  1 
ATOM   1152 N N   . GLY B 1 59 ? -6.55810  -3.66828  25.55326  1.000 23.85000 ? 58  GLY B N   1 
ATOM   1153 C CA  . GLY B 1 59 ? -6.22987  -4.75060  26.45333  1.000 25.93000 ? 58  GLY B CA  1 
ATOM   1154 C C   . GLY B 1 59 ? -4.79715  -4.77443  26.93164  1.000 25.86000 ? 58  GLY B C   1 
ATOM   1155 O O   . GLY B 1 59 ? -4.43741  -5.66100  27.71397  1.000 28.29000 ? 58  GLY B O   1 
ATOM   1156 N N   . THR B 1 60 ? -3.96567  -3.84041  26.47717  1.000 23.21000 ? 59  THR B N   1 
ATOM   1157 C CA  . THR B 1 60 ? -2.57074  -3.76026  26.87450  1.000 22.85000 ? 59  THR B CA  1 
ATOM   1158 C C   . THR B 1 60 ? -2.25545  -2.32654  27.26584  1.000 20.83000 ? 59  THR B C   1 
ATOM   1159 O O   . THR B 1 60 ? -2.89311  -1.38585  26.79199  1.000 22.19000 ? 59  THR B O   1 
ATOM   1160 C CB  . THR B 1 60 ? -1.63740  -4.14543  25.72453  1.000 25.56000 ? 59  THR B CB  1 
ATOM   1161 O OG1 . THR B 1 60 ? -1.62645  -3.08923  24.75454  1.000 28.48000 ? 59  THR B OG1 1 
ATOM   1162 C CG2 . THR B 1 60 ? -2.09603  -5.42588  25.05849  1.000 31.24000 ? 59  THR B CG2 1 
ATOM   1163 N N   . VAL B 1 61 ? -1.27035  -2.16441  28.14608  1.000 19.02000 ? 60  VAL B N   1 
ATOM   1164 C CA  . VAL B 1 61 ? -0.75033  -0.84441  28.47564  1.000 18.47000 ? 60  VAL B CA  1 
ATOM   1165 C C   . VAL B 1 61 ? 0.63807   -0.60805  27.91838  1.000 18.02000 ? 60  VAL B C   1 
ATOM   1166 O O   . VAL B 1 61 ? 1.21694   0.45473   28.17411  1.000 19.39000 ? 60  VAL B O   1 
ATOM   1167 C CB  . VAL B 1 61 ? -0.80958  -0.54313  29.98480  1.000 21.45000 ? 60  VAL B CB  1 
ATOM   1168 C CG1 . VAL B 1 61 ? -2.21687  -0.76596  30.51325  1.000 24.22000 ? 60  VAL B CG1 1 
ATOM   1169 C CG2 . VAL B 1 61 ? 0.19395   -1.39550  30.73436  1.000 22.56000 ? 60  VAL B CG2 1 
ATOM   1170 N N   . GLU B 1 62 ? 1.19714   -1.55427  27.17384  1.000 16.66000 ? 61  GLU B N   1 
ATOM   1171 C CA  . GLU B 1 62 ? 2.53173   -1.39057  26.61627  1.000 18.18000 ? 61  GLU B CA  1 
ATOM   1172 C C   . GLU B 1 62 ? 2.48037   -1.28900  25.09749  1.000 17.23000 ? 61  GLU B C   1 
ATOM   1173 O O   . GLU B 1 62 ? 1.74142   -2.02383  24.43507  1.000 17.51000 ? 61  GLU B O   1 
ATOM   1174 C CB  . GLU B 1 62 ? 3.49274   -2.49427  27.07511  1.000 24.86000 ? 61  GLU B CB  1 
ATOM   1175 C CG  . GLU B 1 62 ? 3.26665   -3.86466  26.47650  1.000 30.46000 ? 61  GLU B CG  1 
ATOM   1176 C CD  . GLU B 1 62 ? 4.25573   -4.88951  27.01285  1.000 38.96000 ? 61  GLU B CD  1 
ATOM   1177 O OE1 . GLU B 1 62 ? 5.31026   -5.10002  26.37260  1.000 39.80000 ? 61  GLU B OE1 1 
ATOM   1178 O OE2 . GLU B 1 62 ? 3.98409   -5.47842  28.08097  1.000 38.76000 ? 61  GLU B OE2 1 
ATOM   1179 N N   . TRP B 1 63 ? 3.27976   -0.37467  24.56408  1.000 16.69000 ? 62  TRP B N   1 
ATOM   1180 C CA  . TRP B 1 63 ? 3.41331   -0.20851  23.12610  1.000 15.24000 ? 62  TRP B CA  1 
ATOM   1181 C C   . TRP B 1 63 ? 4.22332   -1.35810  22.54277  1.000 16.12000 ? 62  TRP B C   1 
ATOM   1182 O O   . TRP B 1 63 ? 5.07372   -1.95312  23.21186  1.000 17.55000 ? 62  TRP B O   1 
ATOM   1183 C CB  . TRP B 1 63 ? 4.13550   1.10952   22.82957  1.000 15.85000 ? 62  TRP B CB  1 
ATOM   1184 C CG  . TRP B 1 63 ? 3.37475   2.32103   23.23103  1.000 14.07000 ? 62  TRP B CG  1 
ATOM   1185 C CD1 . TRP B 1 63 ? 3.34327   2.90820   24.47006  1.000 16.20000 ? 62  TRP B CD1 1 
ATOM   1186 C CD2 . TRP B 1 63 ? 2.51093   3.09787   22.39457  1.000 13.84000 ? 62  TRP B CD2 1 
ATOM   1187 N NE1 . TRP B 1 63 ? 2.52190   4.00838   24.44565  1.000 14.99000 ? 62  TRP B NE1 1 
ATOM   1188 C CE2 . TRP B 1 63 ? 1.98675   4.13795   23.18788  1.000 13.94000 ? 62  TRP B CE2 1 
ATOM   1189 C CE3 . TRP B 1 63 ? 2.13849   3.01969   21.04434  1.000 14.14000 ? 62  TRP B CE3 1 
ATOM   1190 C CZ2 . TRP B 1 63 ? 1.11509   5.08966   22.67837  1.000 14.13000 ? 62  TRP B CZ2 1 
ATOM   1191 C CZ3 . TRP B 1 63 ? 1.26860   3.95632   20.54165  1.000 14.02000 ? 62  TRP B CZ3 1 
ATOM   1192 C CH2 . TRP B 1 63 ? 0.76248   4.98040   21.35340  1.000 14.03000 ? 62  TRP B CH2 1 
ATOM   1193 N N   . LYS B 1 64 ? 3.96382   -1.66844  21.27822  1.000 15.05000 ? 63  LYS B N   1 
ATOM   1194 C CA  . LYS B 1 64 ? 4.75685   -2.66014  20.56825  1.000 17.49000 ? 63  LYS B CA  1 
ATOM   1195 C C   . LYS B 1 64 ? 5.03765   -2.14849  19.16711  1.000 15.37000 ? 63  LYS B C   1 
ATOM   1196 O O   . LYS B 1 64 ? 4.16493   -1.54696  18.53324  1.000 15.33000 ? 63  LYS B O   1 
ATOM   1197 C CB  . LYS B 1 64 ? 4.02943   -4.00589  20.48797  1.000 17.66000 ? 63  LYS B CB  1 
ATOM   1198 C CG  . LYS B 1 64 ? 4.86142   -5.11225  19.85746  1.000 21.52000 ? 63  LYS B CG  1 
ATOM   1199 C CD  . LYS B 1 64 ? 4.33528   -6.49402  20.21837  1.000 26.78000 ? 63  LYS B CD  1 
ATOM   1200 C CE  . LYS B 1 64 ? 5.08108   -7.56401  19.44004  1.000 32.45000 ? 63  LYS B CE  1 
ATOM   1201 N NZ  . LYS B 1 64 ? 6.00405   -6.94636  18.44989  1.000 37.67000 ? 63  LYS B NZ  1 
ATOM   1202 N N   . VAL B 1 65 ? 6.26106   -2.37134  18.69596  1.000 16.01000 ? 64  VAL B N   1 
ATOM   1203 C CA  . VAL B 1 65 ? 6.67852   -1.93215  17.37245  1.000 15.69000 ? 64  VAL B CA  1 
ATOM   1204 C C   . VAL B 1 65 ? 6.48322   -3.07747  16.38957  1.000 15.90000 ? 64  VAL B C   1 
ATOM   1205 O O   . VAL B 1 65 ? 6.89039   -4.21909  16.65210  1.000 18.19000 ? 64  VAL B O   1 
ATOM   1206 C CB  . VAL B 1 65 ? 8.13865   -1.45729  17.38419  1.000 16.64000 ? 64  VAL B CB  1 
ATOM   1207 C CG1 . VAL B 1 65 ? 8.57330   -1.07236  15.97907  1.000 17.37000 ? 64  VAL B CG1 1 
ATOM   1208 C CG2 . VAL B 1 65 ? 8.30511   -0.28917  18.34112  1.000 18.52000 ? 64  VAL B CG2 1 
ATOM   1209 N N   . TYR B 1 66 ? 5.85524   -2.77526  15.25761  1.000 15.69000 ? 65  TYR B N   1 
ATOM   1210 C CA  . TYR B 1 66 ? 5.66286   -3.72172  14.16987  1.000 15.40000 ? 65  TYR B CA  1 
ATOM   1211 C C   . TYR B 1 66 ? 6.37893   -3.18845  12.94280  1.000 15.46000 ? 65  TYR B C   1 
ATOM   1212 O O   . TYR B 1 66 ? 6.18616   -2.02740  12.56401  1.000 15.94000 ? 65  TYR B O   1 
ATOM   1213 C CB  . TYR B 1 66 ? 4.17534   -3.91113  13.87975  1.000 16.01000 ? 65  TYR B CB  1 
ATOM   1214 C CG  . TYR B 1 66 ? 3.42025   -4.46551  15.06150  1.000 17.19000 ? 65  TYR B CG  1 
ATOM   1215 C CD1 . TYR B 1 66 ? 3.27483   -5.83459  15.23862  1.000 20.08000 ? 65  TYR B CD1 1 
ATOM   1216 C CD2 . TYR B 1 66 ? 2.86791   -3.62180  16.01171  1.000 18.30000 ? 65  TYR B CD2 1 
ATOM   1217 C CE1 . TYR B 1 66 ? 2.58907   -6.34546  16.33693  1.000 19.70000 ? 65  TYR B CE1 1 
ATOM   1218 C CE2 . TYR B 1 66 ? 2.18217   -4.12184  17.10156  1.000 20.61000 ? 65  TYR B CE2 1 
ATOM   1219 C CZ  . TYR B 1 66 ? 2.04756   -5.48021  17.25567  1.000 20.35000 ? 65  TYR B CZ  1 
ATOM   1220 O OH  . TYR B 1 66 ? 1.36619   -5.98181  18.34340  1.000 23.41000 ? 65  TYR B OH  1 
ATOM   1221 N N   . THR B 1 67 ? 7.20565   -4.03137  12.33655  1.000 16.45000 ? 66  THR B N   1 
ATOM   1222 C CA  . THR B 1 67 ? 8.01392   -3.67435  11.18136  1.000 17.29000 ? 66  THR B CA  1 
ATOM   1223 C C   . THR B 1 67 ? 7.48267   -4.37424  9.93481   1.000 17.06000 ? 66  THR B C   1 
ATOM   1224 O O   . THR B 1 67 ? 6.50088   -5.11511  9.98374   1.000 16.25000 ? 66  THR B O   1 
ATOM   1225 C CB  . THR B 1 67 ? 9.49209   -3.98965  11.43264  1.000 18.85000 ? 66  THR B CB  1 
ATOM   1226 O OG1 . THR B 1 67 ? 9.65453   -5.39803  11.64497  1.000 19.87000 ? 66  THR B OG1 1 
ATOM   1227 C CG2 . THR B 1 67 ? 9.99761   -3.22751  12.64845  1.000 22.86000 ? 66  THR B CG2 1 
ATOM   1228 N N   . ALA B 1 68 ? 8.14945   -4.12263  8.80772   1.000 18.32000 ? 67  ALA B N   1 
ATOM   1229 C CA  . ALA B 1 68 ? 7.66426   -4.57193  7.50977   1.000 18.39000 ? 67  ALA B CA  1 
ATOM   1230 C C   . ALA B 1 68 ? 7.37388   -6.06625  7.49674   1.000 17.51000 ? 67  ALA B C   1 
ATOM   1231 O O   . ALA B 1 68 ? 8.21567   -6.88847  7.87677   1.000 18.33000 ? 67  ALA B O   1 
ATOM   1232 C CB  . ALA B 1 68 ? 8.68435   -4.22848  6.42345   1.000 21.11000 ? 67  ALA B CB  1 
ATOM   1233 N N   . GLY B 1 69 ? 6.17826   -6.41055  7.03455   1.000 17.11000 ? 68  GLY B N   1 
ATOM   1234 C CA  . GLY B 1 69 ? 5.74123   -7.78451  6.96973   1.000 18.88000 ? 68  GLY B CA  1 
ATOM   1235 C C   . GLY B 1 69 ? 5.07717   -8.30146  8.22375   1.000 17.72000 ? 68  GLY B C   1 
ATOM   1236 O O   . GLY B 1 69 ? 4.46372   -9.37330  8.18145   1.000 20.06000 ? 68  GLY B O   1 
ATOM   1237 N N   . GLU B 1 70 ? 5.16500   -7.57540  9.33402   1.000 16.82000 ? 69  GLU B N   1 
ATOM   1238 C CA  . GLU B 1 70 ? 4.52947   -8.02350  10.55964  1.000 16.08000 ? 69  GLU B CA  1 
ATOM   1239 C C   . GLU B 1 70 ? 3.06375   -7.61187  10.57958  1.000 15.34000 ? 69  GLU B C   1 
ATOM   1240 O O   . GLU B 1 70 ? 2.65517   -6.63694  9.93591   1.000 15.89000 ? 69  GLU B O   1 
ATOM   1241 C CB  . GLU B 1 70 ? 5.27838   -7.48130  11.77348  1.000 16.68000 ? 69  GLU B CB  1 
ATOM   1242 C CG  . GLU B 1 70 ? 6.73760   -7.93416  11.78345  1.000 18.35000 ? 69  GLU B CG  1 
ATOM   1243 C CD  . GLU B 1 70 ? 7.44376   -7.69837  13.10260  1.000 20.21000 ? 69  GLU B CD  1 
ATOM   1244 O OE1 . GLU B 1 70 ? 7.23927   -6.63785  13.71881  1.000 21.31000 ? 69  GLU B OE1 1 
ATOM   1245 O OE2 . GLU B 1 70 ? 8.23132   -8.57684  13.51718  1.000 27.14000 ? 69  GLU B OE2 1 
ATOM   1246 N N   . VAL B 1 71 ? 2.27162   -8.38894  11.31323  1.000 16.35000 ? 70  VAL B N   1 
ATOM   1247 C CA  . VAL B 1 71 ? 0.81990   -8.29101  11.30593  1.000 15.80000 ? 70  VAL B CA  1 
ATOM   1248 C C   . VAL B 1 71 ? 0.32709   -8.10351  12.73090  1.000 17.07000 ? 70  VAL B C   1 
ATOM   1249 O O   . VAL B 1 71 ? 0.81759   -8.75636  13.66087  1.000 18.39000 ? 70  VAL B O   1 
ATOM   1250 C CB  . VAL B 1 71 ? 0.20191   -9.56949  10.70547  1.000 18.04000 ? 70  VAL B CB  1 
ATOM   1251 C CG1 . VAL B 1 71 ? -1.31525  -9.50103  10.74369  1.000 19.95000 ? 70  VAL B CG1 1 
ATOM   1252 C CG2 . VAL B 1 71 ? 0.69954   -9.78834  9.28763   1.000 21.03000 ? 70  VAL B CG2 1 
ATOM   1253 N N   . PHE B 1 72 ? -0.66425  -7.23530  12.90548  1.000 15.50000 ? 71  PHE B N   1 
ATOM   1254 C CA  . PHE B 1 72 ? -1.36574  -7.13884  14.17540  1.000 15.39000 ? 71  PHE B CA  1 
ATOM   1255 C C   . PHE B 1 72 ? -2.86000  -7.00063  13.92341  1.000 15.71000 ? 71  PHE B C   1 
ATOM   1256 O O   . PHE B 1 72 ? -3.30010  -6.63766  12.82956  1.000 15.90000 ? 71  PHE B O   1 
ATOM   1257 C CB  . PHE B 1 72 ? -0.81801  -6.02699  15.08904  1.000 16.71000 ? 71  PHE B CB  1 
ATOM   1258 C CG  . PHE B 1 72 ? -0.96479  -4.62868  14.53910  1.000 15.57000 ? 71  PHE B CG  1 
ATOM   1259 C CD1 . PHE B 1 72 ? -2.07796  -3.86355  14.83723  1.000 16.51000 ? 71  PHE B CD1 1 
ATOM   1260 C CD2 . PHE B 1 72 ? 0.03825   -4.06438  13.76164  1.000 16.38000 ? 71  PHE B CD2 1 
ATOM   1261 C CE1 . PHE B 1 72 ? -2.19583  -2.56982  14.35649  1.000 16.16000 ? 71  PHE B CE1 1 
ATOM   1262 C CE2 . PHE B 1 72 ? -0.07715  -2.78112  13.28144  1.000 16.16000 ? 71  PHE B CE2 1 
ATOM   1263 C CZ  . PHE B 1 72 ? -1.19258  -2.02908  13.57321  1.000 16.40000 ? 71  PHE B CZ  1 
ATOM   1264 N N   . ASN B 1 73 ? -3.63979  -7.30879  14.95249  1.000 15.17000 ? 72  ASN B N   1 
ATOM   1265 C CA  . ASN B 1 73 ? -5.08976  -7.28212  14.86742  1.000 14.82000 ? 72  ASN B CA  1 
ATOM   1266 C C   . ASN B 1 73 ? -5.64467  -6.27507  15.85152  1.000 15.36000 ? 72  ASN B C   1 
ATOM   1267 O O   . ASN B 1 73 ? -5.12545  -6.12070  16.96252  1.000 16.56000 ? 72  ASN B O   1 
ATOM   1268 C CB  . ASN B 1 73 ? -5.68266  -8.64884  15.16269  1.000 17.79000 ? 72  ASN B CB  1 
ATOM   1269 C CG  . ASN B 1 73 ? -5.61042  -9.55763  13.97153  1.000 18.20000 ? 72  ASN B CG  1 
ATOM   1270 O OD1 . ASN B 1 73 ? -6.51483  -9.57449  13.13902  1.000 22.55000 ? 72  ASN B OD1 1 
ATOM   1271 N ND2 . ASN B 1 73 ? -4.51487  -10.29390 13.85260  1.000 20.08000 ? 72  ASN B ND2 1 
ATOM   1272 N N   . VAL B 1 74 ? -6.70219  -5.59064  15.43750  1.000 14.56000 ? 73  VAL B N   1 
ATOM   1273 C CA  . VAL B 1 74 ? -7.43285  -4.66418  16.28533  1.000 14.94000 ? 73  VAL B CA  1 
ATOM   1274 C C   . VAL B 1 74 ? -8.87140  -5.15415  16.35181  1.000 15.23000 ? 73  VAL B C   1 
ATOM   1275 O O   . VAL B 1 74 ? -9.46853  -5.43326  15.30695  1.000 15.27000 ? 73  VAL B O   1 
ATOM   1276 C CB  . VAL B 1 74 ? -7.38781  -3.21995  15.75662  1.000 15.63000 ? 73  VAL B CB  1 
ATOM   1277 C CG1 . VAL B 1 74 ? -7.97529  -2.28685  16.78872  1.000 16.40000 ? 73  VAL B CG1 1 
ATOM   1278 C CG2 . VAL B 1 74 ? -5.96224  -2.81921  15.40734  1.000 16.32000 ? 73  VAL B CG2 1 
ATOM   1279 N N   . PRO B 1 75 ? -9.45422  -5.30294  17.53643  1.000 15.78000 ? 74  PRO B N   1 
ATOM   1280 C CA  . PRO B 1 75 ? -10.85768 -5.71868  17.61876  1.000 15.76000 ? 74  PRO B CA  1 
ATOM   1281 C C   . PRO B 1 75 ? -11.77666 -4.68332  16.98897  1.000 14.42000 ? 74  PRO B C   1 
ATOM   1282 O O   . PRO B 1 75 ? -11.43845 -3.50508  16.84937  1.000 15.30000 ? 74  PRO B O   1 
ATOM   1283 C CB  . PRO B 1 75 ? -11.12044 -5.82852  19.12696  1.000 18.18000 ? 74  PRO B CB  1 
ATOM   1284 C CG  . PRO B 1 75 ? -9.81133  -5.69839  19.80492  1.000 22.47000 ? 74  PRO B CG  1 
ATOM   1285 C CD  . PRO B 1 75 ? -8.82999  -5.10815  18.85700  1.000 16.97000 ? 74  PRO B CD  1 
ATOM   1286 N N   . GLY B 1 76 ? -12.96881 -5.14530  16.62123  1.000 15.63000 ? 75  GLY B N   1 
ATOM   1287 C CA  . GLY B 1 76 ? -13.99865 -4.24458  16.14882  1.000 15.29000 ? 75  GLY B CA  1 
ATOM   1288 C C   . GLY B 1 76 ? -14.60363 -3.43075  17.27716  1.000 14.67000 ? 75  GLY B C   1 
ATOM   1289 O O   . GLY B 1 76 ? -14.43838 -3.73389  18.45966  1.000 14.96000 ? 75  GLY B O   1 
ATOM   1290 N N   . HIS B 1 77 ? -15.32188 -2.37453  16.88827  1.000 14.08000 ? 76  HIS B N   1 
ATOM   1291 C CA  . HIS B 1 77 ? -16.01194 -1.48223  17.82472  1.000 13.97000 ? 76  HIS B CA  1 
ATOM   1292 C C   . HIS B 1 77 ? -15.08980 -1.04314  18.95626  1.000 13.72000 ? 76  HIS B C   1 
ATOM   1293 O O   . HIS B 1 77 ? -15.43612 -1.09852  20.13844  1.000 14.76000 ? 76  HIS B O   1 
ATOM   1294 C CB  . HIS B 1 77 ? -17.30651 -2.09582  18.35821  1.000 14.61000 ? 76  HIS B CB  1 
ATOM   1295 C CG  . HIS B 1 77 ? -18.26025 -2.48542  17.27813  1.000 14.44000 ? 76  HIS B CG  1 
ATOM   1296 N ND1 . HIS B 1 77 ? -19.27158 -1.66312  16.83016  1.000 18.40000 ? 76  HIS B ND1 1 
ATOM   1297 C CD2 . HIS B 1 77 ? -18.31427 -3.59975  16.51541  1.000 16.57000 ? 76  HIS B CD2 1 
ATOM   1298 C CE1 . HIS B 1 77 ? -19.92040 -2.26709  15.84830  1.000 15.54000 ? 76  HIS B CE1 1 
ATOM   1299 N NE2 . HIS B 1 77 ? -19.36529 -3.44588  15.64455  1.000 20.71000 ? 76  HIS B NE2 1 
ATOM   1300 N N   . SER B 1 78 ? -13.89449 -0.60624  18.58224  1.000 14.45000 ? 77  SER B N   1 
ATOM   1301 C CA  . SER B 1 78 ? -12.83760 -0.33407  19.54874  1.000 14.45000 ? 77  SER B CA  1 
ATOM   1302 C C   . SER B 1 78 ? -11.97114 0.79912   19.00065  1.000 13.76000 ? 77  SER B C   1 
ATOM   1303 O O   . SER B 1 78 ? -12.43279 1.61732   18.20283  1.000 14.47000 ? 77  SER B O   1 
ATOM   1304 C CB  . SER B 1 78 ? -12.07974 -1.62881  19.88071  1.000 16.57000 ? 77  SER B CB  1 
ATOM   1305 O OG  . SER B 1 78 ? -11.17371 -1.42288  20.94730  1.000 18.09000 ? 77  SER B OG  1 
ATOM   1306 N N   . GLU B 1 79 ? -10.72035 0.87822   19.45038  1.000 14.54000 ? 78  GLU B N   1 
ATOM   1307 C CA  . GLU B 1 79 ? -9.81200  1.90480   18.95816  1.000 14.51000 ? 78  GLU B CA  1 
ATOM   1308 C C   . GLU B 1 79 ? -8.38687  1.46042   19.23027  1.000 14.78000 ? 78  GLU B C   1 
ATOM   1309 O O   . GLU B 1 79 ? -8.14127  0.57354   20.04985  1.000 15.67000 ? 78  GLU B O   1 
ATOM   1310 C CB  . GLU B 1 79 ? -10.09877 3.26917   19.59347  1.000 15.52000 ? 78  GLU B CB  1 
ATOM   1311 C CG  . GLU B 1 79 ? -9.77389  3.35567   21.07276  1.000 15.80000 ? 78  GLU B CG  1 
ATOM   1312 C CD  . GLU B 1 79 ? -10.26756 4.64135   21.69409  1.000 17.52000 ? 78  GLU B CD  1 
ATOM   1313 O OE1 . GLU B 1 79 ? -9.49830  5.29452   22.43011  1.000 20.58000 ? 78  GLU B OE1 1 
ATOM   1314 O OE2 . GLU B 1 79 ? -11.43478 5.01375   21.44429  1.000 17.68000 ? 78  GLU B OE2 1 
ATOM   1315 N N   . PHE B 1 80 ? -7.45181  2.07648   18.51442  1.000 13.98000 ? 79  PHE B N   1 
ATOM   1316 C CA  . PHE B 1 80 ? -6.03977  1.80549   18.73091  1.000 13.90000 ? 79  PHE B CA  1 
ATOM   1317 C C   . PHE B 1 80 ? -5.24475  3.06659   18.44592  1.000 12.99000 ? 79  PHE B C   1 
ATOM   1318 O O   . PHE B 1 80 ? -5.73863  4.00592   17.81636  1.000 14.43000 ? 79  PHE B O   1 
ATOM   1319 C CB  . PHE B 1 80 ? -5.53373  0.57815   17.95964  1.000 15.78000 ? 79  PHE B CB  1 
ATOM   1320 C CG  . PHE B 1 80 ? -5.44001  0.75833   16.46142  1.000 14.27000 ? 79  PHE B CG  1 
ATOM   1321 C CD1 . PHE B 1 80 ? -6.57350  0.98579   15.68564  1.000 15.37000 ? 79  PHE B CD1 1 
ATOM   1322 C CD2 . PHE B 1 80 ? -4.21247  0.63949   15.81927  1.000 16.15000 ? 79  PHE B CD2 1 
ATOM   1323 C CE1 . PHE B 1 80 ? -6.47519  1.11567   14.30489  1.000 16.36000 ? 79  PHE B CE1 1 
ATOM   1324 C CE2 . PHE B 1 80 ? -4.11404  0.76986   14.43985  1.000 18.56000 ? 79  PHE B CE2 1 
ATOM   1325 C CZ  . PHE B 1 80 ? -5.24316  1.00539   13.68565  1.000 18.52000 ? 79  PHE B CZ  1 
ATOM   1326 N N   . HIS B 1 81 ? -4.01158  3.08054   18.94585  1.000 12.74000 ? 80  HIS B N   1 
ATOM   1327 C CA  . HIS B 1 81 ? -3.17614  4.27145   18.97172  1.000 13.59000 ? 80  HIS B CA  1 
ATOM   1328 C C   . HIS B 1 81 ? -1.84136  3.95620   18.32429  1.000 12.90000 ? 80  HIS B C   1 
ATOM   1329 O O   . HIS B 1 81 ? -1.30044  2.85862   18.50092  1.000 13.16000 ? 80  HIS B O   1 
ATOM   1330 C CB  . HIS B 1 81 ? -2.98280  4.74094   20.41507  1.000 13.26000 ? 80  HIS B CB  1 
ATOM   1331 C CG  . HIS B 1 81 ? -4.23134  4.62791   21.21878  1.000 14.26000 ? 80  HIS B CG  1 
ATOM   1332 N ND1 . HIS B 1 81 ? -5.28756  5.49785   21.05979  1.000 14.39000 ? 80  HIS B ND1 1 
ATOM   1333 C CD2 . HIS B 1 81 ? -4.62970  3.70346   22.12448  1.000 14.62000 ? 80  HIS B CD2 1 
ATOM   1334 C CE1 . HIS B 1 81 ? -6.27854  5.12590   21.85243  1.000 14.15000 ? 80  HIS B CE1 1 
ATOM   1335 N NE2 . HIS B 1 81 ? -5.90518  4.04243   22.50782  1.000 15.49000 ? 80  HIS B NE2 1 
ATOM   1336 N N   . LEU B 1 82 ? -1.30293  4.93479   17.59724  1.000 13.06000 ? 81  LEU B N   1 
ATOM   1337 C CA  . LEU B 1 82 ? -0.06759  4.75551   16.85245  1.000 12.73000 ? 81  LEU B CA  1 
ATOM   1338 C C   . LEU B 1 82 ? 0.88074   5.92056   17.07796  1.000 12.63000 ? 81  LEU B C   1 
ATOM   1339 O O   . LEU B 1 82 ? 0.45996   7.08203   17.14098  1.000 13.69000 ? 81  LEU B O   1 
ATOM   1340 C CB  . LEU B 1 82 ? -0.32974  4.66099   15.34603  1.000 13.78000 ? 81  LEU B CB  1 
ATOM   1341 C CG  . LEU B 1 82 ? -1.33495  3.58932   14.90775  1.000 13.09000 ? 81  LEU B CG  1 
ATOM   1342 C CD1 . LEU B 1 82 ? -2.69516  4.20926   14.63914  1.000 16.33000 ? 81  LEU B CD1 1 
ATOM   1343 C CD2 . LEU B 1 82 ? -0.83897  2.82609   13.68521  1.000 15.12000 ? 81  LEU B CD2 1 
ATOM   1344 N N   . GLN B 1 83 ? 2.16645   5.59206   17.16859  1.000 12.49000 ? 82  GLN B N   1 
ATOM   1345 C CA  . GLN B 1 83 ? 3.25869   6.54390   17.01393  1.000 12.28000 ? 82  GLN B CA  1 
ATOM   1346 C C   . GLN B 1 83 ? 4.00686   6.16281   15.74921  1.000 12.21000 ? 82  GLN B C   1 
ATOM   1347 O O   . GLN B 1 83 ? 4.31667   4.98566   15.54220  1.000 13.66000 ? 82  GLN B O   1 
ATOM   1348 C CB  . GLN B 1 83 ? 4.23025   6.49874   18.19336  1.000 13.65000 ? 82  GLN B CB  1 
ATOM   1349 C CG  . GLN B 1 83 ? 3.64416   6.88624   19.52662  1.000 14.29000 ? 82  GLN B CG  1 
ATOM   1350 C CD  . GLN B 1 83 ? 4.64299   6.69159   20.64293  1.000 15.27000 ? 82  GLN B CD  1 
ATOM   1351 O OE1 . GLN B 1 83 ? 5.71684   7.29909   20.63902  1.000 18.14000 ? 82  GLN B OE1 1 
ATOM   1352 N NE2 . GLN B 1 83 ? 4.31849   5.82198   21.58524  1.000 15.21000 ? 82  GLN B NE2 1 
ATOM   1353 N N   . VAL B 1 84 ? 4.28271   7.15416   14.91078  1.000 13.47000 ? 83  VAL B N   1 
ATOM   1354 C CA  . VAL B 1 84 ? 4.90936   6.94612   13.61586  1.000 12.58000 ? 83  VAL B CA  1 
ATOM   1355 C C   . VAL B 1 84 ? 6.09629   7.89881   13.52978  1.000 13.06000 ? 83  VAL B C   1 
ATOM   1356 O O   . VAL B 1 84 ? 5.91392   9.11992   13.57146  1.000 13.88000 ? 83  VAL B O   1 
ATOM   1357 C CB  . VAL B 1 84 ? 3.89913   7.18865   12.48023  1.000 12.07000 ? 83  VAL B CB  1 
ATOM   1358 C CG1 . VAL B 1 84 ? 4.53064   6.89146   11.14243  1.000 14.73000 ? 83  VAL B CG1 1 
ATOM   1359 C CG2 . VAL B 1 84 ? 2.62686   6.34048   12.68895  1.000 14.16000 ? 83  VAL B CG2 1 
ATOM   1360 N N   . ALA B 1 85 ? 7.31291   7.34562   13.44787  1.000 13.36000 ? 84  ALA B N   1 
ATOM   1361 C CA  . ALA B 1 85 ? 8.51906   8.17583   13.51615  1.000 13.92000 ? 84  ALA B CA  1 
ATOM   1362 C C   . ALA B 1 85 ? 8.87060   8.79854   12.17079  1.000 14.20000 ? 84  ALA B C   1 
ATOM   1363 O O   . ALA B 1 85 ? 9.49395   9.86473   12.12209  1.000 14.98000 ? 84  ALA B O   1 
ATOM   1364 C CB  . ALA B 1 85 ? 9.69812   7.35091   14.03542  1.000 17.12000 ? 84  ALA B CB  1 
ATOM   1365 N N   . GLU B 1 86 ? 8.54138   8.11433   11.08536  1.000 14.40000 ? 85  GLU B N   1 
ATOM   1366 C CA  . GLU B 1 86 ? 8.66876   8.61520   9.72366   1.000 14.79000 ? 85  GLU B CA  1 
ATOM   1367 C C   . GLU B 1 86 ? 7.66571   7.83728   8.88946   1.000 14.10000 ? 85  GLU B C   1 
ATOM   1368 O O   . GLU B 1 86 ? 7.09388   6.85472   9.37568   1.000 14.07000 ? 85  GLU B O   1 
ATOM   1369 C CB  . GLU B 1 86 ? 10.10821  8.44813   9.19238   1.000 14.88000 ? 85  GLU B CB  1 
ATOM   1370 C CG  . GLU B 1 86 ? 10.51441  7.01317   8.92862   1.000 15.62000 ? 85  GLU B CG  1 
ATOM   1371 C CD  . GLU B 1 86 ? 11.85810  6.89438   8.22421   1.000 16.27000 ? 85  GLU B CD  1 
ATOM   1372 O OE1 . GLU B 1 86 ? 12.48217  5.82362   8.33423   1.000 18.77000 ? 85  GLU B OE1 1 
ATOM   1373 O OE2 . GLU B 1 86 ? 12.28503  7.86329   7.56625   1.000 18.47000 ? 85  GLU B OE2 1 
ATOM   1374 N N   . PRO B 1 87 ? 7.38700   8.25941   7.65859   1.000 13.18000 ? 86  PRO B N   1 
ATOM   1375 C CA  . PRO B 1 87 ? 6.27248   7.63560   6.93149   1.000 13.61000 ? 86  PRO B CA  1 
ATOM   1376 C C   . PRO B 1 87 ? 6.35659   6.11529   6.89652   1.000 13.17000 ? 86  PRO B C   1 
ATOM   1377 O O   . PRO B 1 87 ? 7.42543   5.52872   6.68805   1.000 13.33000 ? 86  PRO B O   1 
ATOM   1378 C CB  . PRO B 1 87 ? 6.37098   8.25484   5.53788   1.000 14.32000 ? 86  PRO B CB  1 
ATOM   1379 C CG  . PRO B 1 87 ? 6.90395   9.62570   5.83192   1.000 15.03000 ? 86  PRO B CG  1 
ATOM   1380 C CD  . PRO B 1 87 ? 7.91862   9.42444   6.92196   1.000 15.08000 ? 86  PRO B CD  1 
ATOM   1381 N N   . ALA B 1 88 ? 5.21046   5.48364   7.14173   1.000 13.04000 ? 87  ALA B N   1 
ATOM   1382 C CA  . ALA B 1 88 ? 5.06661   4.03925   7.16405   1.000 13.33000 ? 87  ALA B CA  1 
ATOM   1383 C C   . ALA B 1 88 ? 3.82631   3.67413   6.36475   1.000 12.53000 ? 87  ALA B C   1 
ATOM   1384 O O   . ALA B 1 88 ? 2.79614   4.35111   6.45073   1.000 13.67000 ? 87  ALA B O   1 
ATOM   1385 C CB  . ALA B 1 88 ? 4.92405   3.52451   8.59940   1.000 13.73000 ? 87  ALA B CB  1 
ATOM   1386 N N   . SER B 1 89 ? 3.91944   2.60277   5.58925   1.000 12.64000 ? 88  SER B N   1 
ATOM   1387 C CA  . SER B 1 89 ? 2.80166   2.17684   4.76275   1.000 12.23000 ? 88  SER B CA  1 
ATOM   1388 C C   . SER B 1 89 ? 2.27579   0.84069   5.26113   1.000 11.57000 ? 88  SER B C   1 
ATOM   1389 O O   . SER B 1 89 ? 2.97941   0.08079   5.92978   1.000 12.93000 ? 88  SER B O   1 
ATOM   1390 C CB  . SER B 1 89 ? 3.18305   2.11132   3.27907   1.000 13.50000 ? 88  SER B CB  1 
ATOM   1391 O OG  . SER B 1 89 ? 4.15751   1.11309   3.02789   1.000 13.08000 ? 88  SER B OG  1 
ATOM   1392 N N   . TYR B 1 90 ? 1.01214   0.56207   4.92649   1.000 12.20000 ? 89  TYR B N   1 
ATOM   1393 C CA  . TYR B 1 90 ? 0.31627   -0.56840  5.52554   1.000 12.90000 ? 89  TYR B CA  1 
ATOM   1394 C C   . TYR B 1 90 ? -0.77117  -1.08147  4.59038   1.000 11.90000 ? 89  TYR B C   1 
ATOM   1395 O O   . TYR B 1 90 ? -1.26113  -0.36618  3.71248   1.000 12.55000 ? 89  TYR B O   1 
ATOM   1396 C CB  . TYR B 1 90 ? -0.30318  -0.17897  6.88163   1.000 13.82000 ? 89  TYR B CB  1 
ATOM   1397 C CG  . TYR B 1 90 ? -1.37395  0.88448   6.74820   1.000 13.63000 ? 89  TYR B CG  1 
ATOM   1398 C CD1 . TYR B 1 90 ? -1.06223  2.24029   6.81853   1.000 14.49000 ? 89  TYR B CD1 1 
ATOM   1399 C CD2 . TYR B 1 90 ? -2.70065  0.52947   6.51211   1.000 14.13000 ? 89  TYR B CD2 1 
ATOM   1400 C CE1 . TYR B 1 90 ? -2.04096  3.20723   6.67522   1.000 15.37000 ? 89  TYR B CE1 1 
ATOM   1401 C CE2 . TYR B 1 90 ? -3.68256  1.48494   6.35363   1.000 15.56000 ? 89  TYR B CE2 1 
ATOM   1402 C CZ  . TYR B 1 90 ? -3.34518  2.82370   6.43528   1.000 15.43000 ? 89  TYR B CZ  1 
ATOM   1403 O OH  . TYR B 1 90 ? -4.30410  3.79929   6.28774   1.000 17.78000 ? 89  TYR B OH  1 
ATOM   1404 N N   . LEU B 1 91 ? -1.16090  -2.33010  4.83660   1.000 12.34000 ? 90  LEU B N   1 
ATOM   1405 C CA  . LEU B 1 91 ? -2.34437  -2.96027  4.26627   1.000 12.59000 ? 90  LEU B CA  1 
ATOM   1406 C C   . LEU B 1 91 ? -3.28569  -3.27468  5.41849   1.000 13.09000 ? 90  LEU B C   1 
ATOM   1407 O O   . LEU B 1 91 ? -2.87958  -3.89571  6.40221   1.000 14.03000 ? 90  LEU B O   1 
ATOM   1408 C CB  . LEU B 1 91 ? -1.96457  -4.26230  3.55281   1.000 14.05000 ? 90  LEU B CB  1 
ATOM   1409 C CG  . LEU B 1 91 ? -3.10981  -5.18371  3.11546   1.000 14.56000 ? 90  LEU B CG  1 
ATOM   1410 C CD1 . LEU B 1 91 ? -3.87520  -4.59279  1.94984   1.000 16.44000 ? 90  LEU B CD1 1 
ATOM   1411 C CD2 . LEU B 1 91 ? -2.57788  -6.56912  2.76833   1.000 17.69000 ? 90  LEU B CD2 1 
ATOM   1412 N N   . CYS B 1 92 ? -4.52360  -2.80246  5.32185   1.000 12.57000 ? 91  CYS B N   1 
ATOM   1413 C CA  . CYS B 1 92 ? -5.54071  -3.00938  6.34252   1.000 13.79000 ? 91  CYS B CA  1 
ATOM   1414 C C   . CYS B 1 92 ? -6.66428  -3.85188  5.75975   1.000 13.38000 ? 91  CYS B C   1 
ATOM   1415 O O   . CYS B 1 92 ? -7.24567  -3.48215  4.73410   1.000 15.21000 ? 91  CYS B O   1 
ATOM   1416 C CB  . CYS B 1 92 ? -6.11045  -1.67797  6.81397   1.000 14.23000 ? 91  CYS B CB  1 
ATOM   1417 S SG  . CYS B 1 92 ? -7.27250  -1.83566  8.17018   1.000 17.88000 ? 91  CYS B SG  1 
ATOM   1418 N N   . ARG B 1 93 ? -6.98516  -4.96757  6.40587   1.000 13.82000 ? 92  ARG B N   1 
ATOM   1419 C CA  . ARG B 1 93 ? -8.13513  -5.77979  6.02904   1.000 14.19000 ? 92  ARG B CA  1 
ATOM   1420 C C   . ARG B 1 93 ? -9.24876  -5.57880  7.04375   1.000 14.06000 ? 92  ARG B C   1 
ATOM   1421 O O   . ARG B 1 93 ? -9.01841  -5.66771  8.25647   1.000 15.08000 ? 92  ARG B O   1 
ATOM   1422 C CB  . ARG B 1 93 ? -7.75635  -7.25430  5.90376   1.000 16.29000 ? 92  ARG B CB  1 
ATOM   1423 C CG  . ARG B 1 93 ? -6.74790  -7.49013  4.79830   1.000 16.78000 ? 92  ARG B CG  1 
ATOM   1424 C CD  . ARG B 1 93 ? -6.36706  -8.94717  4.65818   1.000 23.50000 ? 92  ARG B CD  1 
ATOM   1425 N NE  . ARG B 1 93 ? -7.54289  -9.80415  4.58771   1.000 24.08000 ? 92  ARG B NE  1 
ATOM   1426 C CZ  . ARG B 1 93 ? -7.79609  -10.79903 5.43208   1.000 24.02000 ? 92  ARG B CZ  1 
ATOM   1427 N NH1 . ARG B 1 93 ? -6.95017  -11.07550 6.41723   1.000 24.42000 ? 92  ARG B NH1 1 
ATOM   1428 N NH2 . ARG B 1 93 ? -8.90069  -11.52060 5.29222   1.000 26.65000 ? 92  ARG B NH2 1 
ATOM   1429 N N   . TYR B 1 94 ? -10.44766 -5.28039  6.54361   1.000 15.21000 ? 93  TYR B N   1 
ATOM   1430 C CA  . TYR B 1 94 ? -11.62740 -5.08523  7.37861   1.000 16.69000 ? 93  TYR B CA  1 
ATOM   1431 C C   . TYR B 1 94 ? -12.35393 -6.41640  7.46059   1.000 16.24000 ? 93  TYR B C   1 
ATOM   1432 O O   . TYR B 1 94 ? -12.92910 -6.87835  6.47016   1.000 18.62000 ? 93  TYR B O   1 
ATOM   1433 C CB  . TYR B 1 94 ? -12.50392 -3.97561  6.80172   1.000 18.06000 ? 93  TYR B CB  1 
ATOM   1434 C CG  . TYR B 1 94 ? -11.71190 -2.70580  6.63165   1.000 17.73000 ? 93  TYR B CG  1 
ATOM   1435 C CD1 . TYR B 1 94 ? -11.49100 -1.85445  7.70439   1.000 18.06000 ? 93  TYR B CD1 1 
ATOM   1436 C CD2 . TYR B 1 94 ? -11.12585 -2.38990  5.41330   1.000 18.28000 ? 93  TYR B CD2 1 
ATOM   1437 C CE1 . TYR B 1 94 ? -10.73677 -0.70620  7.56458   1.000 19.81000 ? 93  TYR B CE1 1 
ATOM   1438 C CE2 . TYR B 1 94 ? -10.36951 -1.24952  5.26331   1.000 20.20000 ? 93  TYR B CE2 1 
ATOM   1439 C CZ  . TYR B 1 94 ? -10.17470 -0.41102  6.33938   1.000 20.36000 ? 93  TYR B CZ  1 
ATOM   1440 O OH  . TYR B 1 94 ? -9.41454  0.72407   6.18415   1.000 22.73000 ? 93  TYR B OH  1 
ATOM   1441 N N   . LEU B 1 95 ? -12.30008 -7.04458  8.62795   1.000 17.09000 ? 94  LEU B N   1 
ATOM   1442 C CA  . LEU B 1 95 ? -12.75079 -8.41554  8.78532   1.000 17.81000 ? 94  LEU B CA  1 
ATOM   1443 C C   . LEU B 1 95 ? -14.24738 -8.52882  9.04457   1.000 20.52000 ? 94  LEU B C   1 
ATOM   1444 O O   . LEU B 1 95 ? -14.93336 -7.54499  9.32451   1.000 19.95000 ? 94  LEU B O   1 
ATOM   1445 C CB  . LEU B 1 95 ? -11.95862 -9.08479  9.90661   1.000 18.85000 ? 94  LEU B CB  1 
ATOM   1446 C CG  . LEU B 1 95 ? -10.43708 -8.99271  9.75465   1.000 16.96000 ? 94  LEU B CG  1 
ATOM   1447 C CD1 . LEU B 1 95 ? -9.75197  -9.61149  10.95754  1.000 20.78000 ? 94  LEU B CD1 1 
ATOM   1448 C CD2 . LEU B 1 95 ? -9.97978  -9.65299  8.45763   1.000 20.03000 ? 94  LEU B CD2 1 
ATOM   1449 O OXT . LEU B 1 95 ? -14.79317 -9.63328  8.97226   1.000 25.97000 ? 94  LEU B OXT 1 
HETATM 1450 O O   . HOH C 2 .  ? 4.76744   15.98021  -4.08111  1.000 34.61000 ? 101 HOH A O   1 
HETATM 1451 O O   . HOH C 2 .  ? 6.88301   -14.78252 -9.65044  1.000 27.83000 ? 102 HOH A O   1 
HETATM 1452 O O   . HOH C 2 .  ? -0.10570  12.63967  -9.17735  1.000 29.89000 ? 103 HOH A O   1 
HETATM 1453 O O   . HOH C 2 .  ? 11.47974  -10.64681 -12.49658 1.000 28.88000 ? 104 HOH A O   1 
HETATM 1454 O O   . HOH C 2 .  ? -12.29938 -8.94254  -11.32484 1.000 27.99000 ? 105 HOH A O   1 
HETATM 1455 O O   . HOH C 2 .  ? 13.47803  -5.35548  -18.05361 1.000 24.74000 ? 106 HOH A O   1 
HETATM 1456 O O   . HOH C 2 .  ? 3.06006   -14.91446 -2.77062  1.000 24.64000 ? 107 HOH A O   1 
HETATM 1457 O O   . HOH C 2 .  ? -6.22944  -11.44287 -5.78351  1.000 21.41000 ? 108 HOH A O   1 
HETATM 1458 O O   . HOH C 2 .  ? 16.79082  2.05979   -19.42169 1.000 27.32000 ? 109 HOH A O   1 
HETATM 1459 O O   . HOH C 2 .  ? 13.68723  -5.84318  -15.30568 1.000 26.80000 ? 110 HOH A O   1 
HETATM 1460 O O   . HOH C 2 .  ? 7.68024   12.09372  -1.17808  1.000 23.57000 ? 111 HOH A O   1 
HETATM 1461 O O   . HOH C 2 .  ? 9.39912   -2.32159  -3.75555  1.000 17.42000 ? 112 HOH A O   1 
HETATM 1462 O O   . HOH C 2 .  ? 2.39221   6.76068   -8.52716  1.000 21.89000 ? 113 HOH A O   1 
HETATM 1463 O O   . HOH C 2 .  ? -11.81500 3.67880   -9.31456  1.000 19.70000 ? 114 HOH A O   1 
HETATM 1464 O O   . HOH C 2 .  ? 9.58948   5.95864   -12.72014 1.000 16.53000 ? 115 HOH A O   1 
HETATM 1465 O O   . HOH C 2 .  ? 14.51460  8.35277   -6.07365  1.000 26.32000 ? 116 HOH A O   1 
HETATM 1466 O O   . HOH C 2 .  ? -3.63624  -13.42837 -19.23582 1.000 23.37000 ? 117 HOH A O   1 
HETATM 1467 O O   . HOH C 2 .  ? -0.85641  -13.00999 -3.71074  1.000 25.43000 ? 118 HOH A O   1 
HETATM 1468 O O   . HOH C 2 .  ? -5.51702  -7.87482  -3.71767  1.000 13.99000 ? 119 HOH A O   1 
HETATM 1469 O O   . HOH C 2 .  ? 6.42976   3.17923   -26.37554 1.000 24.20000 ? 120 HOH A O   1 
HETATM 1470 O O   . HOH C 2 .  ? -12.88154 -11.68988 -7.67494  1.000 25.60000 ? 121 HOH A O   1 
HETATM 1471 O O   . HOH C 2 .  ? 11.33657  12.90484  -1.67705  1.000 22.82000 ? 122 HOH A O   1 
HETATM 1472 O O   . HOH C 2 .  ? 12.94081  10.30146  -6.93169  1.000 28.63000 ? 123 HOH A O   1 
HETATM 1473 O O   . HOH C 2 .  ? 5.60271   4.07911   -13.87090 1.000 24.66000 ? 124 HOH A O   1 
HETATM 1474 O O   . HOH C 2 .  ? 3.32035   0.93430   -25.45248 1.000 23.50000 ? 125 HOH A O   1 
HETATM 1475 O O   . HOH C 2 .  ? 6.20408   13.27056  0.72338   1.000 25.32000 ? 126 HOH A O   1 
HETATM 1476 O O   . HOH C 2 .  ? 5.16667   12.45798  4.87192   1.000 23.10000 ? 127 HOH A O   1 
HETATM 1477 O O   . HOH C 2 .  ? 7.44185   -15.66237 -17.18080 1.000 32.62000 ? 128 HOH A O   1 
HETATM 1478 O O   . HOH C 2 .  ? -10.60074 -10.79163 -14.51280 1.000 24.76000 ? 129 HOH A O   1 
HETATM 1479 O O   . HOH C 2 .  ? 7.79872   -10.16189 -18.21299 1.000 18.43000 ? 130 HOH A O   1 
HETATM 1480 O O   . HOH C 2 .  ? 10.32501  -5.46749  -1.12271  1.000 24.78000 ? 131 HOH A O   1 
HETATM 1481 O O   . HOH C 2 .  ? 13.55596  4.54106   -3.67724  1.000 19.44000 ? 132 HOH A O   1 
HETATM 1482 O O   . HOH C 2 .  ? 14.32993  -0.65530  -21.31341 1.000 30.30000 ? 133 HOH A O   1 
HETATM 1483 O O   . HOH C 2 .  ? 0.95186   -0.41609  -24.67943 1.000 21.33000 ? 134 HOH A O   1 
HETATM 1484 O O   . HOH C 2 .  ? 16.49400  6.14350   1.69247   1.000 20.00000 ? 135 HOH A O   1 
HETATM 1485 O O   . HOH C 2 .  ? 14.32578  -8.06223  -10.05529 1.000 27.30000 ? 136 HOH A O   1 
HETATM 1486 O O   . HOH C 2 .  ? -0.68259  3.75608   -21.17935 1.000 26.26000 ? 137 HOH A O   1 
HETATM 1487 O O   . HOH C 2 .  ? -7.25444  -8.19178  -16.84174 1.000 24.06000 ? 138 HOH A O   1 
HETATM 1488 O O   . HOH C 2 .  ? -12.33540 -2.66613  -14.21214 1.000 23.88000 ? 139 HOH A O   1 
HETATM 1489 O O   . HOH C 2 .  ? 2.53390   4.15745   -8.43759  1.000 27.80000 ? 140 HOH A O   1 
HETATM 1490 O O   . HOH C 2 .  ? -12.47901 -0.53028  -17.60921 1.000 25.51000 ? 141 HOH A O   1 
HETATM 1491 O O   . HOH C 2 .  ? -9.98521  -9.02259  -16.75923 1.000 29.46000 ? 142 HOH A O   1 
HETATM 1492 O O   . HOH C 2 .  ? 9.44541   11.98139  4.64184   1.000 27.82000 ? 143 HOH A O   1 
HETATM 1493 O O   . HOH C 2 .  ? 4.38870   -7.88180  0.16925   1.000 28.38000 ? 144 HOH A O   1 
HETATM 1494 O O   . HOH C 2 .  ? -9.56375  3.64414   -17.56616 1.000 24.14000 ? 145 HOH A O   1 
HETATM 1495 O O   . HOH C 2 .  ? 6.98617   -1.93190  -24.78568 1.000 25.85000 ? 146 HOH A O   1 
HETATM 1496 O O   . HOH C 2 .  ? -2.00202  15.05696  -2.91342  1.000 22.44000 ? 147 HOH A O   1 
HETATM 1497 O O   . HOH C 2 .  ? 14.64915  8.21076   -3.25682  1.000 22.24000 ? 148 HOH A O   1 
HETATM 1498 O O   . HOH C 2 .  ? -4.86805  -10.11289 -10.35772 1.000 21.54000 ? 149 HOH A O   1 
HETATM 1499 O O   . HOH C 2 .  ? 4.49634   4.40275   -23.44914 1.000 20.64000 ? 150 HOH A O   1 
HETATM 1500 O O   . HOH C 2 .  ? 6.43974   9.22721   -4.70147  1.000 21.18000 ? 151 HOH A O   1 
HETATM 1501 O O   . HOH C 2 .  ? -8.00654  -1.32647  -18.10702 1.000 20.52000 ? 152 HOH A O   1 
HETATM 1502 O O   . HOH C 2 .  ? -3.04719  -11.36350 -1.56371  1.000 21.95000 ? 153 HOH A O   1 
HETATM 1503 O O   . HOH C 2 .  ? 16.18402  3.21768   8.06890   1.000 26.67000 ? 154 HOH A O   1 
HETATM 1504 O O   . HOH C 2 .  ? 9.47318   3.20091   -23.84640 1.000 18.71000 ? 155 HOH A O   1 
HETATM 1505 O O   . HOH C 2 .  ? -3.73524  8.25415   -16.72132 1.000 27.34000 ? 156 HOH A O   1 
HETATM 1506 O O   . HOH C 2 .  ? 4.21422   -16.59610 -14.31342 1.000 24.14000 ? 157 HOH A O   1 
HETATM 1507 O O   . HOH C 2 .  ? 5.11213   16.08146  -1.51265  1.000 27.85000 ? 158 HOH A O   1 
HETATM 1508 O O   . HOH C 2 .  ? 15.79911  -3.13415  -6.64140  1.000 26.27000 ? 159 HOH A O   1 
HETATM 1509 O O   . HOH C 2 .  ? 16.25090  6.61937   -14.71351 1.000 27.13000 ? 160 HOH A O   1 
HETATM 1510 O O   . HOH C 2 .  ? -1.44975  -10.12077 0.82365   1.000 26.60000 ? 161 HOH A O   1 
HETATM 1511 O O   . HOH C 2 .  ? 8.77283   8.29262   -11.41947 1.000 28.47000 ? 162 HOH A O   1 
HETATM 1512 O O   . HOH C 2 .  ? 2.76769   -16.20910 -18.17050 1.000 31.42000 ? 163 HOH A O   1 
HETATM 1513 O O   . HOH C 2 .  ? 2.77213   16.51435  -3.79163  1.000 36.61000 ? 164 HOH A O   1 
HETATM 1514 O O   . HOH C 2 .  ? -5.19199  -9.43464  -7.68962  1.000 16.70000 ? 165 HOH A O   1 
HETATM 1515 O O   . HOH C 2 .  ? 9.51498   -11.04228 -16.10436 1.000 27.25000 ? 166 HOH A O   1 
HETATM 1516 O O   . HOH C 2 .  ? 10.57888  -11.81669 -5.34233  1.000 25.06000 ? 167 HOH A O   1 
HETATM 1517 O O   . HOH C 2 .  ? 17.56854  1.66042   -15.42867 1.000 22.47000 ? 168 HOH A O   1 
HETATM 1518 O O   . HOH C 2 .  ? -11.54864 -3.94025  -10.19120 1.000 15.73000 ? 169 HOH A O   1 
HETATM 1519 O O   . HOH C 2 .  ? 12.66337  -8.15062  -12.19294 1.000 21.06000 ? 170 HOH A O   1 
HETATM 1520 O O   . HOH C 2 .  ? 14.79305  -1.21295  -11.36345 1.000 22.89000 ? 171 HOH A O   1 
HETATM 1521 O O   . HOH C 2 .  ? -4.66530  8.56277   -4.63216  1.000 23.94000 ? 172 HOH A O   1 
HETATM 1522 O O   . HOH C 2 .  ? 6.48129   9.06270   -9.43295  1.000 29.66000 ? 173 HOH A O   1 
HETATM 1523 O O   . HOH C 2 .  ? -2.29342  1.62715   -21.10342 1.000 23.34000 ? 174 HOH A O   1 
HETATM 1524 O O   . HOH C 2 .  ? -1.24427  -16.68125 -16.25848 1.000 28.71000 ? 175 HOH A O   1 
HETATM 1525 O O   . HOH C 2 .  ? -2.35367  12.07445  -10.47479 1.000 27.54000 ? 176 HOH A O   1 
HETATM 1526 O O   . HOH C 2 .  ? 6.71565   11.63780  2.78445   1.000 17.94000 ? 177 HOH A O   1 
HETATM 1527 O O   . HOH C 2 .  ? -6.89859  9.69954   -16.20118 1.000 31.04000 ? 178 HOH A O   1 
HETATM 1528 O O   . HOH C 2 .  ? 5.90403   18.23800  0.23682   1.000 24.56000 ? 179 HOH A O   1 
HETATM 1529 O O   . HOH C 2 .  ? -7.20210  9.38563   -13.52631 1.000 27.88000 ? 180 HOH A O   1 
HETATM 1530 O O   . HOH C 2 .  ? -3.57310  -10.96509 -13.68659 1.000 26.67000 ? 181 HOH A O   1 
HETATM 1531 O O   . HOH C 2 .  ? 11.04773  -13.35540 -22.38404 1.000 36.31000 ? 182 HOH A O   1 
HETATM 1532 O O   . HOH C 2 .  ? -11.09511 -3.87997  -17.57690 1.000 29.45000 ? 183 HOH A O   1 
HETATM 1533 O O   . HOH C 2 .  ? 15.83526  -2.47163  -13.90808 1.000 30.16000 ? 184 HOH A O   1 
HETATM 1534 O O   . HOH C 2 .  ? 15.16534  8.59218   1.54679   1.000 21.58000 ? 185 HOH A O   1 
HETATM 1535 O O   . HOH C 2 .  ? 10.76822  0.74710   -23.72063 1.000 27.47000 ? 186 HOH A O   1 
HETATM 1536 O O   . HOH C 2 .  ? 13.58799  9.88654   3.60616   1.000 25.25000 ? 187 HOH A O   1 
HETATM 1537 O O   . HOH C 2 .  ? 16.59036  4.15370   -0.22420  1.000 26.39000 ? 188 HOH A O   1 
HETATM 1538 O O   . HOH C 2 .  ? 16.07951  4.36234   -2.81772  1.000 29.02000 ? 189 HOH A O   1 
HETATM 1539 O O   . HOH C 2 .  ? -12.41326 6.44487   -9.51247  1.000 27.14000 ? 190 HOH A O   1 
HETATM 1540 O O   . HOH C 2 .  ? 12.16927  13.87332  0.72671   1.000 25.62000 ? 191 HOH A O   1 
HETATM 1541 O O   . HOH C 2 .  ? 3.70981   3.18538   -10.77476 1.000 33.17000 ? 192 HOH A O   1 
HETATM 1542 O O   . HOH C 2 .  ? 4.86678   14.95833  7.92883   1.000 20.70000 ? 193 HOH A O   1 
HETATM 1543 O O   . HOH C 2 .  ? 15.90261  -4.91991  -14.45368 1.000 30.45000 ? 194 HOH A O   1 
HETATM 1544 O O   . HOH C 2 .  ? 12.19701  -1.97941  6.80813   1.000 30.73000 ? 195 HOH A O   1 
HETATM 1545 O O   . HOH C 2 .  ? 9.49391   -1.53810  -24.52570 1.000 30.98000 ? 196 HOH A O   1 
HETATM 1546 O O   . HOH C 2 .  ? 2.39620   3.41558   -24.78411 1.000 26.50000 ? 197 HOH A O   1 
HETATM 1547 O O   . HOH C 2 .  ? -2.59042  -12.75335 -12.83656 1.000 27.55000 ? 198 HOH A O   1 
HETATM 1548 O O   . HOH C 2 .  ? 2.02737   18.50241  -5.49454  1.000 33.98000 ? 199 HOH A O   1 
HETATM 1549 O O   . HOH C 2 .  ? 17.50507  -0.38082  -11.29895 1.000 30.13000 ? 200 HOH A O   1 
HETATM 1550 O O   . HOH C 2 .  ? 16.91930  6.93343   -2.59053  1.000 34.34000 ? 201 HOH A O   1 
HETATM 1551 O O   . HOH C 2 .  ? 16.70428  -0.53499  -20.39732 1.000 34.10000 ? 202 HOH A O   1 
HETATM 1552 O O   . HOH D 2 .  ? 6.66521   -6.94351  16.36396  1.000 28.43000 ? 101 HOH B O   1 
HETATM 1553 O O   . HOH D 2 .  ? -6.53342  -5.86868  21.44915  1.000 25.41000 ? 102 HOH B O   1 
HETATM 1554 O O   . HOH D 2 .  ? 10.49169  11.81761  10.49199  1.000 27.82000 ? 103 HOH B O   1 
HETATM 1555 O O   . HOH D 2 .  ? 11.06561  3.62068   8.20811   1.000 21.84000 ? 104 HOH B O   1 
HETATM 1556 O O   . HOH D 2 .  ? -14.67727 -5.51020  20.38495  1.000 27.64000 ? 105 HOH B O   1 
HETATM 1557 O O   . HOH D 2 .  ? 10.44418  -6.60922  9.25481   1.000 25.22000 ? 106 HOH B O   1 
HETATM 1558 O O   . HOH D 2 .  ? -5.52604  -7.31091  19.29753  1.000 27.75000 ? 107 HOH B O   1 
HETATM 1559 O O   . HOH D 2 .  ? -12.49057 6.47670   23.43513  1.000 24.46000 ? 108 HOH B O   1 
HETATM 1560 O O   . HOH D 2 .  ? -3.48863  -7.22725  6.67606   1.000 17.47000 ? 109 HOH B O   1 
HETATM 1561 O O   . HOH D 2 .  ? 13.90798  9.90967   8.23116   1.000 26.31000 ? 110 HOH B O   1 
HETATM 1562 O O   . HOH D 2 .  ? 8.05261   6.23311   21.46112  1.000 23.78000 ? 111 HOH B O   1 
HETATM 1563 O O   . HOH D 2 .  ? -9.03953  3.81190   5.33729   1.000 21.83000 ? 112 HOH B O   1 
HETATM 1564 O O   . HOH D 2 .  ? 10.38756  -2.32108  8.43677   1.000 25.26000 ? 113 HOH B O   1 
HETATM 1565 O O   . HOH D 2 .  ? -8.91306  7.92283   22.73971  1.000 22.77000 ? 114 HOH B O   1 
HETATM 1566 O O   . HOH D 2 .  ? -15.50555 -6.90080  5.61833   1.000 25.76000 ? 115 HOH B O   1 
HETATM 1567 O O   . HOH D 2 .  ? -12.84381 -0.78262  11.16971  1.000 16.63000 ? 116 HOH B O   1 
HETATM 1568 O O   . HOH D 2 .  ? 0.08537   15.07299  3.62785   1.000 19.51000 ? 117 HOH B O   1 
HETATM 1569 O O   . HOH D 2 .  ? -14.17319 -1.75971  -1.93220  1.000 23.64000 ? 118 HOH B O   1 
HETATM 1570 O O   . HOH D 2 .  ? -9.64998  2.35844   11.93135  1.000 24.96000 ? 119 HOH B O   1 
HETATM 1571 O O   . HOH D 2 .  ? -14.02633 -0.92399  -4.52335  1.000 25.11000 ? 120 HOH B O   1 
HETATM 1572 O O   . HOH D 2 .  ? -11.72208 -2.01976  -8.02772  1.000 23.04000 ? 121 HOH B O   1 
HETATM 1573 O O   . HOH D 2 .  ? -2.54374  -10.72534 15.69675  1.000 27.06000 ? 122 HOH B O   1 
HETATM 1574 O O   . HOH D 2 .  ? 8.26107   3.43052   5.08263   1.000 13.91000 ? 123 HOH B O   1 
HETATM 1575 O O   . HOH D 2 .  ? 10.36113  11.12774  14.39844  1.000 24.96000 ? 124 HOH B O   1 
HETATM 1576 O O   . HOH D 2 .  ? 6.00517   10.22249  16.22947  1.000 24.48000 ? 125 HOH B O   1 
HETATM 1577 O O   . HOH D 2 .  ? 1.87022   17.49020  12.53284  1.000 25.66000 ? 126 HOH B O   1 
HETATM 1578 O O   . HOH D 2 .  ? -0.56919  -10.14620 5.88333   1.000 24.76000 ? 127 HOH B O   1 
HETATM 1579 O O   . HOH D 2 .  ? -14.18903 0.04891   8.84691   1.000 28.67000 ? 128 HOH B O   1 
HETATM 1580 O O   . HOH D 2 .  ? -6.46331  9.15629   22.02786  1.000 21.27000 ? 129 HOH B O   1 
HETATM 1581 O O   . HOH D 2 .  ? -11.21191 -8.34379  4.85839   1.000 19.52000 ? 130 HOH B O   1 
HETATM 1582 O O   . HOH D 2 .  ? -15.13082 -3.21238  -10.68995 1.000 26.33000 ? 131 HOH B O   1 
HETATM 1583 O O   . HOH D 2 .  ? -12.57008 -12.47173 0.24725   1.000 20.12000 ? 132 HOH B O   1 
HETATM 1584 O O   . HOH D 2 .  ? -6.87184  2.69094   6.26381   1.000 27.80000 ? 133 HOH B O   1 
HETATM 1585 O O   . HOH D 2 .  ? -16.63545 -4.51335  5.23534   1.000 28.87000 ? 134 HOH B O   1 
HETATM 1586 O O   . HOH D 2 .  ? -13.45926 -5.58379  -6.42507  1.000 27.52000 ? 135 HOH B O   1 
HETATM 1587 O O   . HOH D 2 .  ? -3.08992  16.57742  11.38331  1.000 25.18000 ? 136 HOH B O   1 
HETATM 1588 O O   . HOH D 2 .  ? 4.41562   15.30266  10.41282  1.000 23.62000 ? 137 HOH B O   1 
HETATM 1589 O O   . HOH D 2 .  ? -7.98874  3.48886   24.31905  1.000 26.00000 ? 138 HOH B O   1 
HETATM 1590 O O   . HOH D 2 .  ? 4.48359   -6.55333  4.24762   1.000 28.17000 ? 139 HOH B O   1 
HETATM 1591 O O   . HOH D 2 .  ? -12.50476 8.10673   -4.13080  1.000 22.52000 ? 140 HOH B O   1 
HETATM 1592 O O   . HOH D 2 .  ? 8.07425   12.06843  15.84318  1.000 29.23000 ? 141 HOH B O   1 
HETATM 1593 O O   . HOH D 2 .  ? 2.63083   -4.32024  30.29330  1.000 30.09000 ? 142 HOH B O   1 
HETATM 1594 O O   . HOH D 2 .  ? -11.85864 7.35993   19.89552  1.000 20.50000 ? 143 HOH B O   1 
HETATM 1595 O O   . HOH D 2 .  ? 0.16205   -2.64363  22.15312  1.000 17.95000 ? 144 HOH B O   1 
HETATM 1596 O O   . HOH D 2 .  ? -14.74143 -8.14462  3.24542   1.000 22.32000 ? 145 HOH B O   1 
HETATM 1597 O O   . HOH D 2 .  ? -12.06466 -0.27479  1.97981   1.000 21.33000 ? 146 HOH B O   1 
HETATM 1598 O O   . HOH D 2 .  ? 10.57759  -0.82820  5.29518   1.000 21.92000 ? 147 HOH B O   1 
HETATM 1599 O O   . HOH D 2 .  ? 8.15583   4.81975   11.97873  1.000 22.01000 ? 148 HOH B O   1 
HETATM 1600 O O   . HOH D 2 .  ? -9.48394  12.90192  10.36061  1.000 26.80000 ? 149 HOH B O   1 
HETATM 1601 O O   . HOH D 2 .  ? -8.34011  -15.89155 -4.24862  1.000 26.53000 ? 150 HOH B O   1 
HETATM 1602 O O   . HOH D 2 .  ? -16.41447 1.86933   -4.04600  1.000 26.87000 ? 151 HOH B O   1 
HETATM 1603 O O   . HOH D 2 .  ? -13.32227 2.89831   21.99283  1.000 18.74000 ? 152 HOH B O   1 
HETATM 1604 O O   . HOH D 2 .  ? 0.64386   -5.26959  21.04864  1.000 26.24000 ? 153 HOH B O   1 
HETATM 1605 O O   . HOH D 2 .  ? 9.37356   -2.61256  3.08545   1.000 25.54000 ? 154 HOH B O   1 
HETATM 1606 O O   . HOH D 2 .  ? -6.58405  -11.68901 11.16833  1.000 26.24000 ? 155 HOH B O   1 
HETATM 1607 O O   . HOH D 2 .  ? -5.82205  -14.39327 2.11795   1.000 32.53000 ? 156 HOH B O   1 
HETATM 1608 O O   . HOH D 2 .  ? 8.29683   -3.49657  20.42018  1.000 23.65000 ? 157 HOH B O   1 
HETATM 1609 O O   . HOH D 2 .  ? -13.71690 -7.84183  17.37101  1.000 22.27000 ? 158 HOH B O   1 
HETATM 1610 O O   . HOH D 2 .  ? 0.25792   13.71276  14.40655  1.000 20.26000 ? 159 HOH B O   1 
HETATM 1611 O O   . HOH D 2 .  ? 5.13600   -4.87976  23.46618  1.000 34.00000 ? 160 HOH B O   1 
HETATM 1612 O O   . HOH D 2 .  ? 6.13820   12.53003  7.59830   1.000 15.68000 ? 161 HOH B O   1 
HETATM 1613 O O   . HOH D 2 .  ? 8.40764   4.21987   9.30408   1.000 16.98000 ? 162 HOH B O   1 
HETATM 1614 O O   . HOH D 2 .  ? -17.17223 -5.35984  14.27916  1.000 27.80000 ? 163 HOH B O   1 
HETATM 1615 O O   . HOH D 2 .  ? -2.28430  -8.55605  17.26049  1.000 21.05000 ? 164 HOH B O   1 
HETATM 1616 O O   . HOH D 2 .  ? 3.58582   -10.85656 12.28338  1.000 24.99000 ? 165 HOH B O   1 
HETATM 1617 O O   . HOH D 2 .  ? -5.68780  11.12936  17.20821  1.000 23.14000 ? 166 HOH B O   1 
HETATM 1618 O O   . HOH D 2 .  ? -8.93221  -8.24621  14.26441  1.000 22.81000 ? 167 HOH B O   1 
HETATM 1619 O O   . HOH D 2 .  ? 8.79499   12.56326  8.52476   1.000 24.67000 ? 168 HOH B O   1 
HETATM 1620 O O   . HOH D 2 .  ? -11.74697 10.67671  3.46203   1.000 28.66000 ? 169 HOH B O   1 
HETATM 1621 O O   . HOH D 2 .  ? -6.24630  8.86194   -0.64022  1.000 23.73000 ? 170 HOH B O   1 
HETATM 1622 O O   . HOH D 2 .  ? 7.66612   -0.43260  23.03493  1.000 31.65000 ? 171 HOH B O   1 
HETATM 1623 O O   . HOH D 2 .  ? -13.16782 1.52768   6.27806   1.000 30.54000 ? 172 HOH B O   1 
HETATM 1624 O O   . HOH D 2 .  ? -12.31248 -2.76173  -5.47048  1.000 17.59000 ? 173 HOH B O   1 
HETATM 1625 O O   . HOH D 2 .  ? -9.09611  15.82808  8.33887   1.000 31.86000 ? 174 HOH B O   1 
HETATM 1626 O O   . HOH D 2 .  ? -18.15123 1.29359   -6.16003  1.000 24.69000 ? 175 HOH B O   1 
HETATM 1627 O O   . HOH D 2 .  ? -7.98519  14.90228  6.13523   1.000 28.13000 ? 176 HOH B O   1 
HETATM 1628 O O   . HOH D 2 .  ? 4.06078   15.18192  14.03275  1.000 29.19000 ? 177 HOH B O   1 
HETATM 1629 O O   . HOH D 2 .  ? -11.31700 2.16951   2.94044   1.000 29.01000 ? 178 HOH B O   1 
HETATM 1630 O O   . HOH D 2 .  ? 7.40650   4.66588   15.50724  1.000 26.46000 ? 179 HOH B O   1 
HETATM 1631 O O   . HOH D 2 .  ? -11.99081 -10.83019 4.80469   1.000 29.29000 ? 180 HOH B O   1 
HETATM 1632 O O   . HOH D 2 .  ? -9.01216  -8.46508  17.22513  1.000 29.81000 ? 181 HOH B O   1 
HETATM 1633 O O   . HOH D 2 .  ? -3.87129  -7.27111  23.32160  1.000 41.74000 ? 182 HOH B O   1 
HETATM 1634 O O   . HOH D 2 .  ? -11.84267 0.83392   23.16443  1.000 26.39000 ? 183 HOH B O   1 
HETATM 1635 O O   . HOH D 2 .  ? -14.02201 -10.40518 -0.94208  1.000 21.42000 ? 184 HOH B O   1 
HETATM 1636 O O   . HOH D 2 .  ? -11.35727 -12.43726 2.72677   1.000 26.28000 ? 185 HOH B O   1 
HETATM 1637 O O   . HOH D 2 .  ? -13.54381 0.35224   -0.17170  1.000 27.80000 ? 186 HOH B O   1 
HETATM 1638 O O   . HOH D 2 .  ? -7.30782  2.33379   8.96451   1.000 34.34000 ? 187 HOH B O   1 
HETATM 1639 O O   . HOH D 2 .  ? -2.02231  16.55877  2.48035   1.000 27.54000 ? 188 HOH B O   1 
HETATM 1640 O O   . HOH D 2 .  ? -7.18271  -9.13392  18.72769  1.000 30.99000 ? 189 HOH B O   1 
HETATM 1641 O O   . HOH D 2 .  ? 6.10525   -2.38996  29.64793  1.000 31.71000 ? 190 HOH B O   1 
HETATM 1642 O O   . HOH D 2 .  ? -17.89351 7.05635   -2.32921  1.000 31.53000 ? 191 HOH B O   1 
HETATM 1643 O O   . HOH D 2 .  ? -2.99865  -8.31380  19.96551  1.000 30.94000 ? 192 HOH B O   1 
HETATM 1644 O O   . HOH D 2 .  ? -9.57561  1.58254   24.62537  1.000 30.28000 ? 193 HOH B O   1 
HETATM 1645 O O   . HOH D 2 .  ? -2.38282  -13.81022 -1.89706  1.000 30.88000 ? 194 HOH B O   1 
HETATM 1646 O O   . HOH D 2 .  ? -12.86926 -5.89901  22.29992  1.000 35.01000 ? 195 HOH B O   1 
HETATM 1647 O O   . HOH D 2 .  ? -10.95490 -10.27331 14.52025  1.000 30.17000 ? 196 HOH B O   1 
HETATM 1648 O O   . HOH D 2 .  ? 10.76028  -2.57802  20.15424  1.000 27.78000 ? 197 HOH B O   1 
HETATM 1649 O O   . HOH D 2 .  ? -14.56368 -10.82425 3.72250   1.000 32.72000 ? 198 HOH B O   1 
# 
loop_
_pdbx_poly_seq_scheme.asym_id 
_pdbx_poly_seq_scheme.entity_id 
_pdbx_poly_seq_scheme.seq_id 
_pdbx_poly_seq_scheme.mon_id 
_pdbx_poly_seq_scheme.ndb_seq_num 
_pdbx_poly_seq_scheme.pdb_seq_num 
_pdbx_poly_seq_scheme.auth_seq_num 
_pdbx_poly_seq_scheme.pdb_mon_id 
_pdbx_poly_seq_scheme.auth_mon_id 
_pdbx_poly_seq_scheme.pdb_strand_id 
_pdbx_poly_seq_scheme.pdb_ins_code 
_pdbx_poly_seq_scheme.hetero 
A 1 1  SER 1  0  0  SER SER A . n 
A 1 2  MET 2  1  1  MET MET A . n 
A 1 3  LEU 3  2  2  LEU LEU A . n 
A 1 4  GLN 4  3  3  GLN GLN A . n 
A 1 5  SER 5  4  4  SER SER A . n 
A 1 6  ASN 6  5  5  ASN ASN A . n 
A 1 7  GLU 7  6  6  GLU GLU A . n 
A 1 8  TYR 8  7  7  TYR TYR A . n 
A 1 9  PHE 9  8  8  PHE PHE A . n 
A 1 10 SER 10 9  9  SER SER A . n 
A 1 11 GLY 11 10 10 GLY GLY A . n 
A 1 12 LYS 12 11 11 LYS LYS A . n 
A 1 13 VAL 13 12 12 VAL VAL A . n 
A 1 14 LYS 14 13 13 LYS LYS A . n 
A 1 15 SER 15 14 14 SER SER A . n 
A 1 16 ILE 16 15 15 ILE ILE A . n 
A 1 17 GLY 17 16 16 GLY GLY A . n 
A 1 18 PHE 18 17 17 PHE PHE A . n 
A 1 19 THR 19 18 18 THR THR A . n 
A 1 20 SER 20 19 19 SER SER A . n 
A 1 21 SER 21 20 20 SER SER A . n 
A 1 22 SER 22 21 21 SER SER A . n 
A 1 23 THR 23 22 22 THR THR A . n 
A 1 24 GLY 24 23 23 GLY GLY A . n 
A 1 25 ARG 25 24 24 ARG ARG A . n 
A 1 26 ALA 26 25 25 ALA ALA A . n 
A 1 27 SER 27 26 26 SER SER A . n 
A 1 28 VAL 28 27 27 VAL VAL A . n 
A 1 29 GLY 29 28 28 GLY GLY A . n 
A 1 30 VAL 30 29 29 VAL VAL A . n 
A 1 31 MET 31 30 30 MET MET A . n 
A 1 32 ALA 32 31 31 ALA ALA A . n 
A 1 33 GLU 33 32 32 GLU GLU A . n 
A 1 34 GLY 34 33 33 GLY GLY A . n 
A 1 35 GLU 35 34 34 GLU GLU A . n 
A 1 36 TYR 36 35 35 TYR TYR A . n 
A 1 37 THR 37 36 36 THR THR A . n 
A 1 38 PHE 38 37 37 PHE PHE A . n 
A 1 39 GLY 39 38 38 GLY GLY A . n 
A 1 40 THR 40 39 39 THR THR A . n 
A 1 41 ALA 41 40 40 ALA ALA A . n 
A 1 42 GLU 42 41 41 GLU GLU A . n 
A 1 43 PRO 43 42 42 PRO PRO A . n 
A 1 44 GLU 44 43 43 GLU GLU A . n 
A 1 45 GLU 45 44 44 GLU GLU A . n 
A 1 46 MET 46 45 45 MET MET A . n 
A 1 47 THR 47 46 46 THR THR A . n 
A 1 48 VAL 48 47 47 VAL VAL A . n 
A 1 49 VAL 49 48 48 VAL VAL A . n 
A 1 50 SER 50 49 49 SER SER A . n 
A 1 51 GLY 51 50 50 GLY GLY A . n 
A 1 52 ALA 52 51 51 ALA ALA A . n 
A 1 53 LEU 53 52 52 LEU LEU A . n 
A 1 54 LYS 54 53 53 LYS LYS A . n 
A 1 55 VAL 55 54 54 VAL VAL A . n 
A 1 56 LEU 56 55 55 LEU LEU A . n 
A 1 57 LEU 57 56 56 LEU LEU A . n 
A 1 58 PRO 58 57 57 PRO PRO A . n 
A 1 59 GLY 59 58 58 GLY GLY A . n 
A 1 60 THR 60 59 59 THR THR A . n 
A 1 61 VAL 61 60 60 VAL VAL A . n 
A 1 62 GLU 62 61 61 GLU GLU A . n 
A 1 63 TRP 63 62 62 TRP TRP A . n 
A 1 64 LYS 64 63 63 LYS LYS A . n 
A 1 65 VAL 65 64 64 VAL VAL A . n 
A 1 66 TYR 66 65 65 TYR TYR A . n 
A 1 67 THR 67 66 66 THR THR A . n 
A 1 68 ALA 68 67 67 ALA ALA A . n 
A 1 69 GLY 69 68 68 GLY GLY A . n 
A 1 70 GLU 70 69 69 GLU GLU A . n 
A 1 71 VAL 71 70 70 VAL VAL A . n 
A 1 72 PHE 72 71 71 PHE PHE A . n 
A 1 73 ASN 73 72 72 ASN ASN A . n 
A 1 74 VAL 74 73 73 VAL VAL A . n 
A 1 75 PRO 75 74 74 PRO PRO A . n 
A 1 76 GLY 76 75 75 GLY GLY A . n 
A 1 77 HIS 77 76 76 HIS HIS A . n 
A 1 78 SER 78 77 77 SER SER A . n 
A 1 79 GLU 79 78 78 GLU GLU A . n 
A 1 80 PHE 80 79 79 PHE PHE A . n 
A 1 81 HIS 81 80 80 HIS HIS A . n 
A 1 82 LEU 82 81 81 LEU LEU A . n 
A 1 83 GLN 83 82 82 GLN GLN A . n 
A 1 84 VAL 84 83 83 VAL VAL A . n 
A 1 85 ALA 85 84 84 ALA ALA A . n 
A 1 86 GLU 86 85 85 GLU GLU A . n 
A 1 87 PRO 87 86 86 PRO PRO A . n 
A 1 88 ALA 88 87 87 ALA ALA A . n 
A 1 89 SER 89 88 88 SER SER A . n 
A 1 90 TYR 90 89 89 TYR TYR A . n 
A 1 91 LEU 91 90 90 LEU LEU A . n 
A 1 92 CYS 92 91 91 CYS CYS A . n 
A 1 93 ARG 93 92 92 ARG ARG A . n 
A 1 94 TYR 94 93 93 TYR TYR A . n 
A 1 95 LEU 95 94 94 LEU LEU A . n 
B 1 1  SER 1  0  0  SER SER B . n 
B 1 2  MET 2  1  1  MET MET B . n 
B 1 3  LEU 3  2  2  LEU LEU B . n 
B 1 4  GLN 4  3  3  GLN GLN B . n 
B 1 5  SER 5  4  4  SER SER B . n 
B 1 6  ASN 6  5  5  ASN ASN B . n 
B 1 7  GLU 7  6  6  GLU GLU B . n 
B 1 8  TYR 8  7  7  TYR TYR B . n 
B 1 9  PHE 9  8  8  PHE PHE B . n 
B 1 10 SER 10 9  9  SER SER B . n 
B 1 11 GLY 11 10 10 GLY GLY B . n 
B 1 12 LYS 12 11 11 LYS LYS B . n 
B 1 13 VAL 13 12 12 VAL VAL B . n 
B 1 14 LYS 14 13 13 LYS LYS B . n 
B 1 15 SER 15 14 14 SER SER B . n 
B 1 16 ILE 16 15 15 ILE ILE B . n 
B 1 17 GLY 17 16 16 GLY GLY B . n 
B 1 18 PHE 18 17 17 PHE PHE B . n 
B 1 19 THR 19 18 18 THR THR B . n 
B 1 20 SER 20 19 19 SER SER B . n 
B 1 21 SER 21 20 20 SER SER B . n 
B 1 22 SER 22 21 21 SER SER B . n 
B 1 23 THR 23 22 22 THR THR B . n 
B 1 24 GLY 24 23 23 GLY GLY B . n 
B 1 25 ARG 25 24 24 ARG ARG B . n 
B 1 26 ALA 26 25 25 ALA ALA B . n 
B 1 27 SER 27 26 26 SER SER B . n 
B 1 28 VAL 28 27 27 VAL VAL B . n 
B 1 29 GLY 29 28 28 GLY GLY B . n 
B 1 30 VAL 30 29 29 VAL VAL B . n 
B 1 31 MET 31 30 30 MET MET B . n 
B 1 32 ALA 32 31 31 ALA ALA B . n 
B 1 33 GLU 33 32 32 GLU GLU B . n 
B 1 34 GLY 34 33 33 GLY GLY B . n 
B 1 35 GLU 35 34 34 GLU GLU B . n 
B 1 36 TYR 36 35 35 TYR TYR B . n 
B 1 37 THR 37 36 36 THR THR B . n 
B 1 38 PHE 38 37 37 PHE PHE B . n 
B 1 39 GLY 39 38 38 GLY GLY B . n 
B 1 40 THR 40 39 39 THR THR B . n 
B 1 41 ALA 41 40 40 ALA ALA B . n 
B 1 42 GLU 42 41 41 GLU GLU B . n 
B 1 43 PRO 43 42 42 PRO PRO B . n 
B 1 44 GLU 44 43 43 GLU GLU B . n 
B 1 45 GLU 45 44 44 GLU GLU B . n 
B 1 46 MET 46 45 45 MET MET B . n 
B 1 47 THR 47 46 46 THR THR B . n 
B 1 48 VAL 48 47 47 VAL VAL B . n 
B 1 49 VAL 49 48 48 VAL VAL B . n 
B 1 50 SER 50 49 49 SER SER B . n 
B 1 51 GLY 51 50 50 GLY GLY B . n 
B 1 52 ALA 52 51 51 ALA ALA B . n 
B 1 53 LEU 53 52 52 LEU LEU B . n 
B 1 54 LYS 54 53 53 LYS LYS B . n 
B 1 55 VAL 55 54 54 VAL VAL B . n 
B 1 56 LEU 56 55 55 LEU LEU B . n 
B 1 57 LEU 57 56 56 LEU LEU B . n 
B 1 58 PRO 58 57 57 PRO PRO B . n 
B 1 59 GLY 59 58 58 GLY GLY B . n 
B 1 60 THR 60 59 59 THR THR B . n 
B 1 61 VAL 61 60 60 VAL VAL B . n 
B 1 62 GLU 62 61 61 GLU GLU B . n 
B 1 63 TRP 63 62 62 TRP TRP B . n 
B 1 64 LYS 64 63 63 LYS LYS B . n 
B 1 65 VAL 65 64 64 VAL VAL B . n 
B 1 66 TYR 66 65 65 TYR TYR B . n 
B 1 67 THR 67 66 66 THR THR B . n 
B 1 68 ALA 68 67 67 ALA ALA B . n 
B 1 69 GLY 69 68 68 GLY GLY B . n 
B 1 70 GLU 70 69 69 GLU GLU B . n 
B 1 71 VAL 71 70 70 VAL VAL B . n 
B 1 72 PHE 72 71 71 PHE PHE B . n 
B 1 73 ASN 73 72 72 ASN ASN B . n 
B 1 74 VAL 74 73 73 VAL VAL B . n 
B 1 75 PRO 75 74 74 PRO PRO B . n 
B 1 76 GLY 76 75 75 GLY GLY B . n 
B 1 77 HIS 77 76 76 HIS HIS B . n 
B 1 78 SER 78 77 77 SER SER B . n 
B 1 79 GLU 79 78 78 GLU GLU B . n 
B 1 80 PHE 80 79 79 PHE PHE B . n 
B 1 81 HIS 81 80 80 HIS HIS B . n 
B 1 82 LEU 82 81 81 LEU LEU B . n 
B 1 83 GLN 83 82 82 GLN GLN B . n 
B 1 84 VAL 84 83 83 VAL VAL B . n 
B 1 85 ALA 85 84 84 ALA ALA B . n 
B 1 86 GLU 86 85 85 GLU GLU B . n 
B 1 87 PRO 87 86 86 PRO PRO B . n 
B 1 88 ALA 88 87 87 ALA ALA B . n 
B 1 89 SER 89 88 88 SER SER B . n 
B 1 90 TYR 90 89 89 TYR TYR B . n 
B 1 91 LEU 91 90 90 LEU LEU B . n 
B 1 92 CYS 92 91 91 CYS CYS B . n 
B 1 93 ARG 93 92 92 ARG ARG B . n 
B 1 94 TYR 94 93 93 TYR TYR B . n 
B 1 95 LEU 95 94 94 LEU LEU B . n 
# 
loop_
_pdbx_nonpoly_scheme.asym_id 
_pdbx_nonpoly_scheme.entity_id 
_pdbx_nonpoly_scheme.mon_id 
_pdbx_nonpoly_scheme.ndb_seq_num 
_pdbx_nonpoly_scheme.pdb_seq_num 
_pdbx_nonpoly_scheme.auth_seq_num 
_pdbx_nonpoly_scheme.pdb_mon_id 
_pdbx_nonpoly_scheme.auth_mon_id 
_pdbx_nonpoly_scheme.pdb_strand_id 
_pdbx_nonpoly_scheme.pdb_ins_code 
C 2 HOH 1   101 155 HOH HOH A . 
C 2 HOH 2   102 130 HOH HOH A . 
C 2 HOH 3   103 169 HOH HOH A . 
C 2 HOH 4   104 181 HOH HOH A . 
C 2 HOH 5   105 121 HOH HOH A . 
C 2 HOH 6   106 158 HOH HOH A . 
C 2 HOH 7   107 74  HOH HOH A . 
C 2 HOH 8   108 30  HOH HOH A . 
C 2 HOH 9   109 100 HOH HOH A . 
C 2 HOH 10  110 92  HOH HOH A . 
C 2 HOH 11  111 194 HOH HOH A . 
C 2 HOH 12  112 19  HOH HOH A . 
C 2 HOH 13  113 26  HOH HOH A . 
C 2 HOH 14  114 17  HOH HOH A . 
C 2 HOH 15  115 15  HOH HOH A . 
C 2 HOH 16  116 110 HOH HOH A . 
C 2 HOH 17  117 44  HOH HOH A . 
C 2 HOH 18  118 69  HOH HOH A . 
C 2 HOH 19  119 1   HOH HOH A . 
C 2 HOH 20  120 79  HOH HOH A . 
C 2 HOH 21  121 132 HOH HOH A . 
C 2 HOH 22  122 198 HOH HOH A . 
C 2 HOH 23  123 124 HOH HOH A . 
C 2 HOH 24  124 70  HOH HOH A . 
C 2 HOH 25  125 49  HOH HOH A . 
C 2 HOH 26  126 174 HOH HOH A . 
C 2 HOH 27  127 57  HOH HOH A . 
C 2 HOH 28  128 62  HOH HOH A . 
C 2 HOH 29  129 72  HOH HOH A . 
C 2 HOH 30  130 40  HOH HOH A . 
C 2 HOH 31  131 102 HOH HOH A . 
C 2 HOH 32  132 45  HOH HOH A . 
C 2 HOH 33  133 186 HOH HOH A . 
C 2 HOH 34  134 71  HOH HOH A . 
C 2 HOH 35  135 27  HOH HOH A . 
C 2 HOH 36  136 164 HOH HOH A . 
C 2 HOH 37  137 78  HOH HOH A . 
C 2 HOH 38  138 97  HOH HOH A . 
C 2 HOH 39  139 115 HOH HOH A . 
C 2 HOH 40  140 103 HOH HOH A . 
C 2 HOH 41  141 125 HOH HOH A . 
C 2 HOH 42  142 55  HOH HOH A . 
C 2 HOH 43  143 127 HOH HOH A . 
C 2 HOH 44  144 161 HOH HOH A . 
C 2 HOH 45  145 105 HOH HOH A . 
C 2 HOH 46  146 80  HOH HOH A . 
C 2 HOH 47  147 47  HOH HOH A . 
C 2 HOH 48  148 35  HOH HOH A . 
C 2 HOH 49  149 86  HOH HOH A . 
C 2 HOH 50  150 7   HOH HOH A . 
C 2 HOH 51  151 21  HOH HOH A . 
C 2 HOH 52  152 13  HOH HOH A . 
C 2 HOH 53  153 46  HOH HOH A . 
C 2 HOH 54  154 148 HOH HOH A . 
C 2 HOH 55  155 14  HOH HOH A . 
C 2 HOH 56  156 52  HOH HOH A . 
C 2 HOH 57  157 42  HOH HOH A . 
C 2 HOH 58  158 99  HOH HOH A . 
C 2 HOH 59  159 82  HOH HOH A . 
C 2 HOH 60  160 156 HOH HOH A . 
C 2 HOH 61  161 58  HOH HOH A . 
C 2 HOH 62  162 162 HOH HOH A . 
C 2 HOH 63  163 154 HOH HOH A . 
C 2 HOH 64  164 171 HOH HOH A . 
C 2 HOH 65  165 6   HOH HOH A . 
C 2 HOH 66  166 133 HOH HOH A . 
C 2 HOH 67  167 134 HOH HOH A . 
C 2 HOH 68  168 37  HOH HOH A . 
C 2 HOH 69  169 3   HOH HOH A . 
C 2 HOH 70  170 81  HOH HOH A . 
C 2 HOH 71  171 28  HOH HOH A . 
C 2 HOH 72  172 107 HOH HOH A . 
C 2 HOH 73  173 136 HOH HOH A . 
C 2 HOH 74  174 25  HOH HOH A . 
C 2 HOH 75  175 144 HOH HOH A . 
C 2 HOH 76  176 85  HOH HOH A . 
C 2 HOH 77  177 10  HOH HOH A . 
C 2 HOH 78  178 192 HOH HOH A . 
C 2 HOH 79  179 98  HOH HOH A . 
C 2 HOH 80  180 90  HOH HOH A . 
C 2 HOH 81  181 83  HOH HOH A . 
C 2 HOH 82  182 177 HOH HOH A . 
C 2 HOH 83  183 143 HOH HOH A . 
C 2 HOH 84  184 131 HOH HOH A . 
C 2 HOH 85  185 196 HOH HOH A . 
C 2 HOH 86  186 195 HOH HOH A . 
C 2 HOH 87  187 199 HOH HOH A . 
C 2 HOH 88  188 88  HOH HOH A . 
C 2 HOH 89  189 167 HOH HOH A . 
C 2 HOH 90  190 141 HOH HOH A . 
C 2 HOH 91  191 197 HOH HOH A . 
C 2 HOH 92  192 157 HOH HOH A . 
C 2 HOH 93  193 67  HOH HOH A . 
C 2 HOH 94  194 116 HOH HOH A . 
C 2 HOH 95  195 170 HOH HOH A . 
C 2 HOH 96  196 149 HOH HOH A . 
C 2 HOH 97  197 60  HOH HOH A . 
C 2 HOH 98  198 201 HOH HOH A . 
C 2 HOH 99  199 185 HOH HOH A . 
C 2 HOH 100 200 119 HOH HOH A . 
C 2 HOH 101 201 190 HOH HOH A . 
C 2 HOH 102 202 140 HOH HOH A . 
D 2 HOH 1   101 129 HOH HOH B . 
D 2 HOH 2   102 145 HOH HOH B . 
D 2 HOH 3   103 128 HOH HOH B . 
D 2 HOH 4   104 22  HOH HOH B . 
D 2 HOH 5   105 114 HOH HOH B . 
D 2 HOH 6   106 73  HOH HOH B . 
D 2 HOH 7   107 94  HOH HOH B . 
D 2 HOH 8   108 66  HOH HOH B . 
D 2 HOH 9   109 23  HOH HOH B . 
D 2 HOH 10  110 147 HOH HOH B . 
D 2 HOH 11  111 39  HOH HOH B . 
D 2 HOH 12  112 32  HOH HOH B . 
D 2 HOH 13  113 63  HOH HOH B . 
D 2 HOH 14  114 48  HOH HOH B . 
D 2 HOH 15  115 120 HOH HOH B . 
D 2 HOH 16  116 16  HOH HOH B . 
D 2 HOH 17  117 18  HOH HOH B . 
D 2 HOH 18  118 193 HOH HOH B . 
D 2 HOH 19  119 65  HOH HOH B . 
D 2 HOH 20  120 175 HOH HOH B . 
D 2 HOH 21  121 50  HOH HOH B . 
D 2 HOH 22  122 163 HOH HOH B . 
D 2 HOH 23  123 2   HOH HOH B . 
D 2 HOH 24  124 68  HOH HOH B . 
D 2 HOH 25  125 106 HOH HOH B . 
D 2 HOH 26  126 123 HOH HOH B . 
D 2 HOH 27  127 101 HOH HOH B . 
D 2 HOH 28  128 191 HOH HOH B . 
D 2 HOH 29  129 61  HOH HOH B . 
D 2 HOH 30  130 51  HOH HOH B . 
D 2 HOH 31  131 188 HOH HOH B . 
D 2 HOH 32  132 31  HOH HOH B . 
D 2 HOH 33  133 87  HOH HOH B . 
D 2 HOH 34  134 113 HOH HOH B . 
D 2 HOH 35  135 137 HOH HOH B . 
D 2 HOH 36  136 117 HOH HOH B . 
D 2 HOH 37  137 112 HOH HOH B . 
D 2 HOH 38  138 75  HOH HOH B . 
D 2 HOH 39  139 180 HOH HOH B . 
D 2 HOH 40  140 53  HOH HOH B . 
D 2 HOH 41  141 56  HOH HOH B . 
D 2 HOH 42  142 64  HOH HOH B . 
D 2 HOH 43  143 12  HOH HOH B . 
D 2 HOH 44  144 36  HOH HOH B . 
D 2 HOH 45  145 43  HOH HOH B . 
D 2 HOH 46  146 9   HOH HOH B . 
D 2 HOH 47  147 38  HOH HOH B . 
D 2 HOH 48  148 93  HOH HOH B . 
D 2 HOH 49  149 41  HOH HOH B . 
D 2 HOH 50  150 165 HOH HOH B . 
D 2 HOH 51  151 89  HOH HOH B . 
D 2 HOH 52  152 20  HOH HOH B . 
D 2 HOH 53  153 122 HOH HOH B . 
D 2 HOH 54  154 59  HOH HOH B . 
D 2 HOH 55  155 84  HOH HOH B . 
D 2 HOH 56  156 189 HOH HOH B . 
D 2 HOH 57  157 29  HOH HOH B . 
D 2 HOH 58  158 34  HOH HOH B . 
D 2 HOH 59  159 11  HOH HOH B . 
D 2 HOH 60  160 54  HOH HOH B . 
D 2 HOH 61  161 4   HOH HOH B . 
D 2 HOH 62  162 5   HOH HOH B . 
D 2 HOH 63  163 176 HOH HOH B . 
D 2 HOH 64  164 77  HOH HOH B . 
D 2 HOH 65  165 146 HOH HOH B . 
D 2 HOH 66  166 24  HOH HOH B . 
D 2 HOH 67  167 33  HOH HOH B . 
D 2 HOH 68  168 179 HOH HOH B . 
D 2 HOH 69  169 111 HOH HOH B . 
D 2 HOH 70  170 96  HOH HOH B . 
D 2 HOH 71  171 172 HOH HOH B . 
D 2 HOH 72  172 135 HOH HOH B . 
D 2 HOH 73  173 8   HOH HOH B . 
D 2 HOH 74  174 173 HOH HOH B . 
D 2 HOH 75  175 76  HOH HOH B . 
D 2 HOH 76  176 104 HOH HOH B . 
D 2 HOH 77  177 150 HOH HOH B . 
D 2 HOH 78  178 109 HOH HOH B . 
D 2 HOH 79  179 108 HOH HOH B . 
D 2 HOH 80  180 152 HOH HOH B . 
D 2 HOH 81  181 138 HOH HOH B . 
D 2 HOH 82  182 184 HOH HOH B . 
D 2 HOH 83  183 91  HOH HOH B . 
D 2 HOH 84  184 200 HOH HOH B . 
D 2 HOH 85  185 95  HOH HOH B . 
D 2 HOH 86  186 168 HOH HOH B . 
D 2 HOH 87  187 160 HOH HOH B . 
D 2 HOH 88  188 153 HOH HOH B . 
D 2 HOH 89  189 126 HOH HOH B . 
D 2 HOH 90  190 139 HOH HOH B . 
D 2 HOH 91  191 187 HOH HOH B . 
D 2 HOH 92  192 178 HOH HOH B . 
D 2 HOH 93  193 142 HOH HOH B . 
D 2 HOH 94  194 182 HOH HOH B . 
D 2 HOH 95  195 151 HOH HOH B . 
D 2 HOH 96  196 118 HOH HOH B . 
D 2 HOH 97  197 166 HOH HOH B . 
D 2 HOH 98  198 183 HOH HOH B . 
# 
_pdbx_struct_assembly.id                   1 
_pdbx_struct_assembly.details              author_and_software_defined_assembly 
_pdbx_struct_assembly.method_details       PISA 
_pdbx_struct_assembly.oligomeric_details   dimeric 
_pdbx_struct_assembly.oligomeric_count     2 
# 
_pdbx_struct_assembly_gen.assembly_id       1 
_pdbx_struct_assembly_gen.oper_expression   1 
_pdbx_struct_assembly_gen.asym_id_list      A,B,C,D 
# 
loop_
_pdbx_struct_assembly_prop.biol_id 
_pdbx_struct_assembly_prop.type 
_pdbx_struct_assembly_prop.value 
_pdbx_struct_assembly_prop.details 
1 'ABSA (A^2)' 1950 ? 
1 MORE         -15  ? 
1 'SSA (A^2)'  9140 ? 
# 
_pdbx_struct_oper_list.id                   1 
_pdbx_struct_oper_list.type                 'identity operation' 
_pdbx_struct_oper_list.name                 1_555 
_pdbx_struct_oper_list.symmetry_operation   x,y,z 
_pdbx_struct_oper_list.matrix[1][1]         1.0000000000 
_pdbx_struct_oper_list.matrix[1][2]         0.0000000000 
_pdbx_struct_oper_list.matrix[1][3]         0.0000000000 
_pdbx_struct_oper_list.vector[1]            0.0000000000 
_pdbx_struct_oper_list.matrix[2][1]         0.0000000000 
_pdbx_struct_oper_list.matrix[2][2]         1.0000000000 
_pdbx_struct_oper_list.matrix[2][3]         0.0000000000 
_pdbx_struct_oper_list.vector[2]            0.0000000000 
_pdbx_struct_oper_list.matrix[3][1]         0.0000000000 
_pdbx_struct_oper_list.matrix[3][2]         0.0000000000 
_pdbx_struct_oper_list.matrix[3][3]         1.0000000000 
_pdbx_struct_oper_list.vector[3]            0.0000000000 
# 
loop_
_pdbx_audit_revision_history.ordinal 
_pdbx_audit_revision_history.data_content_type 
_pdbx_audit_revision_history.major_revision 
_pdbx_audit_revision_history.minor_revision 
_pdbx_audit_revision_history.revision_date 
1 'Structure model' 1 0 2022-02-09 
2 'Structure model' 1 1 2022-02-23 
3 'Structure model' 1 2 2022-05-04 
4 'Structure model' 1 3 2023-11-29 
# 
_pdbx_audit_revision_details.ordinal             1 
_pdbx_audit_revision_details.revision_ordinal    1 
_pdbx_audit_revision_details.data_content_type   'Structure model' 
_pdbx_audit_revision_details.provider            repository 
_pdbx_audit_revision_details.type                'Initial release' 
_pdbx_audit_revision_details.description         ? 
_pdbx_audit_revision_details.details             ? 
# 
loop_
_pdbx_audit_revision_group.ordinal 
_pdbx_audit_revision_group.revision_ordinal 
_pdbx_audit_revision_group.data_content_type 
_pdbx_audit_revision_group.group 
1 2 'Structure model' 'Database references'    
2 3 'Structure model' 'Database references'    
3 4 'Structure model' 'Data collection'        
4 4 'Structure model' 'Refinement description' 
# 
loop_
_pdbx_audit_revision_category.ordinal 
_pdbx_audit_revision_category.revision_ordinal 
_pdbx_audit_revision_category.data_content_type 
_pdbx_audit_revision_category.category 
1 2 'Structure model' citation                      
2 3 'Structure model' citation                      
3 3 'Structure model' citation_author               
4 4 'Structure model' chem_comp_atom                
5 4 'Structure model' chem_comp_bond                
6 4 'Structure model' pdbx_initial_refinement_model 
# 
loop_
_pdbx_audit_revision_item.ordinal 
_pdbx_audit_revision_item.revision_ordinal 
_pdbx_audit_revision_item.data_content_type 
_pdbx_audit_revision_item.item 
1 2 'Structure model' '_citation.title'                   
2 3 'Structure model' '_citation.journal_volume'          
3 3 'Structure model' '_citation.page_first'              
4 3 'Structure model' '_citation.page_last'               
5 3 'Structure model' '_citation_author.identifier_ORCID' 
# 
loop_
_space_group_symop.id 
_space_group_symop.operation_xyz 
1 x,y,z         
2 -y,x-y,z+1/3  
3 -x+y,-x,z+2/3 
# 
loop_
_software.citation_id 
_software.classification 
_software.compiler_name 
_software.compiler_version 
_software.contact_author 
_software.contact_author_email 
_software.date 
_software.description 
_software.dependencies 
_software.hardware 
_software.language 
_software.location 
_software.mods 
_software.name 
_software.os 
_software.os_version 
_software.type 
_software.version 
_software.pdbx_ordinal 
? refinement       ? ? ? ? ? ? ? ? ? ? ? REFMAC   ? ? ? v1.0 1 
? 'data reduction' ? ? ? ? ? ? ? ? ? ? ? HKL-3000 ? ? ? .    2 
? 'data scaling'   ? ? ? ? ? ? ? ? ? ? ? HKL-3000 ? ? ? .    3 
? phasing          ? ? ? ? ? ? ? ? ? ? ? PHASER   ? ? ? .    4 
# 
loop_
_pdbx_validate_close_contact.id 
_pdbx_validate_close_contact.PDB_model_num 
_pdbx_validate_close_contact.auth_atom_id_1 
_pdbx_validate_close_contact.auth_asym_id_1 
_pdbx_validate_close_contact.auth_comp_id_1 
_pdbx_validate_close_contact.auth_seq_id_1 
_pdbx_validate_close_contact.PDB_ins_code_1 
_pdbx_validate_close_contact.label_alt_id_1 
_pdbx_validate_close_contact.auth_atom_id_2 
_pdbx_validate_close_contact.auth_asym_id_2 
_pdbx_validate_close_contact.auth_comp_id_2 
_pdbx_validate_close_contact.auth_seq_id_2 
_pdbx_validate_close_contact.PDB_ins_code_2 
_pdbx_validate_close_contact.label_alt_id_2 
_pdbx_validate_close_contact.dist 
1 1 O  A HOH 101 ? ? O A HOH 164 ? ? 2.09 
2 1 NZ B LYS 63  ? ? O B HOH 101 ? ? 2.19 
# 
loop_
_pdbx_validate_torsion.id 
_pdbx_validate_torsion.PDB_model_num 
_pdbx_validate_torsion.auth_comp_id 
_pdbx_validate_torsion.auth_asym_id 
_pdbx_validate_torsion.auth_seq_id 
_pdbx_validate_torsion.PDB_ins_code 
_pdbx_validate_torsion.label_alt_id 
_pdbx_validate_torsion.phi 
_pdbx_validate_torsion.psi 
1 1 ALA A 40 ? ? -98.92  -86.94  
2 1 SER A 77 ? ? -149.31 -156.64 
3 1 ALA B 40 ? ? -98.87  -86.70  
4 1 SER B 77 ? ? -149.00 -156.22 
# 
loop_
_chem_comp_atom.comp_id 
_chem_comp_atom.atom_id 
_chem_comp_atom.type_symbol 
_chem_comp_atom.pdbx_aromatic_flag 
_chem_comp_atom.pdbx_stereo_config 
_chem_comp_atom.pdbx_ordinal 
ALA N    N N N 1   
ALA CA   C N S 2   
ALA C    C N N 3   
ALA O    O N N 4   
ALA CB   C N N 5   
ALA OXT  O N N 6   
ALA H    H N N 7   
ALA H2   H N N 8   
ALA HA   H N N 9   
ALA HB1  H N N 10  
ALA HB2  H N N 11  
ALA HB3  H N N 12  
ALA HXT  H N N 13  
ARG N    N N N 14  
ARG CA   C N S 15  
ARG C    C N N 16  
ARG O    O N N 17  
ARG CB   C N N 18  
ARG CG   C N N 19  
ARG CD   C N N 20  
ARG NE   N N N 21  
ARG CZ   C N N 22  
ARG NH1  N N N 23  
ARG NH2  N N N 24  
ARG OXT  O N N 25  
ARG H    H N N 26  
ARG H2   H N N 27  
ARG HA   H N N 28  
ARG HB2  H N N 29  
ARG HB3  H N N 30  
ARG HG2  H N N 31  
ARG HG3  H N N 32  
ARG HD2  H N N 33  
ARG HD3  H N N 34  
ARG HE   H N N 35  
ARG HH11 H N N 36  
ARG HH12 H N N 37  
ARG HH21 H N N 38  
ARG HH22 H N N 39  
ARG HXT  H N N 40  
ASN N    N N N 41  
ASN CA   C N S 42  
ASN C    C N N 43  
ASN O    O N N 44  
ASN CB   C N N 45  
ASN CG   C N N 46  
ASN OD1  O N N 47  
ASN ND2  N N N 48  
ASN OXT  O N N 49  
ASN H    H N N 50  
ASN H2   H N N 51  
ASN HA   H N N 52  
ASN HB2  H N N 53  
ASN HB3  H N N 54  
ASN HD21 H N N 55  
ASN HD22 H N N 56  
ASN HXT  H N N 57  
CYS N    N N N 58  
CYS CA   C N R 59  
CYS C    C N N 60  
CYS O    O N N 61  
CYS CB   C N N 62  
CYS SG   S N N 63  
CYS OXT  O N N 64  
CYS H    H N N 65  
CYS H2   H N N 66  
CYS HA   H N N 67  
CYS HB2  H N N 68  
CYS HB3  H N N 69  
CYS HG   H N N 70  
CYS HXT  H N N 71  
GLN N    N N N 72  
GLN CA   C N S 73  
GLN C    C N N 74  
GLN O    O N N 75  
GLN CB   C N N 76  
GLN CG   C N N 77  
GLN CD   C N N 78  
GLN OE1  O N N 79  
GLN NE2  N N N 80  
GLN OXT  O N N 81  
GLN H    H N N 82  
GLN H2   H N N 83  
GLN HA   H N N 84  
GLN HB2  H N N 85  
GLN HB3  H N N 86  
GLN HG2  H N N 87  
GLN HG3  H N N 88  
GLN HE21 H N N 89  
GLN HE22 H N N 90  
GLN HXT  H N N 91  
GLU N    N N N 92  
GLU CA   C N S 93  
GLU C    C N N 94  
GLU O    O N N 95  
GLU CB   C N N 96  
GLU CG   C N N 97  
GLU CD   C N N 98  
GLU OE1  O N N 99  
GLU OE2  O N N 100 
GLU OXT  O N N 101 
GLU H    H N N 102 
GLU H2   H N N 103 
GLU HA   H N N 104 
GLU HB2  H N N 105 
GLU HB3  H N N 106 
GLU HG2  H N N 107 
GLU HG3  H N N 108 
GLU HE2  H N N 109 
GLU HXT  H N N 110 
GLY N    N N N 111 
GLY CA   C N N 112 
GLY C    C N N 113 
GLY O    O N N 114 
GLY OXT  O N N 115 
GLY H    H N N 116 
GLY H2   H N N 117 
GLY HA2  H N N 118 
GLY HA3  H N N 119 
GLY HXT  H N N 120 
HIS N    N N N 121 
HIS CA   C N S 122 
HIS C    C N N 123 
HIS O    O N N 124 
HIS CB   C N N 125 
HIS CG   C Y N 126 
HIS ND1  N Y N 127 
HIS CD2  C Y N 128 
HIS CE1  C Y N 129 
HIS NE2  N Y N 130 
HIS OXT  O N N 131 
HIS H    H N N 132 
HIS H2   H N N 133 
HIS HA   H N N 134 
HIS HB2  H N N 135 
HIS HB3  H N N 136 
HIS HD1  H N N 137 
HIS HD2  H N N 138 
HIS HE1  H N N 139 
HIS HE2  H N N 140 
HIS HXT  H N N 141 
HOH O    O N N 142 
HOH H1   H N N 143 
HOH H2   H N N 144 
ILE N    N N N 145 
ILE CA   C N S 146 
ILE C    C N N 147 
ILE O    O N N 148 
ILE CB   C N S 149 
ILE CG1  C N N 150 
ILE CG2  C N N 151 
ILE CD1  C N N 152 
ILE OXT  O N N 153 
ILE H    H N N 154 
ILE H2   H N N 155 
ILE HA   H N N 156 
ILE HB   H N N 157 
ILE HG12 H N N 158 
ILE HG13 H N N 159 
ILE HG21 H N N 160 
ILE HG22 H N N 161 
ILE HG23 H N N 162 
ILE HD11 H N N 163 
ILE HD12 H N N 164 
ILE HD13 H N N 165 
ILE HXT  H N N 166 
LEU N    N N N 167 
LEU CA   C N S 168 
LEU C    C N N 169 
LEU O    O N N 170 
LEU CB   C N N 171 
LEU CG   C N N 172 
LEU CD1  C N N 173 
LEU CD2  C N N 174 
LEU OXT  O N N 175 
LEU H    H N N 176 
LEU H2   H N N 177 
LEU HA   H N N 178 
LEU HB2  H N N 179 
LEU HB3  H N N 180 
LEU HG   H N N 181 
LEU HD11 H N N 182 
LEU HD12 H N N 183 
LEU HD13 H N N 184 
LEU HD21 H N N 185 
LEU HD22 H N N 186 
LEU HD23 H N N 187 
LEU HXT  H N N 188 
LYS N    N N N 189 
LYS CA   C N S 190 
LYS C    C N N 191 
LYS O    O N N 192 
LYS CB   C N N 193 
LYS CG   C N N 194 
LYS CD   C N N 195 
LYS CE   C N N 196 
LYS NZ   N N N 197 
LYS OXT  O N N 198 
LYS H    H N N 199 
LYS H2   H N N 200 
LYS HA   H N N 201 
LYS HB2  H N N 202 
LYS HB3  H N N 203 
LYS HG2  H N N 204 
LYS HG3  H N N 205 
LYS HD2  H N N 206 
LYS HD3  H N N 207 
LYS HE2  H N N 208 
LYS HE3  H N N 209 
LYS HZ1  H N N 210 
LYS HZ2  H N N 211 
LYS HZ3  H N N 212 
LYS HXT  H N N 213 
MET N    N N N 214 
MET CA   C N S 215 
MET C    C N N 216 
MET O    O N N 217 
MET CB   C N N 218 
MET CG   C N N 219 
MET SD   S N N 220 
MET CE   C N N 221 
MET OXT  O N N 222 
MET H    H N N 223 
MET H2   H N N 224 
MET HA   H N N 225 
MET HB2  H N N 226 
MET HB3  H N N 227 
MET HG2  H N N 228 
MET HG3  H N N 229 
MET HE1  H N N 230 
MET HE2  H N N 231 
MET HE3  H N N 232 
MET HXT  H N N 233 
PHE N    N N N 234 
PHE CA   C N S 235 
PHE C    C N N 236 
PHE O    O N N 237 
PHE CB   C N N 238 
PHE CG   C Y N 239 
PHE CD1  C Y N 240 
PHE CD2  C Y N 241 
PHE CE1  C Y N 242 
PHE CE2  C Y N 243 
PHE CZ   C Y N 244 
PHE OXT  O N N 245 
PHE H    H N N 246 
PHE H2   H N N 247 
PHE HA   H N N 248 
PHE HB2  H N N 249 
PHE HB3  H N N 250 
PHE HD1  H N N 251 
PHE HD2  H N N 252 
PHE HE1  H N N 253 
PHE HE2  H N N 254 
PHE HZ   H N N 255 
PHE HXT  H N N 256 
PRO N    N N N 257 
PRO CA   C N S 258 
PRO C    C N N 259 
PRO O    O N N 260 
PRO CB   C N N 261 
PRO CG   C N N 262 
PRO CD   C N N 263 
PRO OXT  O N N 264 
PRO H    H N N 265 
PRO HA   H N N 266 
PRO HB2  H N N 267 
PRO HB3  H N N 268 
PRO HG2  H N N 269 
PRO HG3  H N N 270 
PRO HD2  H N N 271 
PRO HD3  H N N 272 
PRO HXT  H N N 273 
SER N    N N N 274 
SER CA   C N S 275 
SER C    C N N 276 
SER O    O N N 277 
SER CB   C N N 278 
SER OG   O N N 279 
SER OXT  O N N 280 
SER H    H N N 281 
SER H2   H N N 282 
SER HA   H N N 283 
SER HB2  H N N 284 
SER HB3  H N N 285 
SER HG   H N N 286 
SER HXT  H N N 287 
THR N    N N N 288 
THR CA   C N S 289 
THR C    C N N 290 
THR O    O N N 291 
THR CB   C N R 292 
THR OG1  O N N 293 
THR CG2  C N N 294 
THR OXT  O N N 295 
THR H    H N N 296 
THR H2   H N N 297 
THR HA   H N N 298 
THR HB   H N N 299 
THR HG1  H N N 300 
THR HG21 H N N 301 
THR HG22 H N N 302 
THR HG23 H N N 303 
THR HXT  H N N 304 
TRP N    N N N 305 
TRP CA   C N S 306 
TRP C    C N N 307 
TRP O    O N N 308 
TRP CB   C N N 309 
TRP CG   C Y N 310 
TRP CD1  C Y N 311 
TRP CD2  C Y N 312 
TRP NE1  N Y N 313 
TRP CE2  C Y N 314 
TRP CE3  C Y N 315 
TRP CZ2  C Y N 316 
TRP CZ3  C Y N 317 
TRP CH2  C Y N 318 
TRP OXT  O N N 319 
TRP H    H N N 320 
TRP H2   H N N 321 
TRP HA   H N N 322 
TRP HB2  H N N 323 
TRP HB3  H N N 324 
TRP HD1  H N N 325 
TRP HE1  H N N 326 
TRP HE3  H N N 327 
TRP HZ2  H N N 328 
TRP HZ3  H N N 329 
TRP HH2  H N N 330 
TRP HXT  H N N 331 
TYR N    N N N 332 
TYR CA   C N S 333 
TYR C    C N N 334 
TYR O    O N N 335 
TYR CB   C N N 336 
TYR CG   C Y N 337 
TYR CD1  C Y N 338 
TYR CD2  C Y N 339 
TYR CE1  C Y N 340 
TYR CE2  C Y N 341 
TYR CZ   C Y N 342 
TYR OH   O N N 343 
TYR OXT  O N N 344 
TYR H    H N N 345 
TYR H2   H N N 346 
TYR HA   H N N 347 
TYR HB2  H N N 348 
TYR HB3  H N N 349 
TYR HD1  H N N 350 
TYR HD2  H N N 351 
TYR HE1  H N N 352 
TYR HE2  H N N 353 
TYR HH   H N N 354 
TYR HXT  H N N 355 
VAL N    N N N 356 
VAL CA   C N S 357 
VAL C    C N N 358 
VAL O    O N N 359 
VAL CB   C N N 360 
VAL CG1  C N N 361 
VAL CG2  C N N 362 
VAL OXT  O N N 363 
VAL H    H N N 364 
VAL H2   H N N 365 
VAL HA   H N N 366 
VAL HB   H N N 367 
VAL HG11 H N N 368 
VAL HG12 H N N 369 
VAL HG13 H N N 370 
VAL HG21 H N N 371 
VAL HG22 H N N 372 
VAL HG23 H N N 373 
VAL HXT  H N N 374 
# 
loop_
_chem_comp_bond.comp_id 
_chem_comp_bond.atom_id_1 
_chem_comp_bond.atom_id_2 
_chem_comp_bond.value_order 
_chem_comp_bond.pdbx_aromatic_flag 
_chem_comp_bond.pdbx_stereo_config 
_chem_comp_bond.pdbx_ordinal 
ALA N   CA   sing N N 1   
ALA N   H    sing N N 2   
ALA N   H2   sing N N 3   
ALA CA  C    sing N N 4   
ALA CA  CB   sing N N 5   
ALA CA  HA   sing N N 6   
ALA C   O    doub N N 7   
ALA C   OXT  sing N N 8   
ALA CB  HB1  sing N N 9   
ALA CB  HB2  sing N N 10  
ALA CB  HB3  sing N N 11  
ALA OXT HXT  sing N N 12  
ARG N   CA   sing N N 13  
ARG N   H    sing N N 14  
ARG N   H2   sing N N 15  
ARG CA  C    sing N N 16  
ARG CA  CB   sing N N 17  
ARG CA  HA   sing N N 18  
ARG C   O    doub N N 19  
ARG C   OXT  sing N N 20  
ARG CB  CG   sing N N 21  
ARG CB  HB2  sing N N 22  
ARG CB  HB3  sing N N 23  
ARG CG  CD   sing N N 24  
ARG CG  HG2  sing N N 25  
ARG CG  HG3  sing N N 26  
ARG CD  NE   sing N N 27  
ARG CD  HD2  sing N N 28  
ARG CD  HD3  sing N N 29  
ARG NE  CZ   sing N N 30  
ARG NE  HE   sing N N 31  
ARG CZ  NH1  sing N N 32  
ARG CZ  NH2  doub N N 33  
ARG NH1 HH11 sing N N 34  
ARG NH1 HH12 sing N N 35  
ARG NH2 HH21 sing N N 36  
ARG NH2 HH22 sing N N 37  
ARG OXT HXT  sing N N 38  
ASN N   CA   sing N N 39  
ASN N   H    sing N N 40  
ASN N   H2   sing N N 41  
ASN CA  C    sing N N 42  
ASN CA  CB   sing N N 43  
ASN CA  HA   sing N N 44  
ASN C   O    doub N N 45  
ASN C   OXT  sing N N 46  
ASN CB  CG   sing N N 47  
ASN CB  HB2  sing N N 48  
ASN CB  HB3  sing N N 49  
ASN CG  OD1  doub N N 50  
ASN CG  ND2  sing N N 51  
ASN ND2 HD21 sing N N 52  
ASN ND2 HD22 sing N N 53  
ASN OXT HXT  sing N N 54  
CYS N   CA   sing N N 55  
CYS N   H    sing N N 56  
CYS N   H2   sing N N 57  
CYS CA  C    sing N N 58  
CYS CA  CB   sing N N 59  
CYS CA  HA   sing N N 60  
CYS C   O    doub N N 61  
CYS C   OXT  sing N N 62  
CYS CB  SG   sing N N 63  
CYS CB  HB2  sing N N 64  
CYS CB  HB3  sing N N 65  
CYS SG  HG   sing N N 66  
CYS OXT HXT  sing N N 67  
GLN N   CA   sing N N 68  
GLN N   H    sing N N 69  
GLN N   H2   sing N N 70  
GLN CA  C    sing N N 71  
GLN CA  CB   sing N N 72  
GLN CA  HA   sing N N 73  
GLN C   O    doub N N 74  
GLN C   OXT  sing N N 75  
GLN CB  CG   sing N N 76  
GLN CB  HB2  sing N N 77  
GLN CB  HB3  sing N N 78  
GLN CG  CD   sing N N 79  
GLN CG  HG2  sing N N 80  
GLN CG  HG3  sing N N 81  
GLN CD  OE1  doub N N 82  
GLN CD  NE2  sing N N 83  
GLN NE2 HE21 sing N N 84  
GLN NE2 HE22 sing N N 85  
GLN OXT HXT  sing N N 86  
GLU N   CA   sing N N 87  
GLU N   H    sing N N 88  
GLU N   H2   sing N N 89  
GLU CA  C    sing N N 90  
GLU CA  CB   sing N N 91  
GLU CA  HA   sing N N 92  
GLU C   O    doub N N 93  
GLU C   OXT  sing N N 94  
GLU CB  CG   sing N N 95  
GLU CB  HB2  sing N N 96  
GLU CB  HB3  sing N N 97  
GLU CG  CD   sing N N 98  
GLU CG  HG2  sing N N 99  
GLU CG  HG3  sing N N 100 
GLU CD  OE1  doub N N 101 
GLU CD  OE2  sing N N 102 
GLU OE2 HE2  sing N N 103 
GLU OXT HXT  sing N N 104 
GLY N   CA   sing N N 105 
GLY N   H    sing N N 106 
GLY N   H2   sing N N 107 
GLY CA  C    sing N N 108 
GLY CA  HA2  sing N N 109 
GLY CA  HA3  sing N N 110 
GLY C   O    doub N N 111 
GLY C   OXT  sing N N 112 
GLY OXT HXT  sing N N 113 
HIS N   CA   sing N N 114 
HIS N   H    sing N N 115 
HIS N   H2   sing N N 116 
HIS CA  C    sing N N 117 
HIS CA  CB   sing N N 118 
HIS CA  HA   sing N N 119 
HIS C   O    doub N N 120 
HIS C   OXT  sing N N 121 
HIS CB  CG   sing N N 122 
HIS CB  HB2  sing N N 123 
HIS CB  HB3  sing N N 124 
HIS CG  ND1  sing Y N 125 
HIS CG  CD2  doub Y N 126 
HIS ND1 CE1  doub Y N 127 
HIS ND1 HD1  sing N N 128 
HIS CD2 NE2  sing Y N 129 
HIS CD2 HD2  sing N N 130 
HIS CE1 NE2  sing Y N 131 
HIS CE1 HE1  sing N N 132 
HIS NE2 HE2  sing N N 133 
HIS OXT HXT  sing N N 134 
HOH O   H1   sing N N 135 
HOH O   H2   sing N N 136 
ILE N   CA   sing N N 137 
ILE N   H    sing N N 138 
ILE N   H2   sing N N 139 
ILE CA  C    sing N N 140 
ILE CA  CB   sing N N 141 
ILE CA  HA   sing N N 142 
ILE C   O    doub N N 143 
ILE C   OXT  sing N N 144 
ILE CB  CG1  sing N N 145 
ILE CB  CG2  sing N N 146 
ILE CB  HB   sing N N 147 
ILE CG1 CD1  sing N N 148 
ILE CG1 HG12 sing N N 149 
ILE CG1 HG13 sing N N 150 
ILE CG2 HG21 sing N N 151 
ILE CG2 HG22 sing N N 152 
ILE CG2 HG23 sing N N 153 
ILE CD1 HD11 sing N N 154 
ILE CD1 HD12 sing N N 155 
ILE CD1 HD13 sing N N 156 
ILE OXT HXT  sing N N 157 
LEU N   CA   sing N N 158 
LEU N   H    sing N N 159 
LEU N   H2   sing N N 160 
LEU CA  C    sing N N 161 
LEU CA  CB   sing N N 162 
LEU CA  HA   sing N N 163 
LEU C   O    doub N N 164 
LEU C   OXT  sing N N 165 
LEU CB  CG   sing N N 166 
LEU CB  HB2  sing N N 167 
LEU CB  HB3  sing N N 168 
LEU CG  CD1  sing N N 169 
LEU CG  CD2  sing N N 170 
LEU CG  HG   sing N N 171 
LEU CD1 HD11 sing N N 172 
LEU CD1 HD12 sing N N 173 
LEU CD1 HD13 sing N N 174 
LEU CD2 HD21 sing N N 175 
LEU CD2 HD22 sing N N 176 
LEU CD2 HD23 sing N N 177 
LEU OXT HXT  sing N N 178 
LYS N   CA   sing N N 179 
LYS N   H    sing N N 180 
LYS N   H2   sing N N 181 
LYS CA  C    sing N N 182 
LYS CA  CB   sing N N 183 
LYS CA  HA   sing N N 184 
LYS C   O    doub N N 185 
LYS C   OXT  sing N N 186 
LYS CB  CG   sing N N 187 
LYS CB  HB2  sing N N 188 
LYS CB  HB3  sing N N 189 
LYS CG  CD   sing N N 190 
LYS CG  HG2  sing N N 191 
LYS CG  HG3  sing N N 192 
LYS CD  CE   sing N N 193 
LYS CD  HD2  sing N N 194 
LYS CD  HD3  sing N N 195 
LYS CE  NZ   sing N N 196 
LYS CE  HE2  sing N N 197 
LYS CE  HE3  sing N N 198 
LYS NZ  HZ1  sing N N 199 
LYS NZ  HZ2  sing N N 200 
LYS NZ  HZ3  sing N N 201 
LYS OXT HXT  sing N N 202 
MET N   CA   sing N N 203 
MET N   H    sing N N 204 
MET N   H2   sing N N 205 
MET CA  C    sing N N 206 
MET CA  CB   sing N N 207 
MET CA  HA   sing N N 208 
MET C   O    doub N N 209 
MET C   OXT  sing N N 210 
MET CB  CG   sing N N 211 
MET CB  HB2  sing N N 212 
MET CB  HB3  sing N N 213 
MET CG  SD   sing N N 214 
MET CG  HG2  sing N N 215 
MET CG  HG3  sing N N 216 
MET SD  CE   sing N N 217 
MET CE  HE1  sing N N 218 
MET CE  HE2  sing N N 219 
MET CE  HE3  sing N N 220 
MET OXT HXT  sing N N 221 
PHE N   CA   sing N N 222 
PHE N   H    sing N N 223 
PHE N   H2   sing N N 224 
PHE CA  C    sing N N 225 
PHE CA  CB   sing N N 226 
PHE CA  HA   sing N N 227 
PHE C   O    doub N N 228 
PHE C   OXT  sing N N 229 
PHE CB  CG   sing N N 230 
PHE CB  HB2  sing N N 231 
PHE CB  HB3  sing N N 232 
PHE CG  CD1  doub Y N 233 
PHE CG  CD2  sing Y N 234 
PHE CD1 CE1  sing Y N 235 
PHE CD1 HD1  sing N N 236 
PHE CD2 CE2  doub Y N 237 
PHE CD2 HD2  sing N N 238 
PHE CE1 CZ   doub Y N 239 
PHE CE1 HE1  sing N N 240 
PHE CE2 CZ   sing Y N 241 
PHE CE2 HE2  sing N N 242 
PHE CZ  HZ   sing N N 243 
PHE OXT HXT  sing N N 244 
PRO N   CA   sing N N 245 
PRO N   CD   sing N N 246 
PRO N   H    sing N N 247 
PRO CA  C    sing N N 248 
PRO CA  CB   sing N N 249 
PRO CA  HA   sing N N 250 
PRO C   O    doub N N 251 
PRO C   OXT  sing N N 252 
PRO CB  CG   sing N N 253 
PRO CB  HB2  sing N N 254 
PRO CB  HB3  sing N N 255 
PRO CG  CD   sing N N 256 
PRO CG  HG2  sing N N 257 
PRO CG  HG3  sing N N 258 
PRO CD  HD2  sing N N 259 
PRO CD  HD3  sing N N 260 
PRO OXT HXT  sing N N 261 
SER N   CA   sing N N 262 
SER N   H    sing N N 263 
SER N   H2   sing N N 264 
SER CA  C    sing N N 265 
SER CA  CB   sing N N 266 
SER CA  HA   sing N N 267 
SER C   O    doub N N 268 
SER C   OXT  sing N N 269 
SER CB  OG   sing N N 270 
SER CB  HB2  sing N N 271 
SER CB  HB3  sing N N 272 
SER OG  HG   sing N N 273 
SER OXT HXT  sing N N 274 
THR N   CA   sing N N 275 
THR N   H    sing N N 276 
THR N   H2   sing N N 277 
THR CA  C    sing N N 278 
THR CA  CB   sing N N 279 
THR CA  HA   sing N N 280 
THR C   O    doub N N 281 
THR C   OXT  sing N N 282 
THR CB  OG1  sing N N 283 
THR CB  CG2  sing N N 284 
THR CB  HB   sing N N 285 
THR OG1 HG1  sing N N 286 
THR CG2 HG21 sing N N 287 
THR CG2 HG22 sing N N 288 
THR CG2 HG23 sing N N 289 
THR OXT HXT  sing N N 290 
TRP N   CA   sing N N 291 
TRP N   H    sing N N 292 
TRP N   H2   sing N N 293 
TRP CA  C    sing N N 294 
TRP CA  CB   sing N N 295 
TRP CA  HA   sing N N 296 
TRP C   O    doub N N 297 
TRP C   OXT  sing N N 298 
TRP CB  CG   sing N N 299 
TRP CB  HB2  sing N N 300 
TRP CB  HB3  sing N N 301 
TRP CG  CD1  doub Y N 302 
TRP CG  CD2  sing Y N 303 
TRP CD1 NE1  sing Y N 304 
TRP CD1 HD1  sing N N 305 
TRP CD2 CE2  doub Y N 306 
TRP CD2 CE3  sing Y N 307 
TRP NE1 CE2  sing Y N 308 
TRP NE1 HE1  sing N N 309 
TRP CE2 CZ2  sing Y N 310 
TRP CE3 CZ3  doub Y N 311 
TRP CE3 HE3  sing N N 312 
TRP CZ2 CH2  doub Y N 313 
TRP CZ2 HZ2  sing N N 314 
TRP CZ3 CH2  sing Y N 315 
TRP CZ3 HZ3  sing N N 316 
TRP CH2 HH2  sing N N 317 
TRP OXT HXT  sing N N 318 
TYR N   CA   sing N N 319 
TYR N   H    sing N N 320 
TYR N   H2   sing N N 321 
TYR CA  C    sing N N 322 
TYR CA  CB   sing N N 323 
TYR CA  HA   sing N N 324 
TYR C   O    doub N N 325 
TYR C   OXT  sing N N 326 
TYR CB  CG   sing N N 327 
TYR CB  HB2  sing N N 328 
TYR CB  HB3  sing N N 329 
TYR CG  CD1  doub Y N 330 
TYR CG  CD2  sing Y N 331 
TYR CD1 CE1  sing Y N 332 
TYR CD1 HD1  sing N N 333 
TYR CD2 CE2  doub Y N 334 
TYR CD2 HD2  sing N N 335 
TYR CE1 CZ   doub Y N 336 
TYR CE1 HE1  sing N N 337 
TYR CE2 CZ   sing Y N 338 
TYR CE2 HE2  sing N N 339 
TYR CZ  OH   sing N N 340 
TYR OH  HH   sing N N 341 
TYR OXT HXT  sing N N 342 
VAL N   CA   sing N N 343 
VAL N   H    sing N N 344 
VAL N   H2   sing N N 345 
VAL CA  C    sing N N 346 
VAL CA  CB   sing N N 347 
VAL CA  HA   sing N N 348 
VAL C   O    doub N N 349 
VAL C   OXT  sing N N 350 
VAL CB  CG1  sing N N 351 
VAL CB  CG2  sing N N 352 
VAL CB  HB   sing N N 353 
VAL CG1 HG11 sing N N 354 
VAL CG1 HG12 sing N N 355 
VAL CG1 HG13 sing N N 356 
VAL CG2 HG21 sing N N 357 
VAL CG2 HG22 sing N N 358 
VAL CG2 HG23 sing N N 359 
VAL OXT HXT  sing N N 360 
# 
_pdbx_entity_nonpoly.entity_id   2 
_pdbx_entity_nonpoly.name        water 
_pdbx_entity_nonpoly.comp_id     HOH 
# 
_pdbx_initial_refinement_model.id               1 
_pdbx_initial_refinement_model.entity_id_list   ? 
_pdbx_initial_refinement_model.type             'experimental model' 
_pdbx_initial_refinement_model.source_name      PDB 
_pdbx_initial_refinement_model.accession_code   7EYJ 
_pdbx_initial_refinement_model.details          ? 
# 
_pdbx_struct_assembly_auth_evidence.id                     1 
_pdbx_struct_assembly_auth_evidence.assembly_id            1 
_pdbx_struct_assembly_auth_evidence.experimental_support   'gel filtration' 
_pdbx_struct_assembly_auth_evidence.details                ? 
# 
_space_group.crystal_system   trigonal 
_space_group.name_H-M_alt     'P 31' 
_space_group.IT_number        144 
_space_group.name_Hall        'P 31' 
_space_group.id               1 
# 
